data_2L4B
#
_entry.id   2L4B
#
_entity_poly.entity_id   1
_entity_poly.type   'polypeptide(L)'
_entity_poly.pdbx_seq_one_letter_code
;PGSMVSEEIKAQVMESVIGCLKLNDEQKQILSGTTNLAKDFNLDSLDFVDLIMSLEERFSLEISDEDAQKLETVDDICRY
IASKSSDA
;
_entity_poly.pdbx_strand_id   A
#
# COMPACT_ATOMS: atom_id res chain seq x y z
N PRO A 1 3.72 7.70 -13.88
CA PRO A 1 2.37 8.15 -13.55
C PRO A 1 2.26 8.66 -12.11
N GLY A 2 3.37 9.20 -11.60
CA GLY A 2 3.38 9.72 -10.24
C GLY A 2 4.79 9.83 -9.68
N SER A 3 5.26 11.05 -9.50
CA SER A 3 6.60 11.29 -8.97
C SER A 3 6.53 12.00 -7.62
N MET A 4 5.55 12.89 -7.47
CA MET A 4 5.38 13.64 -6.23
C MET A 4 5.23 12.69 -5.05
N VAL A 5 4.75 11.49 -5.31
CA VAL A 5 4.56 10.49 -4.27
C VAL A 5 5.89 10.08 -3.65
N SER A 6 5.85 9.70 -2.37
CA SER A 6 7.05 9.29 -1.66
C SER A 6 7.66 8.04 -2.29
N GLU A 7 8.60 8.24 -3.19
CA GLU A 7 9.26 7.12 -3.87
C GLU A 7 9.95 6.20 -2.87
N GLU A 8 10.37 6.77 -1.74
CA GLU A 8 11.04 6.00 -0.70
C GLU A 8 10.09 4.97 -0.10
N ILE A 9 8.92 5.43 0.33
CA ILE A 9 7.92 4.55 0.94
C ILE A 9 7.27 3.67 -0.12
N LYS A 10 7.14 4.20 -1.33
CA LYS A 10 6.53 3.45 -2.43
C LYS A 10 7.18 2.08 -2.58
N ALA A 11 8.50 2.03 -2.43
CA ALA A 11 9.24 0.78 -2.55
C ALA A 11 8.94 -0.14 -1.37
N GLN A 12 8.68 0.45 -0.22
CA GLN A 12 8.38 -0.32 0.99
C GLN A 12 6.97 -0.90 0.93
N VAL A 13 6.01 -0.06 0.55
CA VAL A 13 4.62 -0.49 0.45
C VAL A 13 4.45 -1.55 -0.62
N MET A 14 5.09 -1.34 -1.76
CA MET A 14 5.01 -2.29 -2.88
C MET A 14 5.76 -3.57 -2.55
N GLU A 15 6.88 -3.44 -1.86
CA GLU A 15 7.69 -4.60 -1.48
C GLU A 15 6.96 -5.46 -0.46
N SER A 16 6.22 -4.81 0.43
CA SER A 16 5.48 -5.52 1.46
C SER A 16 4.24 -6.19 0.89
N VAL A 17 3.55 -5.49 0.00
CA VAL A 17 2.35 -6.02 -0.64
C VAL A 17 2.67 -7.25 -1.48
N ILE A 18 3.67 -7.12 -2.35
CA ILE A 18 4.07 -8.22 -3.21
C ILE A 18 4.27 -9.50 -2.41
N GLY A 19 5.09 -9.42 -1.36
CA GLY A 19 5.34 -10.58 -0.53
C GLY A 19 4.18 -10.92 0.36
N CYS A 20 3.33 -9.93 0.64
CA CYS A 20 2.16 -10.12 1.50
C CYS A 20 1.20 -11.13 0.87
N LEU A 21 0.87 -10.90 -0.40
CA LEU A 21 -0.05 -11.79 -1.11
C LEU A 21 0.70 -12.67 -2.10
N LYS A 22 2.02 -12.58 -2.08
CA LYS A 22 2.86 -13.38 -2.97
C LYS A 22 2.39 -13.25 -4.42
N LEU A 23 2.90 -12.25 -5.12
CA LEU A 23 2.53 -12.02 -6.51
C LEU A 23 3.48 -12.74 -7.46
N ASN A 24 2.98 -13.09 -8.64
CA ASN A 24 3.80 -13.78 -9.64
C ASN A 24 4.30 -12.81 -10.70
N ASP A 25 5.11 -13.32 -11.62
CA ASP A 25 5.66 -12.49 -12.70
C ASP A 25 4.55 -11.76 -13.43
N GLU A 26 3.44 -12.45 -13.68
CA GLU A 26 2.31 -11.86 -14.37
C GLU A 26 1.71 -10.72 -13.57
N GLN A 27 1.36 -11.00 -12.31
CA GLN A 27 0.78 -10.00 -11.44
C GLN A 27 1.70 -8.79 -11.30
N LYS A 28 3.00 -9.04 -11.19
CA LYS A 28 3.99 -7.98 -11.06
C LYS A 28 4.14 -7.22 -12.37
N GLN A 29 3.78 -7.86 -13.47
CA GLN A 29 3.87 -7.25 -14.78
C GLN A 29 2.59 -6.49 -15.13
N ILE A 30 1.49 -6.87 -14.47
CA ILE A 30 0.21 -6.22 -14.71
C ILE A 30 -0.22 -5.37 -13.52
N LEU A 31 0.77 -4.96 -12.73
CA LEU A 31 0.51 -4.14 -11.55
C LEU A 31 0.69 -2.66 -11.86
N SER A 32 0.02 -1.80 -11.10
CA SER A 32 0.11 -0.36 -11.30
C SER A 32 -0.27 0.39 -10.02
N GLY A 33 0.18 1.63 -9.93
CA GLY A 33 -0.11 2.43 -8.75
C GLY A 33 -1.58 2.76 -8.63
N THR A 34 -2.26 2.86 -9.76
CA THR A 34 -3.69 3.16 -9.77
C THR A 34 -4.53 1.90 -9.96
N THR A 35 -4.10 0.81 -9.32
CA THR A 35 -4.80 -0.46 -9.42
C THR A 35 -5.13 -1.01 -8.04
N ASN A 36 -6.40 -0.96 -7.68
CA ASN A 36 -6.85 -1.46 -6.37
C ASN A 36 -6.38 -2.90 -6.15
N LEU A 37 -5.36 -3.06 -5.33
CA LEU A 37 -4.83 -4.38 -5.04
C LEU A 37 -5.83 -5.22 -4.23
N ALA A 38 -6.86 -4.55 -3.73
CA ALA A 38 -7.89 -5.23 -2.95
C ALA A 38 -8.96 -5.84 -3.86
N LYS A 39 -9.41 -5.06 -4.84
CA LYS A 39 -10.43 -5.54 -5.78
C LYS A 39 -9.79 -6.30 -6.93
N ASP A 40 -8.79 -5.69 -7.56
CA ASP A 40 -8.10 -6.32 -8.68
C ASP A 40 -7.66 -7.74 -8.31
N PHE A 41 -6.78 -7.84 -7.33
CA PHE A 41 -6.27 -9.13 -6.88
C PHE A 41 -7.27 -9.84 -5.99
N ASN A 42 -8.38 -9.16 -5.70
CA ASN A 42 -9.42 -9.71 -4.86
C ASN A 42 -8.85 -10.25 -3.56
N LEU A 43 -8.00 -9.44 -2.92
CA LEU A 43 -7.38 -9.84 -1.65
C LEU A 43 -8.43 -10.15 -0.60
N ASP A 44 -8.10 -11.06 0.32
CA ASP A 44 -9.02 -11.45 1.38
C ASP A 44 -8.92 -10.48 2.56
N SER A 45 -10.00 -10.38 3.32
CA SER A 45 -10.04 -9.49 4.47
C SER A 45 -8.89 -9.77 5.43
N LEU A 46 -8.40 -11.00 5.40
CA LEU A 46 -7.29 -11.41 6.27
C LEU A 46 -5.98 -10.80 5.78
N ASP A 47 -5.71 -10.92 4.49
CA ASP A 47 -4.49 -10.39 3.89
C ASP A 47 -4.40 -8.88 4.11
N PHE A 48 -5.49 -8.18 3.81
CA PHE A 48 -5.54 -6.73 3.96
C PHE A 48 -5.11 -6.32 5.37
N VAL A 49 -5.62 -7.03 6.37
CA VAL A 49 -5.29 -6.74 7.76
C VAL A 49 -3.78 -6.79 7.99
N ASP A 50 -3.17 -7.88 7.57
CA ASP A 50 -1.73 -8.06 7.73
C ASP A 50 -0.97 -6.96 6.96
N LEU A 51 -1.55 -6.52 5.86
CA LEU A 51 -0.93 -5.49 5.03
C LEU A 51 -0.86 -4.15 5.78
N ILE A 52 -2.02 -3.66 6.19
CA ILE A 52 -2.11 -2.40 6.92
C ILE A 52 -1.29 -2.45 8.21
N MET A 53 -1.33 -3.61 8.87
CA MET A 53 -0.59 -3.79 10.11
C MET A 53 0.92 -3.80 9.86
N SER A 54 1.33 -4.43 8.76
CA SER A 54 2.74 -4.51 8.40
C SER A 54 3.32 -3.11 8.15
N LEU A 55 2.66 -2.36 7.26
CA LEU A 55 3.11 -1.01 6.94
C LEU A 55 2.99 -0.09 8.13
N GLU A 56 1.93 -0.28 8.93
CA GLU A 56 1.70 0.54 10.11
C GLU A 56 2.89 0.44 11.08
N GLU A 57 3.26 -0.80 11.41
CA GLU A 57 4.37 -1.04 12.33
C GLU A 57 5.71 -0.70 11.66
N ARG A 58 5.75 -0.86 10.34
CA ARG A 58 6.97 -0.58 9.59
C ARG A 58 7.38 0.89 9.74
N PHE A 59 6.48 1.79 9.37
CA PHE A 59 6.74 3.23 9.46
C PHE A 59 6.19 3.80 10.77
N SER A 60 5.79 2.90 11.67
CA SER A 60 5.24 3.32 12.96
C SER A 60 4.12 4.34 12.76
N LEU A 61 3.41 4.24 11.64
CA LEU A 61 2.32 5.15 11.34
C LEU A 61 1.08 4.80 12.15
N GLU A 62 0.22 5.79 12.37
CA GLU A 62 -1.01 5.59 13.12
C GLU A 62 -2.22 5.52 12.19
N ILE A 63 -2.60 4.30 11.83
CA ILE A 63 -3.75 4.10 10.94
C ILE A 63 -4.99 3.71 11.73
N SER A 64 -6.14 4.19 11.29
CA SER A 64 -7.41 3.90 11.95
C SER A 64 -8.29 3.03 11.07
N ASP A 65 -9.51 2.77 11.54
CA ASP A 65 -10.47 1.95 10.80
C ASP A 65 -11.05 2.72 9.63
N GLU A 66 -11.39 3.99 9.87
CA GLU A 66 -11.96 4.83 8.83
C GLU A 66 -10.90 5.28 7.83
N ASP A 67 -9.67 5.44 8.32
CA ASP A 67 -8.56 5.87 7.47
C ASP A 67 -8.38 4.90 6.30
N ALA A 68 -8.38 3.60 6.61
CA ALA A 68 -8.21 2.57 5.58
C ALA A 68 -9.44 2.49 4.68
N GLN A 69 -10.58 2.95 5.20
CA GLN A 69 -11.83 2.92 4.44
C GLN A 69 -11.68 3.68 3.13
N LYS A 70 -10.72 4.60 3.08
CA LYS A 70 -10.48 5.38 1.87
C LYS A 70 -9.13 5.02 1.25
N LEU A 71 -8.56 3.91 1.71
CA LEU A 71 -7.27 3.45 1.19
C LEU A 71 -7.38 2.04 0.62
N GLU A 72 -7.53 1.95 -0.69
CA GLU A 72 -7.65 0.67 -1.36
C GLU A 72 -6.61 0.53 -2.47
N THR A 73 -6.37 1.63 -3.17
CA THR A 73 -5.40 1.64 -4.27
C THR A 73 -3.99 1.91 -3.76
N VAL A 74 -2.99 1.51 -4.54
CA VAL A 74 -1.60 1.71 -4.16
C VAL A 74 -1.28 3.19 -3.99
N ASP A 75 -1.59 3.98 -5.01
CA ASP A 75 -1.34 5.42 -4.98
C ASP A 75 -1.97 6.05 -3.73
N ASP A 76 -3.24 5.74 -3.50
CA ASP A 76 -3.95 6.27 -2.35
C ASP A 76 -3.23 5.93 -1.05
N ILE A 77 -2.89 4.64 -0.89
CA ILE A 77 -2.20 4.19 0.31
C ILE A 77 -0.85 4.90 0.48
N CYS A 78 -0.02 4.83 -0.55
CA CYS A 78 1.29 5.46 -0.52
C CYS A 78 1.16 6.95 -0.20
N ARG A 79 0.13 7.58 -0.75
CA ARG A 79 -0.10 9.00 -0.54
C ARG A 79 -0.40 9.28 0.93
N TYR A 80 -1.28 8.48 1.52
CA TYR A 80 -1.65 8.63 2.92
C TYR A 80 -0.43 8.45 3.84
N ILE A 81 0.40 7.48 3.49
CA ILE A 81 1.60 7.19 4.27
C ILE A 81 2.67 8.27 4.06
N ALA A 82 2.75 8.77 2.84
CA ALA A 82 3.71 9.81 2.50
C ALA A 82 3.38 11.13 3.20
N SER A 83 2.12 11.52 3.15
CA SER A 83 1.67 12.74 3.79
C SER A 83 2.06 12.78 5.26
N LYS A 84 2.20 11.61 5.86
CA LYS A 84 2.58 11.49 7.26
C LYS A 84 4.08 11.63 7.43
N SER A 85 4.83 11.20 6.42
CA SER A 85 6.28 11.27 6.46
C SER A 85 6.77 12.66 6.07
N SER A 86 8.09 12.80 5.93
CA SER A 86 8.69 14.07 5.56
C SER A 86 9.20 14.04 4.12
N ASP A 87 9.75 12.90 3.72
CA ASP A 87 10.29 12.73 2.38
C ASP A 87 9.22 13.04 1.33
N ALA A 88 9.59 13.85 0.34
CA ALA A 88 8.68 14.21 -0.72
C ALA A 88 8.54 13.09 -1.76
N PRO A 1 7.30 19.51 -11.43
CA PRO A 1 8.64 18.93 -11.51
C PRO A 1 8.83 17.78 -10.53
N GLY A 2 7.98 17.74 -9.50
CA GLY A 2 8.07 16.69 -8.51
C GLY A 2 6.74 16.00 -8.28
N SER A 3 6.68 15.17 -7.24
CA SER A 3 5.46 14.44 -6.91
C SER A 3 5.24 14.41 -5.41
N MET A 4 3.98 14.24 -5.00
CA MET A 4 3.64 14.19 -3.58
C MET A 4 3.97 12.83 -2.98
N VAL A 5 3.85 11.79 -3.81
CA VAL A 5 4.13 10.43 -3.36
C VAL A 5 5.59 10.28 -2.94
N SER A 6 5.84 9.42 -1.96
CA SER A 6 7.19 9.19 -1.47
C SER A 6 7.80 7.94 -2.10
N GLU A 7 8.68 8.15 -3.07
CA GLU A 7 9.33 7.04 -3.75
C GLU A 7 9.99 6.09 -2.75
N GLU A 8 10.49 6.65 -1.65
CA GLU A 8 11.15 5.86 -0.62
C GLU A 8 10.17 4.85 -0.01
N ILE A 9 9.01 5.32 0.41
CA ILE A 9 8.00 4.47 1.00
C ILE A 9 7.33 3.59 -0.05
N LYS A 10 7.22 4.12 -1.27
CA LYS A 10 6.60 3.38 -2.36
C LYS A 10 7.24 2.01 -2.52
N ALA A 11 8.56 1.96 -2.37
CA ALA A 11 9.29 0.69 -2.49
C ALA A 11 8.98 -0.23 -1.32
N GLN A 12 8.71 0.35 -0.15
CA GLN A 12 8.40 -0.42 1.04
C GLN A 12 6.99 -0.98 0.98
N VAL A 13 6.03 -0.13 0.60
CA VAL A 13 4.65 -0.54 0.50
C VAL A 13 4.46 -1.60 -0.59
N MET A 14 5.11 -1.39 -1.72
CA MET A 14 5.02 -2.33 -2.84
C MET A 14 5.75 -3.62 -2.51
N GLU A 15 6.88 -3.51 -1.82
CA GLU A 15 7.67 -4.68 -1.45
C GLU A 15 6.94 -5.53 -0.42
N SER A 16 6.19 -4.88 0.46
CA SER A 16 5.43 -5.57 1.50
C SER A 16 4.19 -6.24 0.91
N VAL A 17 3.51 -5.53 0.02
CA VAL A 17 2.31 -6.05 -0.62
C VAL A 17 2.62 -7.29 -1.46
N ILE A 18 3.62 -7.15 -2.33
CA ILE A 18 4.02 -8.26 -3.19
C ILE A 18 4.21 -9.54 -2.39
N GLY A 19 5.03 -9.46 -1.35
CA GLY A 19 5.28 -10.62 -0.51
C GLY A 19 4.11 -10.95 0.39
N CYS A 20 3.27 -9.97 0.66
CA CYS A 20 2.11 -10.16 1.52
C CYS A 20 1.14 -11.16 0.89
N LEU A 21 0.81 -10.94 -0.38
CA LEU A 21 -0.12 -11.82 -1.08
C LEU A 21 0.63 -12.70 -2.08
N LYS A 22 1.96 -12.61 -2.06
CA LYS A 22 2.79 -13.40 -2.96
C LYS A 22 2.33 -13.27 -4.40
N LEU A 23 2.87 -12.28 -5.11
CA LEU A 23 2.51 -12.06 -6.50
C LEU A 23 3.48 -12.77 -7.44
N ASN A 24 3.10 -12.86 -8.71
CA ASN A 24 3.94 -13.51 -9.72
C ASN A 24 4.48 -12.49 -10.72
N ASP A 25 5.10 -12.99 -11.79
CA ASP A 25 5.66 -12.13 -12.81
C ASP A 25 4.56 -11.37 -13.55
N GLU A 26 3.46 -12.06 -13.83
CA GLU A 26 2.33 -11.45 -14.53
C GLU A 26 1.66 -10.38 -13.67
N GLN A 27 1.39 -10.72 -12.41
CA GLN A 27 0.76 -9.79 -11.48
C GLN A 27 1.61 -8.53 -11.31
N LYS A 28 2.93 -8.73 -11.26
CA LYS A 28 3.85 -7.60 -11.10
C LYS A 28 3.93 -6.78 -12.38
N GLN A 29 3.59 -7.39 -13.51
CA GLN A 29 3.63 -6.71 -14.79
C GLN A 29 2.30 -6.01 -15.07
N ILE A 30 1.22 -6.54 -14.51
CA ILE A 30 -0.11 -5.98 -14.70
C ILE A 30 -0.53 -5.16 -13.48
N LEU A 31 0.44 -4.72 -12.69
CA LEU A 31 0.17 -3.93 -11.51
C LEU A 31 0.31 -2.44 -11.79
N SER A 32 -0.41 -1.62 -11.03
CA SER A 32 -0.37 -0.18 -11.20
C SER A 32 -0.74 0.54 -9.90
N GLY A 33 -0.34 1.80 -9.80
CA GLY A 33 -0.64 2.58 -8.61
C GLY A 33 -2.12 2.87 -8.47
N THR A 34 -2.82 2.91 -9.60
CA THR A 34 -4.25 3.18 -9.59
C THR A 34 -5.06 1.91 -9.80
N THR A 35 -4.60 0.82 -9.18
CA THR A 35 -5.27 -0.46 -9.31
C THR A 35 -5.60 -1.05 -7.94
N ASN A 36 -6.88 -1.02 -7.58
CA ASN A 36 -7.32 -1.55 -6.30
C ASN A 36 -6.86 -2.99 -6.10
N LEU A 37 -5.81 -3.16 -5.29
CA LEU A 37 -5.26 -4.48 -5.01
C LEU A 37 -6.26 -5.34 -4.24
N ALA A 38 -7.29 -4.70 -3.71
CA ALA A 38 -8.32 -5.41 -2.96
C ALA A 38 -9.31 -6.11 -3.89
N LYS A 39 -9.81 -5.36 -4.87
CA LYS A 39 -10.75 -5.91 -5.84
C LYS A 39 -10.03 -6.62 -6.97
N ASP A 40 -9.03 -5.97 -7.54
CA ASP A 40 -8.26 -6.54 -8.64
C ASP A 40 -7.75 -7.93 -8.27
N PHE A 41 -6.88 -8.00 -7.27
CA PHE A 41 -6.33 -9.28 -6.83
C PHE A 41 -7.32 -10.03 -5.95
N ASN A 42 -8.46 -9.39 -5.68
CA ASN A 42 -9.50 -10.00 -4.84
C ASN A 42 -8.92 -10.43 -3.50
N LEU A 43 -8.02 -9.62 -2.95
CA LEU A 43 -7.40 -9.91 -1.66
C LEU A 43 -8.46 -10.21 -0.61
N ASP A 44 -8.12 -11.09 0.32
CA ASP A 44 -9.04 -11.47 1.39
C ASP A 44 -8.96 -10.48 2.56
N SER A 45 -10.03 -10.41 3.34
CA SER A 45 -10.09 -9.49 4.47
C SER A 45 -8.90 -9.73 5.41
N LEU A 46 -8.38 -10.95 5.40
CA LEU A 46 -7.25 -11.30 6.25
C LEU A 46 -5.97 -10.67 5.73
N ASP A 47 -5.71 -10.82 4.44
CA ASP A 47 -4.51 -10.26 3.82
C ASP A 47 -4.44 -8.75 4.05
N PHE A 48 -5.53 -8.05 3.75
CA PHE A 48 -5.60 -6.61 3.92
C PHE A 48 -5.16 -6.21 5.33
N VAL A 49 -5.69 -6.92 6.33
CA VAL A 49 -5.35 -6.64 7.72
C VAL A 49 -3.86 -6.70 7.95
N ASP A 50 -3.25 -7.83 7.58
CA ASP A 50 -1.82 -8.02 7.75
C ASP A 50 -1.03 -6.96 6.97
N LEU A 51 -1.62 -6.49 5.87
CA LEU A 51 -0.98 -5.48 5.05
C LEU A 51 -0.89 -4.15 5.77
N ILE A 52 -2.04 -3.62 6.17
CA ILE A 52 -2.11 -2.34 6.88
C ILE A 52 -1.31 -2.41 8.19
N MET A 53 -1.35 -3.57 8.84
CA MET A 53 -0.63 -3.76 10.09
C MET A 53 0.87 -3.77 9.86
N SER A 54 1.29 -4.44 8.80
CA SER A 54 2.71 -4.54 8.47
C SER A 54 3.29 -3.15 8.18
N LEU A 55 2.63 -2.40 7.31
CA LEU A 55 3.07 -1.06 6.95
C LEU A 55 2.96 -0.11 8.14
N GLU A 56 1.91 -0.29 8.94
CA GLU A 56 1.70 0.55 10.11
C GLU A 56 2.87 0.45 11.07
N GLU A 57 3.24 -0.78 11.42
CA GLU A 57 4.35 -1.01 12.34
C GLU A 57 5.69 -0.69 11.67
N ARG A 58 5.75 -0.91 10.36
CA ARG A 58 6.96 -0.65 9.60
C ARG A 58 7.39 0.81 9.72
N PHE A 59 6.49 1.71 9.36
CA PHE A 59 6.76 3.14 9.43
C PHE A 59 6.21 3.75 10.72
N SER A 60 5.79 2.88 11.63
CA SER A 60 5.24 3.32 12.91
C SER A 60 4.15 4.35 12.70
N LEU A 61 3.45 4.25 11.57
CA LEU A 61 2.37 5.18 11.25
C LEU A 61 1.12 4.86 12.07
N GLU A 62 0.27 5.87 12.26
CA GLU A 62 -0.95 5.70 13.03
C GLU A 62 -2.17 5.63 12.10
N ILE A 63 -2.56 4.40 11.75
CA ILE A 63 -3.71 4.19 10.87
C ILE A 63 -4.96 3.85 11.67
N SER A 64 -6.08 4.43 11.26
CA SER A 64 -7.36 4.20 11.94
C SER A 64 -8.28 3.34 11.08
N ASP A 65 -9.53 3.20 11.52
CA ASP A 65 -10.51 2.42 10.79
C ASP A 65 -11.06 3.19 9.60
N GLU A 66 -11.24 4.49 9.78
CA GLU A 66 -11.75 5.35 8.71
C GLU A 66 -10.67 5.61 7.66
N ASP A 67 -9.45 5.82 8.12
CA ASP A 67 -8.34 6.09 7.21
C ASP A 67 -8.24 5.00 6.14
N ALA A 68 -8.27 3.74 6.57
CA ALA A 68 -8.19 2.62 5.64
C ALA A 68 -9.46 2.49 4.81
N GLN A 69 -10.56 3.04 5.34
CA GLN A 69 -11.84 2.99 4.65
C GLN A 69 -11.76 3.67 3.30
N LYS A 70 -10.76 4.53 3.13
CA LYS A 70 -10.57 5.24 1.87
C LYS A 70 -9.34 4.72 1.13
N LEU A 71 -8.43 4.08 1.87
CA LEU A 71 -7.22 3.54 1.28
C LEU A 71 -7.49 2.19 0.63
N GLU A 72 -7.79 2.21 -0.66
CA GLU A 72 -8.07 0.99 -1.41
C GLU A 72 -7.05 0.78 -2.53
N THR A 73 -6.55 1.90 -3.06
CA THR A 73 -5.58 1.85 -4.15
C THR A 73 -4.17 2.12 -3.63
N VAL A 74 -3.18 1.55 -4.31
CA VAL A 74 -1.79 1.74 -3.92
C VAL A 74 -1.44 3.22 -3.82
N ASP A 75 -1.76 3.98 -4.85
CA ASP A 75 -1.48 5.41 -4.87
C ASP A 75 -2.05 6.08 -3.62
N ASP A 76 -3.26 5.70 -3.24
CA ASP A 76 -3.91 6.27 -2.07
C ASP A 76 -3.18 5.89 -0.80
N ILE A 77 -2.84 4.61 -0.68
CA ILE A 77 -2.12 4.11 0.49
C ILE A 77 -0.77 4.79 0.64
N CYS A 78 0.05 4.71 -0.40
CA CYS A 78 1.37 5.33 -0.40
C CYS A 78 1.27 6.83 -0.13
N ARG A 79 0.28 7.46 -0.74
CA ARG A 79 0.08 8.90 -0.57
C ARG A 79 -0.25 9.25 0.88
N TYR A 80 -1.06 8.40 1.51
CA TYR A 80 -1.45 8.61 2.90
C TYR A 80 -0.26 8.41 3.83
N ILE A 81 0.57 7.42 3.52
CA ILE A 81 1.74 7.12 4.33
C ILE A 81 2.83 8.17 4.13
N ALA A 82 3.01 8.60 2.89
CA ALA A 82 4.02 9.60 2.56
C ALA A 82 3.67 10.95 3.19
N SER A 83 2.42 11.37 3.02
CA SER A 83 1.95 12.63 3.56
C SER A 83 2.23 12.72 5.05
N LYS A 84 2.29 11.57 5.71
CA LYS A 84 2.56 11.52 7.14
C LYS A 84 4.03 11.72 7.43
N SER A 85 4.88 11.12 6.60
CA SER A 85 6.33 11.24 6.77
C SER A 85 6.76 12.70 6.81
N SER A 86 6.58 13.39 5.69
CA SER A 86 6.95 14.80 5.59
C SER A 86 6.28 15.62 6.70
N ASP A 87 4.95 15.54 6.76
CA ASP A 87 4.19 16.27 7.76
C ASP A 87 3.47 15.30 8.70
N ALA A 88 4.15 14.89 9.76
CA ALA A 88 3.58 13.96 10.73
C ALA A 88 2.84 14.71 11.83
N PRO A 1 9.65 10.27 -13.31
CA PRO A 1 10.43 10.32 -12.08
C PRO A 1 10.01 11.47 -11.18
N GLY A 2 9.63 12.58 -11.79
CA GLY A 2 9.21 13.75 -11.03
C GLY A 2 7.82 13.58 -10.44
N SER A 3 7.72 12.74 -9.42
CA SER A 3 6.44 12.49 -8.77
C SER A 3 6.45 12.99 -7.32
N MET A 4 5.30 13.46 -6.84
CA MET A 4 5.19 13.97 -5.48
C MET A 4 5.11 12.82 -4.48
N VAL A 5 4.64 11.66 -4.94
CA VAL A 5 4.53 10.49 -4.08
C VAL A 5 5.87 10.13 -3.45
N SER A 6 5.83 9.71 -2.19
CA SER A 6 7.04 9.34 -1.48
C SER A 6 7.66 8.09 -2.08
N GLU A 7 8.55 8.28 -3.07
CA GLU A 7 9.21 7.17 -3.72
C GLU A 7 9.86 6.23 -2.69
N GLU A 8 10.28 6.81 -1.57
CA GLU A 8 10.92 6.04 -0.51
C GLU A 8 9.96 5.02 0.08
N ILE A 9 8.79 5.49 0.49
CA ILE A 9 7.78 4.61 1.08
C ILE A 9 7.13 3.74 0.01
N LYS A 10 7.00 4.27 -1.19
CA LYS A 10 6.40 3.53 -2.30
C LYS A 10 7.06 2.17 -2.46
N ALA A 11 8.38 2.12 -2.32
CA ALA A 11 9.12 0.88 -2.45
C ALA A 11 8.83 -0.06 -1.28
N GLN A 12 8.55 0.53 -0.11
CA GLN A 12 8.25 -0.26 1.08
C GLN A 12 6.86 -0.84 1.00
N VAL A 13 5.89 -0.01 0.64
CA VAL A 13 4.50 -0.45 0.53
C VAL A 13 4.34 -1.51 -0.55
N MET A 14 4.98 -1.27 -1.69
CA MET A 14 4.90 -2.21 -2.81
C MET A 14 5.66 -3.50 -2.49
N GLU A 15 6.79 -3.36 -1.79
CA GLU A 15 7.59 -4.52 -1.42
C GLU A 15 6.87 -5.39 -0.41
N SER A 16 6.11 -4.76 0.48
CA SER A 16 5.36 -5.48 1.50
C SER A 16 4.14 -6.16 0.90
N VAL A 17 3.47 -5.46 0.00
CA VAL A 17 2.27 -5.99 -0.66
C VAL A 17 2.61 -7.23 -1.49
N ILE A 18 3.60 -7.09 -2.37
CA ILE A 18 4.02 -8.19 -3.23
C ILE A 18 4.22 -9.47 -2.42
N GLY A 19 5.02 -9.37 -1.37
CA GLY A 19 5.28 -10.53 -0.52
C GLY A 19 4.10 -10.88 0.37
N CYS A 20 3.25 -9.89 0.64
CA CYS A 20 2.08 -10.10 1.47
C CYS A 20 1.14 -11.12 0.85
N LEU A 21 0.80 -10.90 -0.41
CA LEU A 21 -0.10 -11.80 -1.14
C LEU A 21 0.66 -12.67 -2.12
N LYS A 22 1.99 -12.56 -2.09
CA LYS A 22 2.84 -13.34 -2.98
C LYS A 22 2.38 -13.20 -4.43
N LEU A 23 2.92 -12.20 -5.13
CA LEU A 23 2.57 -11.96 -6.52
C LEU A 23 3.56 -12.65 -7.46
N ASN A 24 3.15 -12.84 -8.71
CA ASN A 24 3.99 -13.48 -9.71
C ASN A 24 4.51 -12.46 -10.72
N ASP A 25 5.27 -12.94 -11.69
CA ASP A 25 5.82 -12.08 -12.73
C ASP A 25 4.72 -11.33 -13.46
N GLU A 26 3.64 -12.03 -13.77
CA GLU A 26 2.50 -11.44 -14.48
C GLU A 26 1.85 -10.35 -13.63
N GLN A 27 1.48 -10.70 -12.41
CA GLN A 27 0.84 -9.75 -11.51
C GLN A 27 1.73 -8.53 -11.29
N LYS A 28 3.03 -8.75 -11.22
CA LYS A 28 3.98 -7.66 -11.03
C LYS A 28 4.15 -6.85 -12.31
N GLN A 29 3.87 -7.48 -13.44
CA GLN A 29 3.99 -6.81 -14.73
C GLN A 29 2.69 -6.08 -15.10
N ILE A 30 1.60 -6.50 -14.49
CA ILE A 30 0.30 -5.88 -14.74
C ILE A 30 -0.17 -5.05 -13.55
N LEU A 31 0.79 -4.63 -12.73
CA LEU A 31 0.48 -3.82 -11.56
C LEU A 31 0.66 -2.33 -11.86
N SER A 32 0.01 -1.50 -11.05
CA SER A 32 0.10 -0.05 -11.23
C SER A 32 -0.32 0.68 -9.95
N GLY A 33 0.10 1.94 -9.84
CA GLY A 33 -0.24 2.72 -8.67
C GLY A 33 -1.73 3.02 -8.57
N THR A 34 -2.42 2.90 -9.70
CA THR A 34 -3.85 3.16 -9.75
C THR A 34 -4.64 1.87 -9.91
N THR A 35 -4.19 0.82 -9.23
CA THR A 35 -4.86 -0.48 -9.30
C THR A 35 -5.18 -1.00 -7.91
N ASN A 36 -6.47 -1.04 -7.58
CA ASN A 36 -6.90 -1.52 -6.27
C ASN A 36 -6.43 -2.95 -6.03
N LEU A 37 -5.42 -3.09 -5.17
CA LEU A 37 -4.88 -4.40 -4.85
C LEU A 37 -5.90 -5.26 -4.10
N ALA A 38 -6.95 -4.61 -3.62
CA ALA A 38 -8.01 -5.31 -2.89
C ALA A 38 -9.04 -5.90 -3.84
N LYS A 39 -9.45 -5.10 -4.82
CA LYS A 39 -10.45 -5.55 -5.79
C LYS A 39 -9.78 -6.32 -6.93
N ASP A 40 -8.76 -5.71 -7.54
CA ASP A 40 -8.05 -6.34 -8.64
C ASP A 40 -7.60 -7.75 -8.26
N PHE A 41 -6.75 -7.85 -7.24
CA PHE A 41 -6.26 -9.14 -6.79
C PHE A 41 -7.30 -9.85 -5.92
N ASN A 42 -8.42 -9.17 -5.69
CA ASN A 42 -9.50 -9.74 -4.88
C ASN A 42 -8.96 -10.24 -3.53
N LEU A 43 -8.04 -9.47 -2.95
CA LEU A 43 -7.44 -9.84 -1.67
C LEU A 43 -8.52 -10.15 -0.64
N ASP A 44 -8.17 -10.93 0.37
CA ASP A 44 -9.11 -11.30 1.42
C ASP A 44 -8.92 -10.40 2.65
N SER A 45 -9.96 -10.31 3.47
CA SER A 45 -9.92 -9.49 4.67
C SER A 45 -8.75 -9.89 5.56
N LEU A 46 -8.31 -11.14 5.43
CA LEU A 46 -7.19 -11.64 6.22
C LEU A 46 -5.88 -11.06 5.73
N ASP A 47 -5.76 -10.88 4.42
CA ASP A 47 -4.55 -10.31 3.84
C ASP A 47 -4.48 -8.81 4.06
N PHE A 48 -5.58 -8.12 3.80
CA PHE A 48 -5.64 -6.67 3.98
C PHE A 48 -5.17 -6.28 5.38
N VAL A 49 -5.67 -6.99 6.39
CA VAL A 49 -5.30 -6.71 7.76
C VAL A 49 -3.79 -6.74 7.95
N ASP A 50 -3.17 -7.85 7.55
CA ASP A 50 -1.73 -8.00 7.67
C ASP A 50 -1.00 -6.92 6.90
N LEU A 51 -1.60 -6.47 5.80
CA LEU A 51 -1.01 -5.43 4.97
C LEU A 51 -0.95 -4.10 5.72
N ILE A 52 -2.11 -3.62 6.15
CA ILE A 52 -2.20 -2.36 6.88
C ILE A 52 -1.42 -2.44 8.20
N MET A 53 -1.47 -3.60 8.84
CA MET A 53 -0.75 -3.80 10.09
C MET A 53 0.75 -3.79 9.89
N SER A 54 1.20 -4.44 8.82
CA SER A 54 2.63 -4.51 8.51
C SER A 54 3.19 -3.10 8.23
N LEU A 55 2.53 -2.38 7.34
CA LEU A 55 2.95 -1.04 6.99
C LEU A 55 2.85 -0.09 8.18
N GLU A 56 1.79 -0.27 8.98
CA GLU A 56 1.57 0.56 10.16
C GLU A 56 2.75 0.44 11.13
N GLU A 57 3.11 -0.78 11.47
CA GLU A 57 4.22 -1.03 12.39
C GLU A 57 5.56 -0.72 11.72
N ARG A 58 5.60 -0.85 10.41
CA ARG A 58 6.82 -0.58 9.65
C ARG A 58 7.24 0.88 9.79
N PHE A 59 6.34 1.79 9.42
CA PHE A 59 6.61 3.22 9.51
C PHE A 59 6.08 3.80 10.81
N SER A 60 5.68 2.92 11.72
CA SER A 60 5.15 3.34 13.02
C SER A 60 4.03 4.36 12.83
N LEU A 61 3.32 4.27 11.71
CA LEU A 61 2.22 5.18 11.41
C LEU A 61 0.99 4.84 12.24
N GLU A 62 0.15 5.83 12.47
CA GLU A 62 -1.07 5.65 13.24
C GLU A 62 -2.29 5.53 12.34
N ILE A 63 -2.66 4.29 12.00
CA ILE A 63 -3.81 4.05 11.13
C ILE A 63 -5.05 3.71 11.96
N SER A 64 -6.20 4.21 11.52
CA SER A 64 -7.46 3.95 12.21
C SER A 64 -8.37 3.06 11.38
N ASP A 65 -9.61 2.89 11.83
CA ASP A 65 -10.57 2.06 11.13
C ASP A 65 -11.14 2.78 9.91
N GLU A 66 -11.51 4.05 10.11
CA GLU A 66 -12.07 4.85 9.02
C GLU A 66 -10.98 5.29 8.05
N ASP A 67 -9.77 5.47 8.57
CA ASP A 67 -8.64 5.88 7.74
C ASP A 67 -8.44 4.91 6.57
N ALA A 68 -8.46 3.62 6.87
CA ALA A 68 -8.29 2.60 5.85
C ALA A 68 -9.48 2.55 4.89
N GLN A 69 -10.62 3.04 5.37
CA GLN A 69 -11.83 3.06 4.57
C GLN A 69 -11.63 3.89 3.29
N LYS A 70 -10.62 4.75 3.31
CA LYS A 70 -10.33 5.59 2.16
C LYS A 70 -9.00 5.20 1.53
N LEU A 71 -8.47 4.06 1.96
CA LEU A 71 -7.20 3.56 1.42
C LEU A 71 -7.37 2.16 0.83
N GLU A 72 -7.59 2.11 -0.48
CA GLU A 72 -7.76 0.83 -1.17
C GLU A 72 -6.75 0.68 -2.31
N THR A 73 -6.53 1.76 -3.04
CA THR A 73 -5.59 1.75 -4.16
C THR A 73 -4.16 1.99 -3.67
N VAL A 74 -3.19 1.67 -4.51
CA VAL A 74 -1.79 1.86 -4.18
C VAL A 74 -1.47 3.33 -3.93
N ASP A 75 -1.78 4.17 -4.92
CA ASP A 75 -1.53 5.60 -4.81
C ASP A 75 -2.18 6.17 -3.55
N ASP A 76 -3.43 5.78 -3.31
CA ASP A 76 -4.17 6.26 -2.14
C ASP A 76 -3.43 5.89 -0.85
N ILE A 77 -3.07 4.61 -0.74
CA ILE A 77 -2.35 4.13 0.45
C ILE A 77 -1.01 4.83 0.62
N CYS A 78 -0.19 4.76 -0.42
CA CYS A 78 1.13 5.39 -0.39
C CYS A 78 1.00 6.88 -0.08
N ARG A 79 -0.04 7.50 -0.60
CA ARG A 79 -0.25 8.93 -0.37
C ARG A 79 -0.54 9.21 1.10
N TYR A 80 -1.45 8.44 1.69
CA TYR A 80 -1.81 8.61 3.09
C TYR A 80 -0.59 8.39 3.99
N ILE A 81 0.23 7.42 3.63
CA ILE A 81 1.42 7.11 4.40
C ILE A 81 2.51 8.17 4.19
N ALA A 82 2.60 8.68 2.97
CA ALA A 82 3.58 9.69 2.63
C ALA A 82 3.24 11.03 3.30
N SER A 83 1.97 11.42 3.21
CA SER A 83 1.52 12.68 3.80
C SER A 83 1.89 12.75 5.27
N LYS A 84 2.02 11.58 5.91
CA LYS A 84 2.37 11.51 7.32
C LYS A 84 3.87 11.66 7.51
N SER A 85 4.64 11.18 6.54
CA SER A 85 6.09 11.26 6.61
C SER A 85 6.59 12.63 6.16
N SER A 86 7.90 12.78 6.05
CA SER A 86 8.50 14.04 5.63
C SER A 86 9.30 13.86 4.34
N ASP A 87 8.91 12.87 3.55
CA ASP A 87 9.59 12.59 2.27
C ASP A 87 8.74 13.05 1.10
N ALA A 88 8.08 14.19 1.25
CA ALA A 88 7.24 14.74 0.20
C ALA A 88 7.83 16.02 -0.37
N PRO A 1 9.54 7.65 -15.01
CA PRO A 1 9.88 7.76 -13.58
C PRO A 1 9.65 9.16 -13.04
N GLY A 2 9.99 9.36 -11.77
CA GLY A 2 9.82 10.66 -11.15
C GLY A 2 8.38 10.96 -10.82
N SER A 3 8.12 11.44 -9.61
CA SER A 3 6.77 11.76 -9.16
C SER A 3 6.80 12.43 -7.79
N MET A 4 5.67 13.02 -7.42
CA MET A 4 5.55 13.69 -6.12
C MET A 4 5.43 12.68 -5.00
N VAL A 5 4.78 11.56 -5.27
CA VAL A 5 4.59 10.51 -4.28
C VAL A 5 5.91 10.12 -3.64
N SER A 6 5.85 9.74 -2.36
CA SER A 6 7.05 9.34 -1.63
C SER A 6 7.69 8.10 -2.25
N GLU A 7 8.64 8.31 -3.14
CA GLU A 7 9.32 7.20 -3.80
C GLU A 7 10.00 6.29 -2.79
N GLU A 8 10.43 6.88 -1.67
CA GLU A 8 11.10 6.12 -0.62
C GLU A 8 10.15 5.09 -0.01
N ILE A 9 8.97 5.54 0.41
CA ILE A 9 7.98 4.66 1.01
C ILE A 9 7.34 3.76 -0.04
N LYS A 10 7.21 4.28 -1.26
CA LYS A 10 6.61 3.53 -2.36
C LYS A 10 7.27 2.16 -2.50
N ALA A 11 8.59 2.12 -2.34
CA ALA A 11 9.33 0.87 -2.44
C ALA A 11 9.03 -0.05 -1.26
N GLN A 12 8.75 0.55 -0.11
CA GLN A 12 8.44 -0.21 1.10
C GLN A 12 7.04 -0.79 1.03
N VAL A 13 6.07 0.03 0.63
CA VAL A 13 4.68 -0.39 0.53
C VAL A 13 4.53 -1.46 -0.55
N MET A 14 5.18 -1.25 -1.69
CA MET A 14 5.10 -2.19 -2.80
C MET A 14 5.85 -3.49 -2.46
N GLU A 15 6.97 -3.35 -1.76
CA GLU A 15 7.77 -4.50 -1.37
C GLU A 15 7.03 -5.36 -0.34
N SER A 16 6.29 -4.70 0.54
CA SER A 16 5.53 -5.41 1.58
C SER A 16 4.30 -6.08 0.99
N VAL A 17 3.62 -5.38 0.09
CA VAL A 17 2.43 -5.91 -0.56
C VAL A 17 2.74 -7.15 -1.38
N ILE A 18 3.72 -7.02 -2.27
CA ILE A 18 4.13 -8.13 -3.13
C ILE A 18 4.33 -9.41 -2.31
N GLY A 19 5.15 -9.30 -1.26
CA GLY A 19 5.41 -10.45 -0.42
C GLY A 19 4.24 -10.79 0.49
N CYS A 20 3.40 -9.80 0.75
CA CYS A 20 2.23 -10.00 1.60
C CYS A 20 1.27 -11.02 0.98
N LEU A 21 0.92 -10.80 -0.28
CA LEU A 21 0.01 -11.71 -0.98
C LEU A 21 0.77 -12.59 -1.97
N LYS A 22 2.09 -12.47 -1.95
CA LYS A 22 2.93 -13.26 -2.85
C LYS A 22 2.44 -13.15 -4.29
N LEU A 23 2.95 -12.15 -5.01
CA LEU A 23 2.56 -11.95 -6.40
C LEU A 23 3.52 -12.67 -7.35
N ASN A 24 3.00 -13.09 -8.49
CA ASN A 24 3.82 -13.79 -9.49
C ASN A 24 4.33 -12.83 -10.54
N ASP A 25 5.07 -13.35 -11.51
CA ASP A 25 5.62 -12.54 -12.59
C ASP A 25 4.52 -11.76 -13.29
N GLU A 26 3.45 -12.46 -13.67
CA GLU A 26 2.33 -11.83 -14.35
C GLU A 26 1.77 -10.67 -13.53
N GLN A 27 1.42 -10.96 -12.28
CA GLN A 27 0.87 -9.94 -11.40
C GLN A 27 1.80 -8.73 -11.31
N LYS A 28 3.09 -8.99 -11.11
CA LYS A 28 4.08 -7.94 -11.01
C LYS A 28 4.25 -7.22 -12.34
N GLN A 29 3.89 -7.90 -13.42
CA GLN A 29 4.00 -7.33 -14.76
C GLN A 29 2.75 -6.55 -15.12
N ILE A 30 1.65 -6.83 -14.42
CA ILE A 30 0.39 -6.16 -14.67
C ILE A 30 -0.02 -5.29 -13.49
N LEU A 31 0.96 -4.92 -12.66
CA LEU A 31 0.71 -4.10 -11.48
C LEU A 31 0.88 -2.63 -11.81
N SER A 32 0.20 -1.77 -11.04
CA SER A 32 0.29 -0.33 -11.25
C SER A 32 -0.10 0.43 -9.98
N GLY A 33 0.33 1.69 -9.90
CA GLY A 33 0.03 2.49 -8.74
C GLY A 33 -1.45 2.80 -8.61
N THR A 34 -2.14 2.89 -9.75
CA THR A 34 -3.56 3.18 -9.78
C THR A 34 -4.38 1.91 -9.97
N THR A 35 -3.94 0.82 -9.34
CA THR A 35 -4.64 -0.45 -9.44
C THR A 35 -5.00 -1.00 -8.05
N ASN A 36 -6.27 -0.95 -7.72
CA ASN A 36 -6.76 -1.44 -6.44
C ASN A 36 -6.29 -2.88 -6.19
N LEU A 37 -5.28 -3.03 -5.35
CA LEU A 37 -4.75 -4.35 -5.03
C LEU A 37 -5.76 -5.18 -4.24
N ALA A 38 -6.81 -4.51 -3.76
CA ALA A 38 -7.86 -5.18 -3.00
C ALA A 38 -8.90 -5.80 -3.92
N LYS A 39 -9.34 -5.03 -4.91
CA LYS A 39 -10.34 -5.51 -5.87
C LYS A 39 -9.68 -6.28 -7.00
N ASP A 40 -8.68 -5.66 -7.63
CA ASP A 40 -7.97 -6.30 -8.74
C ASP A 40 -7.52 -7.71 -8.36
N PHE A 41 -6.64 -7.79 -7.36
CA PHE A 41 -6.13 -9.08 -6.90
C PHE A 41 -7.15 -9.79 -6.00
N ASN A 42 -8.26 -9.10 -5.74
CA ASN A 42 -9.31 -9.66 -4.91
C ASN A 42 -8.74 -10.16 -3.58
N LEU A 43 -7.93 -9.32 -2.95
CA LEU A 43 -7.32 -9.67 -1.67
C LEU A 43 -8.38 -9.97 -0.62
N ASP A 44 -8.09 -10.93 0.25
CA ASP A 44 -9.03 -11.32 1.30
C ASP A 44 -8.90 -10.38 2.50
N SER A 45 -9.98 -10.27 3.28
CA SER A 45 -10.00 -9.41 4.45
C SER A 45 -8.84 -9.75 5.39
N LEU A 46 -8.39 -11.00 5.33
CA LEU A 46 -7.29 -11.45 6.17
C LEU A 46 -5.96 -10.86 5.71
N ASP A 47 -5.77 -10.82 4.39
CA ASP A 47 -4.55 -10.28 3.81
C ASP A 47 -4.45 -8.77 4.05
N PHE A 48 -5.54 -8.06 3.77
CA PHE A 48 -5.58 -6.61 3.95
C PHE A 48 -5.13 -6.23 5.35
N VAL A 49 -5.70 -6.90 6.35
CA VAL A 49 -5.37 -6.63 7.75
C VAL A 49 -3.86 -6.70 7.97
N ASP A 50 -3.26 -7.81 7.53
CA ASP A 50 -1.82 -8.01 7.69
C ASP A 50 -1.05 -6.93 6.94
N LEU A 51 -1.62 -6.45 5.84
CA LEU A 51 -0.98 -5.42 5.03
C LEU A 51 -0.92 -4.09 5.78
N ILE A 52 -2.09 -3.59 6.17
CA ILE A 52 -2.18 -2.33 6.90
C ILE A 52 -1.36 -2.39 8.18
N MET A 53 -1.39 -3.53 8.85
CA MET A 53 -0.65 -3.71 10.09
C MET A 53 0.85 -3.72 9.83
N SER A 54 1.26 -4.38 8.76
CA SER A 54 2.67 -4.47 8.40
C SER A 54 3.26 -3.07 8.16
N LEU A 55 2.61 -2.32 7.29
CA LEU A 55 3.06 -0.97 6.96
C LEU A 55 2.94 -0.05 8.17
N GLU A 56 1.87 -0.23 8.94
CA GLU A 56 1.64 0.58 10.13
C GLU A 56 2.82 0.50 11.08
N GLU A 57 3.23 -0.72 11.42
CA GLU A 57 4.35 -0.93 12.32
C GLU A 57 5.67 -0.58 11.64
N ARG A 58 5.73 -0.79 10.33
CA ARG A 58 6.94 -0.50 9.57
C ARG A 58 7.34 0.97 9.73
N PHE A 59 6.42 1.87 9.40
CA PHE A 59 6.68 3.29 9.51
C PHE A 59 6.11 3.86 10.80
N SER A 60 5.70 2.96 11.70
CA SER A 60 5.12 3.37 12.98
C SER A 60 4.00 4.39 12.77
N LEU A 61 3.33 4.28 11.63
CA LEU A 61 2.22 5.18 11.31
C LEU A 61 0.97 4.82 12.10
N GLU A 62 0.10 5.80 12.29
CA GLU A 62 -1.14 5.58 13.03
C GLU A 62 -2.34 5.53 12.09
N ILE A 63 -2.71 4.32 11.70
CA ILE A 63 -3.85 4.13 10.79
C ILE A 63 -5.08 3.64 11.55
N SER A 64 -6.23 4.21 11.21
CA SER A 64 -7.49 3.84 11.86
C SER A 64 -8.42 3.12 10.88
N ASP A 65 -9.37 2.37 11.43
CA ASP A 65 -10.31 1.63 10.61
C ASP A 65 -10.97 2.54 9.58
N GLU A 66 -11.16 3.81 9.95
CA GLU A 66 -11.78 4.79 9.06
C GLU A 66 -10.80 5.21 7.96
N ASP A 67 -9.56 5.49 8.36
CA ASP A 67 -8.53 5.92 7.41
C ASP A 67 -8.38 4.89 6.29
N ALA A 68 -8.44 3.62 6.64
CA ALA A 68 -8.31 2.55 5.66
C ALA A 68 -9.54 2.48 4.75
N GLN A 69 -10.66 3.00 5.23
CA GLN A 69 -11.89 2.99 4.46
C GLN A 69 -11.73 3.79 3.17
N LYS A 70 -10.72 4.66 3.14
CA LYS A 70 -10.45 5.48 1.96
C LYS A 70 -9.16 5.04 1.27
N LEU A 71 -8.56 3.97 1.78
CA LEU A 71 -7.32 3.45 1.22
C LEU A 71 -7.54 2.08 0.59
N GLU A 72 -7.44 2.01 -0.74
CA GLU A 72 -7.63 0.76 -1.46
C GLU A 72 -6.58 0.59 -2.55
N THR A 73 -6.29 1.68 -3.27
CA THR A 73 -5.31 1.66 -4.33
C THR A 73 -3.91 1.93 -3.80
N VAL A 74 -2.90 1.54 -4.56
CA VAL A 74 -1.51 1.74 -4.17
C VAL A 74 -1.21 3.23 -3.98
N ASP A 75 -1.50 4.02 -5.00
CA ASP A 75 -1.26 5.46 -4.95
C ASP A 75 -1.91 6.07 -3.71
N ASP A 76 -3.18 5.74 -3.48
CA ASP A 76 -3.91 6.26 -2.34
C ASP A 76 -3.19 5.91 -1.04
N ILE A 77 -2.84 4.64 -0.87
CA ILE A 77 -2.15 4.19 0.32
C ILE A 77 -0.82 4.91 0.50
N CYS A 78 0.03 4.85 -0.52
CA CYS A 78 1.33 5.50 -0.48
C CYS A 78 1.19 6.98 -0.19
N ARG A 79 0.15 7.60 -0.74
CA ARG A 79 -0.10 9.02 -0.54
C ARG A 79 -0.41 9.31 0.92
N TYR A 80 -1.27 8.49 1.51
CA TYR A 80 -1.66 8.67 2.91
C TYR A 80 -0.45 8.50 3.82
N ILE A 81 0.41 7.54 3.50
CA ILE A 81 1.60 7.28 4.30
C ILE A 81 2.66 8.35 4.08
N ALA A 82 2.74 8.85 2.85
CA ALA A 82 3.71 9.88 2.50
C ALA A 82 3.40 11.18 3.23
N SER A 83 2.12 11.57 3.21
CA SER A 83 1.69 12.80 3.87
C SER A 83 2.13 12.82 5.33
N LYS A 84 2.29 11.64 5.92
CA LYS A 84 2.70 11.51 7.31
C LYS A 84 4.22 11.54 7.43
N SER A 85 4.89 10.70 6.64
CA SER A 85 6.35 10.63 6.67
C SER A 85 6.93 11.08 5.33
N SER A 86 7.86 12.02 5.39
CA SER A 86 8.51 12.54 4.19
C SER A 86 10.01 12.26 4.21
N ASP A 87 10.64 12.56 5.34
CA ASP A 87 12.08 12.34 5.48
C ASP A 87 12.38 11.61 6.79
N ALA A 88 11.70 10.50 7.00
CA ALA A 88 11.90 9.71 8.22
C ALA A 88 13.20 8.92 8.15
N PRO A 1 5.52 18.49 -10.20
CA PRO A 1 6.29 17.70 -11.17
C PRO A 1 7.59 17.18 -10.57
N GLY A 2 7.68 17.20 -9.25
CA GLY A 2 8.89 16.73 -8.58
C GLY A 2 8.70 15.35 -7.97
N SER A 3 8.53 15.31 -6.65
CA SER A 3 8.35 14.03 -5.95
C SER A 3 7.02 14.00 -5.21
N MET A 4 5.93 14.01 -5.96
CA MET A 4 4.59 13.99 -5.38
C MET A 4 4.45 12.83 -4.40
N VAL A 5 4.70 11.62 -4.89
CA VAL A 5 4.60 10.42 -4.07
C VAL A 5 5.95 10.07 -3.46
N SER A 6 5.94 9.66 -2.19
CA SER A 6 7.16 9.29 -1.48
C SER A 6 7.79 8.05 -2.10
N GLU A 7 8.68 8.26 -3.05
CA GLU A 7 9.35 7.15 -3.73
C GLU A 7 10.02 6.22 -2.73
N GLU A 8 10.44 6.79 -1.60
CA GLU A 8 11.10 6.01 -0.56
C GLU A 8 10.14 4.98 0.05
N ILE A 9 8.97 5.45 0.47
CA ILE A 9 7.97 4.58 1.07
C ILE A 9 7.31 3.70 0.00
N LYS A 10 7.19 4.24 -1.21
CA LYS A 10 6.58 3.51 -2.31
C LYS A 10 7.23 2.13 -2.48
N ALA A 11 8.54 2.08 -2.32
CA ALA A 11 9.28 0.83 -2.46
C ALA A 11 8.98 -0.10 -1.29
N GLN A 12 8.70 0.48 -0.12
CA GLN A 12 8.41 -0.30 1.07
C GLN A 12 7.00 -0.87 1.00
N VAL A 13 6.04 -0.04 0.62
CA VAL A 13 4.65 -0.47 0.52
C VAL A 13 4.48 -1.52 -0.57
N MET A 14 5.12 -1.30 -1.72
CA MET A 14 5.05 -2.23 -2.83
C MET A 14 5.78 -3.53 -2.51
N GLU A 15 6.91 -3.41 -1.81
CA GLU A 15 7.71 -4.56 -1.44
C GLU A 15 6.98 -5.42 -0.42
N SER A 16 6.23 -4.78 0.46
CA SER A 16 5.49 -5.48 1.51
C SER A 16 4.26 -6.16 0.92
N VAL A 17 3.58 -5.47 0.00
CA VAL A 17 2.39 -6.00 -0.63
C VAL A 17 2.71 -7.24 -1.45
N ILE A 18 3.69 -7.10 -2.35
CA ILE A 18 4.10 -8.22 -3.20
C ILE A 18 4.33 -9.49 -2.38
N GLY A 19 5.13 -9.37 -1.34
CA GLY A 19 5.41 -10.52 -0.49
C GLY A 19 4.24 -10.87 0.41
N CYS A 20 3.38 -9.89 0.68
CA CYS A 20 2.22 -10.10 1.53
C CYS A 20 1.27 -11.12 0.91
N LEU A 21 0.93 -10.92 -0.35
CA LEU A 21 0.03 -11.83 -1.05
C LEU A 21 0.80 -12.71 -2.04
N LYS A 22 2.11 -12.59 -2.02
CA LYS A 22 2.97 -13.37 -2.90
C LYS A 22 2.52 -13.26 -4.35
N LEU A 23 3.07 -12.29 -5.06
CA LEU A 23 2.72 -12.06 -6.46
C LEU A 23 3.73 -12.73 -7.39
N ASN A 24 3.36 -12.85 -8.67
CA ASN A 24 4.23 -13.48 -9.66
C ASN A 24 4.66 -12.47 -10.71
N ASP A 25 5.57 -12.89 -11.58
CA ASP A 25 6.07 -12.02 -12.65
C ASP A 25 4.92 -11.48 -13.49
N GLU A 26 3.82 -12.23 -13.52
CA GLU A 26 2.64 -11.83 -14.29
C GLU A 26 1.87 -10.73 -13.57
N GLN A 27 1.70 -10.89 -12.26
CA GLN A 27 0.98 -9.90 -11.46
C GLN A 27 1.79 -8.63 -11.30
N LYS A 28 3.11 -8.75 -11.41
CA LYS A 28 4.01 -7.61 -11.28
C LYS A 28 3.98 -6.74 -12.54
N GLN A 29 4.03 -7.39 -13.69
CA GLN A 29 4.00 -6.68 -14.97
C GLN A 29 2.65 -5.99 -15.18
N ILE A 30 1.62 -6.49 -14.49
CA ILE A 30 0.29 -5.91 -14.61
C ILE A 30 -0.07 -5.12 -13.35
N LEU A 31 0.94 -4.73 -12.60
CA LEU A 31 0.73 -3.97 -11.37
C LEU A 31 0.91 -2.48 -11.63
N SER A 32 0.18 -1.66 -10.88
CA SER A 32 0.25 -0.21 -11.03
C SER A 32 -0.19 0.49 -9.75
N GLY A 33 0.23 1.74 -9.60
CA GLY A 33 -0.15 2.51 -8.41
C GLY A 33 -1.64 2.73 -8.31
N THR A 34 -2.28 2.94 -9.46
CA THR A 34 -3.71 3.19 -9.50
C THR A 34 -4.49 1.89 -9.73
N THR A 35 -4.03 0.81 -9.10
CA THR A 35 -4.66 -0.49 -9.24
C THR A 35 -5.04 -1.06 -7.89
N ASN A 36 -6.32 -1.02 -7.56
CA ASN A 36 -6.81 -1.55 -6.28
C ASN A 36 -6.35 -2.99 -6.08
N LEU A 37 -5.36 -3.17 -5.21
CA LEU A 37 -4.83 -4.50 -4.91
C LEU A 37 -5.87 -5.35 -4.19
N ALA A 38 -6.94 -4.71 -3.73
CA ALA A 38 -8.01 -5.42 -3.03
C ALA A 38 -8.99 -6.04 -4.01
N LYS A 39 -9.41 -5.27 -5.00
CA LYS A 39 -10.34 -5.74 -6.01
C LYS A 39 -9.61 -6.46 -7.14
N ASP A 40 -8.59 -5.81 -7.68
CA ASP A 40 -7.80 -6.39 -8.76
C ASP A 40 -7.34 -7.81 -8.41
N PHE A 41 -6.50 -7.91 -7.37
CA PHE A 41 -6.00 -9.20 -6.94
C PHE A 41 -7.03 -9.94 -6.10
N ASN A 42 -8.17 -9.30 -5.88
CA ASN A 42 -9.25 -9.89 -5.09
C ASN A 42 -8.74 -10.36 -3.74
N LEU A 43 -7.86 -9.57 -3.12
CA LEU A 43 -7.30 -9.91 -1.83
C LEU A 43 -8.40 -10.23 -0.82
N ASP A 44 -8.06 -11.02 0.19
CA ASP A 44 -9.01 -11.39 1.23
C ASP A 44 -8.93 -10.44 2.41
N SER A 45 -10.01 -10.38 3.19
CA SER A 45 -10.05 -9.50 4.36
C SER A 45 -8.89 -9.78 5.30
N LEU A 46 -8.39 -11.01 5.25
CA LEU A 46 -7.26 -11.40 6.10
C LEU A 46 -5.96 -10.76 5.62
N ASP A 47 -5.71 -10.88 4.33
CA ASP A 47 -4.50 -10.31 3.74
C ASP A 47 -4.43 -8.81 3.98
N PHE A 48 -5.52 -8.11 3.68
CA PHE A 48 -5.59 -6.68 3.86
C PHE A 48 -5.16 -6.28 5.27
N VAL A 49 -5.71 -6.97 6.26
CA VAL A 49 -5.40 -6.70 7.65
C VAL A 49 -3.89 -6.77 7.90
N ASP A 50 -3.28 -7.87 7.48
CA ASP A 50 -1.85 -8.07 7.65
C ASP A 50 -1.07 -6.99 6.90
N LEU A 51 -1.64 -6.51 5.80
CA LEU A 51 -0.99 -5.47 4.99
C LEU A 51 -0.93 -4.15 5.74
N ILE A 52 -2.10 -3.65 6.13
CA ILE A 52 -2.18 -2.38 6.86
C ILE A 52 -1.39 -2.45 8.15
N MET A 53 -1.43 -3.60 8.82
CA MET A 53 -0.71 -3.79 10.08
C MET A 53 0.79 -3.80 9.84
N SER A 54 1.22 -4.47 8.76
CA SER A 54 2.63 -4.56 8.43
C SER A 54 3.23 -3.18 8.18
N LEU A 55 2.59 -2.42 7.29
CA LEU A 55 3.06 -1.08 6.96
C LEU A 55 2.93 -0.15 8.16
N GLU A 56 1.86 -0.31 8.93
CA GLU A 56 1.62 0.50 10.11
C GLU A 56 2.80 0.41 11.08
N GLU A 57 3.17 -0.82 11.42
CA GLU A 57 4.27 -1.06 12.35
C GLU A 57 5.61 -0.73 11.69
N ARG A 58 5.68 -0.92 10.38
CA ARG A 58 6.90 -0.64 9.64
C ARG A 58 7.32 0.81 9.80
N PHE A 59 6.43 1.73 9.43
CA PHE A 59 6.70 3.15 9.53
C PHE A 59 6.15 3.72 10.82
N SER A 60 5.74 2.84 11.72
CA SER A 60 5.18 3.25 13.01
C SER A 60 4.07 4.27 12.81
N LEU A 61 3.38 4.17 11.69
CA LEU A 61 2.29 5.09 11.38
C LEU A 61 1.03 4.74 12.18
N GLU A 62 0.17 5.73 12.38
CA GLU A 62 -1.07 5.52 13.13
C GLU A 62 -2.26 5.47 12.18
N ILE A 63 -2.65 4.26 11.80
CA ILE A 63 -3.79 4.07 10.90
C ILE A 63 -5.04 3.69 11.68
N SER A 64 -6.17 4.28 11.29
CA SER A 64 -7.44 4.00 11.96
C SER A 64 -8.39 3.25 11.02
N ASP A 65 -9.51 2.80 11.58
CA ASP A 65 -10.50 2.07 10.80
C ASP A 65 -11.06 2.94 9.67
N GLU A 66 -11.28 4.21 9.96
CA GLU A 66 -11.82 5.15 8.98
C GLU A 66 -10.75 5.54 7.97
N ASP A 67 -9.51 5.62 8.43
CA ASP A 67 -8.39 5.99 7.58
C ASP A 67 -8.30 5.06 6.38
N ALA A 68 -8.36 3.75 6.65
CA ALA A 68 -8.28 2.75 5.59
C ALA A 68 -9.51 2.78 4.72
N GLN A 69 -10.62 3.29 5.26
CA GLN A 69 -11.87 3.37 4.53
C GLN A 69 -11.69 4.14 3.23
N LYS A 70 -10.67 5.01 3.19
CA LYS A 70 -10.40 5.81 2.00
C LYS A 70 -9.09 5.37 1.35
N LEU A 71 -8.59 4.21 1.76
CA LEU A 71 -7.35 3.68 1.21
C LEU A 71 -7.56 2.29 0.61
N GLU A 72 -7.71 2.24 -0.71
CA GLU A 72 -7.93 0.97 -1.40
C GLU A 72 -6.86 0.75 -2.47
N THR A 73 -6.48 1.83 -3.15
CA THR A 73 -5.47 1.76 -4.19
C THR A 73 -4.08 2.04 -3.65
N VAL A 74 -3.07 1.50 -4.31
CA VAL A 74 -1.68 1.69 -3.89
C VAL A 74 -1.36 3.18 -3.72
N ASP A 75 -1.66 3.95 -4.76
CA ASP A 75 -1.40 5.40 -4.73
C ASP A 75 -2.03 6.02 -3.49
N ASP A 76 -3.24 5.59 -3.16
CA ASP A 76 -3.95 6.13 -2.00
C ASP A 76 -3.21 5.80 -0.72
N ILE A 77 -2.83 4.52 -0.56
CA ILE A 77 -2.11 4.08 0.63
C ILE A 77 -0.77 4.78 0.76
N CYS A 78 0.04 4.69 -0.29
CA CYS A 78 1.36 5.32 -0.30
C CYS A 78 1.25 6.81 -0.01
N ARG A 79 0.27 7.45 -0.64
CA ARG A 79 0.05 8.89 -0.45
C ARG A 79 -0.26 9.21 1.01
N TYR A 80 -1.16 8.43 1.59
CA TYR A 80 -1.55 8.63 2.98
C TYR A 80 -0.36 8.45 3.92
N ILE A 81 0.50 7.47 3.60
CA ILE A 81 1.68 7.21 4.41
C ILE A 81 2.75 8.27 4.20
N ALA A 82 2.86 8.75 2.96
CA ALA A 82 3.84 9.77 2.62
C ALA A 82 3.54 11.09 3.34
N SER A 83 2.27 11.48 3.32
CA SER A 83 1.85 12.73 3.97
C SER A 83 2.27 12.74 5.44
N LYS A 84 2.42 11.56 6.01
CA LYS A 84 2.83 11.44 7.41
C LYS A 84 4.34 11.44 7.54
N SER A 85 5.00 10.52 6.84
CA SER A 85 6.44 10.41 6.88
C SER A 85 7.07 10.97 5.60
N SER A 86 6.75 12.23 5.30
CA SER A 86 7.27 12.88 4.11
C SER A 86 8.76 13.21 4.26
N ASP A 87 9.17 13.44 5.50
CA ASP A 87 10.57 13.76 5.79
C ASP A 87 10.97 15.07 5.12
N ALA A 88 10.12 16.08 5.25
CA ALA A 88 10.39 17.38 4.65
C ALA A 88 10.76 18.41 5.72
N PRO A 1 9.44 14.91 -15.02
CA PRO A 1 10.41 13.80 -15.09
C PRO A 1 10.52 13.04 -13.77
N GLY A 2 9.48 13.13 -12.96
CA GLY A 2 9.49 12.44 -11.68
C GLY A 2 8.09 12.26 -11.11
N SER A 3 8.01 11.86 -9.84
CA SER A 3 6.74 11.66 -9.17
C SER A 3 6.70 12.37 -7.83
N MET A 4 5.55 12.95 -7.50
CA MET A 4 5.38 13.66 -6.23
C MET A 4 5.24 12.68 -5.08
N VAL A 5 4.76 11.48 -5.38
CA VAL A 5 4.58 10.45 -4.36
C VAL A 5 5.91 10.05 -3.74
N SER A 6 5.87 9.68 -2.45
CA SER A 6 7.08 9.29 -1.73
C SER A 6 7.66 8.01 -2.33
N GLU A 7 8.60 8.17 -3.25
CA GLU A 7 9.23 7.03 -3.90
C GLU A 7 9.88 6.11 -2.86
N GLU A 8 10.32 6.70 -1.76
CA GLU A 8 10.95 5.93 -0.69
C GLU A 8 9.98 4.93 -0.08
N ILE A 9 8.81 5.41 0.32
CA ILE A 9 7.79 4.55 0.90
C ILE A 9 7.16 3.65 -0.15
N LYS A 10 7.06 4.15 -1.37
CA LYS A 10 6.47 3.39 -2.47
C LYS A 10 7.14 2.03 -2.61
N ALA A 11 8.46 1.99 -2.43
CA ALA A 11 9.21 0.76 -2.52
C ALA A 11 8.91 -0.17 -1.35
N GLN A 12 8.62 0.43 -0.20
CA GLN A 12 8.31 -0.34 1.00
C GLN A 12 6.90 -0.93 0.92
N VAL A 13 5.95 -0.10 0.52
CA VAL A 13 4.55 -0.54 0.41
C VAL A 13 4.41 -1.62 -0.66
N MET A 14 5.07 -1.41 -1.80
CA MET A 14 5.02 -2.37 -2.90
C MET A 14 5.77 -3.64 -2.55
N GLU A 15 6.89 -3.49 -1.84
CA GLU A 15 7.69 -4.65 -1.44
C GLU A 15 6.96 -5.51 -0.41
N SER A 16 6.20 -4.85 0.45
CA SER A 16 5.44 -5.55 1.49
C SER A 16 4.22 -6.24 0.89
N VAL A 17 3.55 -5.56 -0.03
CA VAL A 17 2.36 -6.10 -0.68
C VAL A 17 2.71 -7.35 -1.48
N ILE A 18 3.71 -7.24 -2.35
CA ILE A 18 4.14 -8.36 -3.17
C ILE A 18 4.33 -9.63 -2.33
N GLY A 19 5.12 -9.51 -1.28
CA GLY A 19 5.37 -10.65 -0.41
C GLY A 19 4.18 -10.97 0.48
N CYS A 20 3.32 -9.97 0.71
CA CYS A 20 2.15 -10.16 1.54
C CYS A 20 1.20 -11.18 0.93
N LEU A 21 0.88 -10.99 -0.35
CA LEU A 21 -0.02 -11.89 -1.05
C LEU A 21 0.75 -12.80 -2.01
N LYS A 22 2.08 -12.67 -1.99
CA LYS A 22 2.93 -13.48 -2.85
C LYS A 22 2.49 -13.36 -4.31
N LEU A 23 3.10 -12.42 -5.03
CA LEU A 23 2.77 -12.21 -6.44
C LEU A 23 3.79 -12.89 -7.34
N ASN A 24 3.47 -12.97 -8.63
CA ASN A 24 4.36 -13.60 -9.59
C ASN A 24 4.82 -12.59 -10.65
N ASP A 25 5.63 -13.05 -11.60
CA ASP A 25 6.13 -12.19 -12.66
C ASP A 25 4.98 -11.58 -13.45
N GLU A 26 3.88 -12.31 -13.56
CA GLU A 26 2.72 -11.84 -14.29
C GLU A 26 1.99 -10.73 -13.52
N GLN A 27 1.63 -11.02 -12.28
CA GLN A 27 0.95 -10.06 -11.44
C GLN A 27 1.78 -8.80 -11.26
N LYS A 28 3.10 -8.97 -11.20
CA LYS A 28 4.01 -7.85 -11.03
C LYS A 28 4.11 -7.04 -12.32
N GLN A 29 3.79 -7.67 -13.44
CA GLN A 29 3.85 -7.00 -14.73
C GLN A 29 2.52 -6.33 -15.06
N ILE A 30 1.44 -6.87 -14.51
CA ILE A 30 0.11 -6.32 -14.75
C ILE A 30 -0.35 -5.48 -13.56
N LEU A 31 0.61 -5.00 -12.77
CA LEU A 31 0.30 -4.19 -11.60
C LEU A 31 0.41 -2.70 -11.92
N SER A 32 -0.33 -1.88 -11.18
CA SER A 32 -0.32 -0.45 -11.39
C SER A 32 -0.74 0.30 -10.12
N GLY A 33 -0.15 1.47 -9.90
CA GLY A 33 -0.48 2.26 -8.73
C GLY A 33 -1.96 2.58 -8.64
N THR A 34 -2.61 2.69 -9.79
CA THR A 34 -4.03 3.00 -9.84
C THR A 34 -4.86 1.74 -10.03
N THR A 35 -4.44 0.65 -9.37
CA THR A 35 -5.14 -0.62 -9.47
C THR A 35 -5.47 -1.17 -8.09
N ASN A 36 -6.75 -1.15 -7.73
CA ASN A 36 -7.19 -1.66 -6.43
C ASN A 36 -6.72 -3.08 -6.22
N LEU A 37 -5.69 -3.24 -5.38
CA LEU A 37 -5.14 -4.56 -5.08
C LEU A 37 -6.16 -5.42 -4.33
N ALA A 38 -7.21 -4.78 -3.84
CA ALA A 38 -8.25 -5.50 -3.10
C ALA A 38 -9.20 -6.20 -4.06
N LYS A 39 -9.68 -5.48 -5.06
CA LYS A 39 -10.61 -6.04 -6.04
C LYS A 39 -9.85 -6.73 -7.17
N ASP A 40 -8.87 -6.04 -7.73
CA ASP A 40 -8.06 -6.60 -8.81
C ASP A 40 -7.53 -7.98 -8.44
N PHE A 41 -6.67 -8.03 -7.42
CA PHE A 41 -6.09 -9.28 -6.97
C PHE A 41 -7.08 -10.06 -6.11
N ASN A 42 -8.25 -9.46 -5.87
CA ASN A 42 -9.27 -10.09 -5.05
C ASN A 42 -8.71 -10.53 -3.70
N LEU A 43 -7.90 -9.66 -3.09
CA LEU A 43 -7.30 -9.96 -1.80
C LEU A 43 -8.36 -10.27 -0.76
N ASP A 44 -8.01 -11.08 0.23
CA ASP A 44 -8.94 -11.46 1.29
C ASP A 44 -8.88 -10.45 2.43
N SER A 45 -9.98 -10.35 3.18
CA SER A 45 -10.06 -9.43 4.30
C SER A 45 -8.90 -9.64 5.26
N LEU A 46 -8.37 -10.86 5.29
CA LEU A 46 -7.26 -11.20 6.17
C LEU A 46 -5.96 -10.57 5.66
N ASP A 47 -5.69 -10.75 4.37
CA ASP A 47 -4.48 -10.21 3.77
C ASP A 47 -4.41 -8.69 3.96
N PHE A 48 -5.51 -8.01 3.65
CA PHE A 48 -5.58 -6.56 3.79
C PHE A 48 -5.17 -6.13 5.20
N VAL A 49 -5.69 -6.83 6.19
CA VAL A 49 -5.39 -6.53 7.59
C VAL A 49 -3.88 -6.54 7.84
N ASP A 50 -3.25 -7.67 7.51
CA ASP A 50 -1.81 -7.81 7.70
C ASP A 50 -1.05 -6.76 6.90
N LEU A 51 -1.63 -6.36 5.77
CA LEU A 51 -1.00 -5.35 4.92
C LEU A 51 -0.94 -4.00 5.61
N ILE A 52 -2.11 -3.49 6.00
CA ILE A 52 -2.19 -2.20 6.68
C ILE A 52 -1.45 -2.24 8.01
N MET A 53 -1.54 -3.38 8.70
CA MET A 53 -0.88 -3.53 9.99
C MET A 53 0.65 -3.55 9.82
N SER A 54 1.12 -4.24 8.80
CA SER A 54 2.55 -4.33 8.52
C SER A 54 3.13 -2.96 8.21
N LEU A 55 2.51 -2.27 7.26
CA LEU A 55 2.97 -0.94 6.86
C LEU A 55 2.87 0.04 8.03
N GLU A 56 1.78 -0.03 8.77
CA GLU A 56 1.58 0.85 9.92
C GLU A 56 2.71 0.71 10.92
N GLU A 57 3.00 -0.52 11.32
CA GLU A 57 4.07 -0.79 12.28
C GLU A 57 5.43 -0.59 11.64
N ARG A 58 5.48 -0.68 10.32
CA ARG A 58 6.73 -0.50 9.58
C ARG A 58 7.23 0.94 9.68
N PHE A 59 6.38 1.88 9.29
CA PHE A 59 6.73 3.29 9.33
C PHE A 59 6.27 3.92 10.64
N SER A 60 5.97 3.08 11.63
CA SER A 60 5.52 3.56 12.93
C SER A 60 4.36 4.53 12.78
N LEU A 61 3.60 4.38 11.69
CA LEU A 61 2.46 5.25 11.43
C LEU A 61 1.28 4.89 12.33
N GLU A 62 0.30 5.77 12.40
CA GLU A 62 -0.89 5.54 13.21
C GLU A 62 -2.14 5.45 12.34
N ILE A 63 -2.51 4.23 11.96
CA ILE A 63 -3.69 4.02 11.15
C ILE A 63 -4.88 3.58 11.98
N SER A 64 -6.05 4.13 11.67
CA SER A 64 -7.28 3.79 12.40
C SER A 64 -8.24 3.01 11.52
N ASP A 65 -9.44 2.78 12.03
CA ASP A 65 -10.46 2.05 11.29
C ASP A 65 -11.04 2.91 10.18
N GLU A 66 -11.24 4.19 10.46
CA GLU A 66 -11.79 5.11 9.48
C GLU A 66 -10.75 5.48 8.43
N ASP A 67 -9.49 5.54 8.84
CA ASP A 67 -8.40 5.87 7.93
C ASP A 67 -8.34 4.90 6.77
N ALA A 68 -8.64 3.63 7.06
CA ALA A 68 -8.62 2.59 6.03
C ALA A 68 -9.77 2.76 5.05
N GLN A 69 -10.82 3.45 5.49
CA GLN A 69 -11.98 3.68 4.65
C GLN A 69 -11.60 4.50 3.41
N LYS A 70 -10.46 5.16 3.48
CA LYS A 70 -9.98 5.97 2.36
C LYS A 70 -8.74 5.36 1.73
N LEU A 71 -8.46 4.11 2.09
CA LEU A 71 -7.30 3.40 1.56
C LEU A 71 -7.72 2.11 0.88
N GLU A 72 -7.59 2.06 -0.44
CA GLU A 72 -7.96 0.88 -1.20
C GLU A 72 -6.94 0.61 -2.32
N THR A 73 -6.58 1.67 -3.05
CA THR A 73 -5.62 1.55 -4.14
C THR A 73 -4.20 1.82 -3.66
N VAL A 74 -3.23 1.35 -4.43
CA VAL A 74 -1.83 1.54 -4.07
C VAL A 74 -1.48 3.02 -3.95
N ASP A 75 -1.80 3.79 -4.99
CA ASP A 75 -1.53 5.22 -4.99
C ASP A 75 -2.12 5.88 -3.74
N ASP A 76 -3.36 5.56 -3.44
CA ASP A 76 -4.04 6.13 -2.27
C ASP A 76 -3.28 5.79 -0.99
N ILE A 77 -2.92 4.53 -0.84
CA ILE A 77 -2.20 4.08 0.34
C ILE A 77 -0.86 4.82 0.48
N CYS A 78 -0.04 4.75 -0.57
CA CYS A 78 1.25 5.41 -0.56
C CYS A 78 1.11 6.90 -0.24
N ARG A 79 0.04 7.50 -0.75
CA ARG A 79 -0.22 8.92 -0.53
C ARG A 79 -0.49 9.19 0.94
N TYR A 80 -1.34 8.37 1.54
CA TYR A 80 -1.70 8.53 2.94
C TYR A 80 -0.48 8.36 3.84
N ILE A 81 0.38 7.42 3.48
CA ILE A 81 1.60 7.16 4.25
C ILE A 81 2.64 8.24 4.00
N ALA A 82 2.70 8.74 2.76
CA ALA A 82 3.66 9.77 2.40
C ALA A 82 3.32 11.08 3.09
N SER A 83 2.05 11.49 3.01
CA SER A 83 1.62 12.74 3.62
C SER A 83 1.97 12.76 5.10
N LYS A 84 2.09 11.60 5.71
CA LYS A 84 2.43 11.48 7.12
C LYS A 84 3.94 11.57 7.32
N SER A 85 4.69 11.12 6.33
CA SER A 85 6.15 11.15 6.40
C SER A 85 6.69 12.50 5.94
N SER A 86 8.01 12.59 5.82
CA SER A 86 8.65 13.82 5.40
C SER A 86 8.39 14.09 3.92
N ASP A 87 8.24 13.03 3.14
CA ASP A 87 7.98 13.15 1.71
C ASP A 87 9.08 13.97 1.03
N ALA A 88 10.32 13.66 1.36
CA ALA A 88 11.46 14.37 0.77
C ALA A 88 12.16 13.51 -0.27
N PRO A 1 9.18 19.21 -11.43
CA PRO A 1 9.57 17.84 -11.08
C PRO A 1 9.33 17.53 -9.61
N GLY A 2 8.39 16.64 -9.33
CA GLY A 2 8.08 16.27 -7.97
C GLY A 2 6.66 15.75 -7.81
N SER A 3 6.39 15.10 -6.69
CA SER A 3 5.07 14.54 -6.42
C SER A 3 4.86 14.33 -4.93
N MET A 4 3.59 14.24 -4.53
CA MET A 4 3.26 14.03 -3.12
C MET A 4 3.63 12.62 -2.67
N VAL A 5 3.67 11.70 -3.62
CA VAL A 5 4.02 10.32 -3.32
C VAL A 5 5.49 10.18 -2.95
N SER A 6 5.76 9.45 -1.88
CA SER A 6 7.13 9.24 -1.42
C SER A 6 7.75 8.01 -2.07
N GLU A 7 8.72 8.22 -2.94
CA GLU A 7 9.39 7.13 -3.63
C GLU A 7 10.05 6.18 -2.64
N GLU A 8 10.57 6.75 -1.55
CA GLU A 8 11.23 5.94 -0.52
C GLU A 8 10.26 4.93 0.08
N ILE A 9 9.10 5.41 0.51
CA ILE A 9 8.09 4.55 1.11
C ILE A 9 7.42 3.67 0.05
N LYS A 10 7.30 4.20 -1.16
CA LYS A 10 6.69 3.47 -2.26
C LYS A 10 7.32 2.09 -2.42
N ALA A 11 8.64 2.03 -2.28
CA ALA A 11 9.37 0.78 -2.40
C ALA A 11 9.07 -0.15 -1.23
N GLN A 12 8.81 0.44 -0.06
CA GLN A 12 8.51 -0.34 1.13
C GLN A 12 7.09 -0.90 1.07
N VAL A 13 6.14 -0.06 0.68
CA VAL A 13 4.75 -0.46 0.59
C VAL A 13 4.55 -1.50 -0.51
N MET A 14 5.22 -1.29 -1.64
CA MET A 14 5.12 -2.21 -2.77
C MET A 14 5.84 -3.52 -2.47
N GLU A 15 6.97 -3.41 -1.77
CA GLU A 15 7.75 -4.59 -1.43
C GLU A 15 7.03 -5.44 -0.39
N SER A 16 6.31 -4.78 0.52
CA SER A 16 5.57 -5.48 1.56
C SER A 16 4.31 -6.13 0.99
N VAL A 17 3.62 -5.40 0.14
CA VAL A 17 2.39 -5.90 -0.49
C VAL A 17 2.68 -7.11 -1.35
N ILE A 18 3.62 -6.97 -2.28
CA ILE A 18 3.99 -8.06 -3.17
C ILE A 18 4.21 -9.35 -2.40
N GLY A 19 5.05 -9.28 -1.37
CA GLY A 19 5.34 -10.45 -0.57
C GLY A 19 4.20 -10.81 0.36
N CYS A 20 3.36 -9.84 0.68
CA CYS A 20 2.23 -10.05 1.56
C CYS A 20 1.24 -11.04 0.95
N LEU A 21 0.85 -10.77 -0.30
CA LEU A 21 -0.09 -11.64 -1.00
C LEU A 21 0.62 -12.48 -2.05
N LYS A 22 1.95 -12.41 -2.07
CA LYS A 22 2.75 -13.17 -3.02
C LYS A 22 2.23 -12.99 -4.44
N LEU A 23 2.74 -11.96 -5.12
CA LEU A 23 2.33 -11.68 -6.48
C LEU A 23 3.26 -12.35 -7.49
N ASN A 24 2.75 -12.61 -8.68
CA ASN A 24 3.52 -13.26 -9.73
C ASN A 24 4.11 -12.22 -10.68
N ASP A 25 4.68 -12.70 -11.80
CA ASP A 25 5.27 -11.82 -12.79
C ASP A 25 4.21 -10.95 -13.45
N GLU A 26 3.14 -11.59 -13.92
CA GLU A 26 2.05 -10.87 -14.58
C GLU A 26 1.41 -9.86 -13.63
N GLN A 27 1.20 -10.29 -12.38
CA GLN A 27 0.60 -9.43 -11.38
C GLN A 27 1.39 -8.14 -11.20
N LYS A 28 2.71 -8.26 -11.22
CA LYS A 28 3.59 -7.10 -11.07
C LYS A 28 3.57 -6.25 -12.33
N GLN A 29 3.21 -6.84 -13.45
CA GLN A 29 3.15 -6.13 -14.72
C GLN A 29 1.79 -5.47 -14.92
N ILE A 30 0.77 -6.02 -14.25
CA ILE A 30 -0.58 -5.49 -14.36
C ILE A 30 -0.93 -4.66 -13.13
N LEU A 31 0.08 -4.15 -12.45
CA LEU A 31 -0.12 -3.33 -11.26
C LEU A 31 -0.01 -1.85 -11.58
N SER A 32 -0.73 -1.02 -10.83
CA SER A 32 -0.71 0.42 -11.03
C SER A 32 -1.23 1.15 -9.81
N GLY A 33 -0.89 2.43 -9.70
CA GLY A 33 -1.33 3.22 -8.57
C GLY A 33 -2.83 3.39 -8.53
N THR A 34 -3.48 3.13 -9.66
CA THR A 34 -4.94 3.27 -9.75
C THR A 34 -5.60 1.90 -9.91
N THR A 35 -5.09 0.91 -9.19
CA THR A 35 -5.63 -0.44 -9.25
C THR A 35 -5.90 -0.99 -7.85
N ASN A 36 -7.17 -1.21 -7.54
CA ASN A 36 -7.56 -1.73 -6.23
C ASN A 36 -6.92 -3.09 -5.98
N LEU A 37 -5.91 -3.12 -5.12
CA LEU A 37 -5.22 -4.35 -4.79
C LEU A 37 -6.13 -5.30 -4.02
N ALA A 38 -7.25 -4.78 -3.52
CA ALA A 38 -8.21 -5.58 -2.77
C ALA A 38 -9.20 -6.26 -3.71
N LYS A 39 -9.69 -5.50 -4.69
CA LYS A 39 -10.66 -6.03 -5.65
C LYS A 39 -9.94 -6.78 -6.77
N ASP A 40 -8.97 -6.11 -7.40
CA ASP A 40 -8.22 -6.70 -8.49
C ASP A 40 -7.67 -8.07 -8.09
N PHE A 41 -6.82 -8.08 -7.07
CA PHE A 41 -6.22 -9.33 -6.59
C PHE A 41 -7.21 -10.09 -5.71
N ASN A 42 -8.38 -9.51 -5.48
CA ASN A 42 -9.40 -10.14 -4.66
C ASN A 42 -8.83 -10.56 -3.32
N LEU A 43 -8.04 -9.68 -2.71
CA LEU A 43 -7.43 -9.97 -1.42
C LEU A 43 -8.50 -10.28 -0.37
N ASP A 44 -8.12 -11.06 0.64
CA ASP A 44 -9.04 -11.43 1.72
C ASP A 44 -8.90 -10.47 2.90
N SER A 45 -9.96 -10.38 3.69
CA SER A 45 -9.96 -9.50 4.86
C SER A 45 -8.78 -9.81 5.77
N LEU A 46 -8.29 -11.04 5.72
CA LEU A 46 -7.16 -11.46 6.53
C LEU A 46 -5.86 -10.86 6.02
N ASP A 47 -5.68 -10.89 4.70
CA ASP A 47 -4.48 -10.35 4.07
C ASP A 47 -4.40 -8.84 4.28
N PHE A 48 -5.50 -8.14 3.99
CA PHE A 48 -5.55 -6.70 4.15
C PHE A 48 -5.09 -6.28 5.54
N VAL A 49 -5.67 -6.92 6.56
CA VAL A 49 -5.33 -6.62 7.95
C VAL A 49 -3.83 -6.70 8.17
N ASP A 50 -3.23 -7.81 7.76
CA ASP A 50 -1.79 -8.01 7.92
C ASP A 50 -1.01 -6.96 7.14
N LEU A 51 -1.59 -6.50 6.03
CA LEU A 51 -0.94 -5.49 5.19
C LEU A 51 -0.89 -4.15 5.90
N ILE A 52 -2.04 -3.64 6.30
CA ILE A 52 -2.13 -2.36 6.99
C ILE A 52 -1.32 -2.38 8.28
N MET A 53 -1.36 -3.52 8.98
CA MET A 53 -0.63 -3.68 10.22
C MET A 53 0.88 -3.71 9.97
N SER A 54 1.28 -4.39 8.90
CA SER A 54 2.69 -4.50 8.56
C SER A 54 3.29 -3.13 8.28
N LEU A 55 2.66 -2.38 7.38
CA LEU A 55 3.14 -1.05 7.02
C LEU A 55 3.01 -0.09 8.20
N GLU A 56 1.93 -0.24 8.96
CA GLU A 56 1.69 0.61 10.13
C GLU A 56 2.86 0.53 11.10
N GLU A 57 3.23 -0.70 11.47
CA GLU A 57 4.33 -0.91 12.41
C GLU A 57 5.67 -0.60 11.75
N ARG A 58 5.76 -0.84 10.45
CA ARG A 58 6.98 -0.59 9.71
C ARG A 58 7.40 0.88 9.83
N PHE A 59 6.50 1.78 9.47
CA PHE A 59 6.77 3.21 9.54
C PHE A 59 6.20 3.81 10.82
N SER A 60 5.77 2.95 11.73
CA SER A 60 5.19 3.39 13.00
C SER A 60 4.10 4.42 12.77
N LEU A 61 3.41 4.30 11.63
CA LEU A 61 2.33 5.23 11.29
C LEU A 61 1.07 4.92 12.09
N GLU A 62 0.23 5.92 12.26
CA GLU A 62 -1.01 5.76 13.01
C GLU A 62 -2.21 5.64 12.07
N ILE A 63 -2.58 4.40 11.74
CA ILE A 63 -3.71 4.16 10.85
C ILE A 63 -4.95 3.75 11.63
N SER A 64 -6.10 4.21 11.17
CA SER A 64 -7.37 3.88 11.83
C SER A 64 -8.23 2.99 10.94
N ASP A 65 -9.48 2.78 11.35
CA ASP A 65 -10.40 1.95 10.60
C ASP A 65 -10.96 2.70 9.40
N GLU A 66 -11.35 3.95 9.62
CA GLU A 66 -11.90 4.78 8.56
C GLU A 66 -10.81 5.25 7.61
N ASP A 67 -9.59 5.35 8.12
CA ASP A 67 -8.45 5.79 7.32
C ASP A 67 -8.22 4.85 6.15
N ALA A 68 -8.32 3.55 6.40
CA ALA A 68 -8.12 2.55 5.36
C ALA A 68 -9.27 2.55 4.37
N GLN A 69 -10.42 3.06 4.81
CA GLN A 69 -11.60 3.13 3.95
C GLN A 69 -11.31 3.92 2.68
N LYS A 70 -10.30 4.77 2.75
CA LYS A 70 -9.91 5.60 1.60
C LYS A 70 -8.57 5.16 1.04
N LEU A 71 -8.10 3.98 1.46
CA LEU A 71 -6.83 3.45 1.00
C LEU A 71 -6.99 2.03 0.47
N GLU A 72 -7.29 1.93 -0.83
CA GLU A 72 -7.47 0.63 -1.47
C GLU A 72 -6.45 0.41 -2.57
N THR A 73 -6.03 1.50 -3.20
CA THR A 73 -5.05 1.44 -4.28
C THR A 73 -3.65 1.78 -3.77
N VAL A 74 -2.64 1.38 -4.53
CA VAL A 74 -1.25 1.65 -4.16
C VAL A 74 -1.00 3.14 -4.02
N ASP A 75 -1.49 3.91 -4.98
CA ASP A 75 -1.31 5.36 -4.96
C ASP A 75 -1.95 5.96 -3.71
N ASP A 76 -3.20 5.58 -3.44
CA ASP A 76 -3.92 6.09 -2.28
C ASP A 76 -3.19 5.73 -0.99
N ILE A 77 -2.84 4.47 -0.85
CA ILE A 77 -2.13 4.00 0.34
C ILE A 77 -0.80 4.71 0.50
N CYS A 78 0.04 4.63 -0.53
CA CYS A 78 1.35 5.27 -0.51
C CYS A 78 1.23 6.75 -0.23
N ARG A 79 0.22 7.39 -0.83
CA ARG A 79 0.00 8.81 -0.65
C ARG A 79 -0.32 9.13 0.81
N TYR A 80 -1.17 8.31 1.42
CA TYR A 80 -1.55 8.50 2.82
C TYR A 80 -0.35 8.32 3.74
N ILE A 81 0.50 7.34 3.42
CA ILE A 81 1.68 7.07 4.22
C ILE A 81 2.76 8.13 4.01
N ALA A 82 2.85 8.63 2.78
CA ALA A 82 3.83 9.66 2.44
C ALA A 82 3.47 10.99 3.08
N SER A 83 2.19 11.36 2.97
CA SER A 83 1.71 12.62 3.54
C SER A 83 2.06 12.72 5.02
N LYS A 84 2.17 11.57 5.67
CA LYS A 84 2.50 11.52 7.09
C LYS A 84 4.00 11.69 7.31
N SER A 85 4.80 11.17 6.38
CA SER A 85 6.25 11.28 6.48
C SER A 85 6.74 12.58 5.88
N SER A 86 8.06 12.73 5.81
CA SER A 86 8.66 13.95 5.27
C SER A 86 9.51 13.63 4.03
N ASP A 87 9.13 12.57 3.33
CA ASP A 87 9.85 12.16 2.12
C ASP A 87 11.29 11.79 2.46
N ALA A 88 11.50 11.29 3.67
CA ALA A 88 12.83 10.89 4.12
C ALA A 88 13.38 9.77 3.25
N PRO A 1 2.38 7.81 -15.30
CA PRO A 1 3.30 8.70 -16.01
C PRO A 1 4.36 9.29 -15.09
N GLY A 2 3.92 9.81 -13.94
CA GLY A 2 4.84 10.40 -12.99
C GLY A 2 4.67 9.84 -11.59
N SER A 3 5.54 10.26 -10.68
CA SER A 3 5.48 9.79 -9.29
C SER A 3 5.69 10.95 -8.31
N MET A 4 4.59 11.50 -7.82
CA MET A 4 4.65 12.62 -6.88
C MET A 4 4.69 12.10 -5.44
N VAL A 5 4.14 10.91 -5.22
CA VAL A 5 4.11 10.31 -3.89
C VAL A 5 5.52 9.91 -3.45
N SER A 6 5.71 9.82 -2.13
CA SER A 6 7.00 9.46 -1.57
C SER A 6 7.52 8.17 -2.21
N GLU A 7 8.48 8.30 -3.12
CA GLU A 7 9.06 7.16 -3.80
C GLU A 7 9.73 6.21 -2.80
N GLU A 8 10.30 6.78 -1.74
CA GLU A 8 10.97 5.99 -0.72
C GLU A 8 10.01 4.97 -0.11
N ILE A 9 8.84 5.45 0.30
CA ILE A 9 7.84 4.57 0.91
C ILE A 9 7.19 3.68 -0.13
N LYS A 10 7.07 4.19 -1.36
CA LYS A 10 6.47 3.42 -2.45
C LYS A 10 7.12 2.05 -2.58
N ALA A 11 8.44 2.02 -2.42
CA ALA A 11 9.19 0.76 -2.53
C ALA A 11 8.90 -0.15 -1.34
N GLN A 12 8.62 0.47 -0.18
CA GLN A 12 8.33 -0.29 1.03
C GLN A 12 6.91 -0.87 0.98
N VAL A 13 5.96 -0.04 0.58
CA VAL A 13 4.56 -0.47 0.48
C VAL A 13 4.39 -1.55 -0.58
N MET A 14 5.04 -1.34 -1.72
CA MET A 14 4.96 -2.29 -2.82
C MET A 14 5.70 -3.59 -2.49
N GLU A 15 6.82 -3.45 -1.79
CA GLU A 15 7.63 -4.61 -1.40
C GLU A 15 6.89 -5.45 -0.36
N SER A 16 6.16 -4.78 0.52
CA SER A 16 5.41 -5.48 1.56
C SER A 16 4.17 -6.15 0.99
N VAL A 17 3.48 -5.46 0.09
CA VAL A 17 2.28 -6.01 -0.53
C VAL A 17 2.61 -7.25 -1.36
N ILE A 18 3.60 -7.13 -2.24
CA ILE A 18 4.00 -8.24 -3.09
C ILE A 18 4.22 -9.51 -2.27
N GLY A 19 5.03 -9.41 -1.22
CA GLY A 19 5.30 -10.55 -0.37
C GLY A 19 4.12 -10.89 0.53
N CYS A 20 3.27 -9.90 0.79
CA CYS A 20 2.12 -10.09 1.66
C CYS A 20 1.16 -11.11 1.05
N LEU A 21 0.81 -10.90 -0.22
CA LEU A 21 -0.11 -11.80 -0.92
C LEU A 21 0.66 -12.69 -1.90
N LYS A 22 1.98 -12.59 -1.89
CA LYS A 22 2.81 -13.39 -2.78
C LYS A 22 2.34 -13.27 -4.23
N LEU A 23 2.89 -12.29 -4.94
CA LEU A 23 2.52 -12.08 -6.34
C LEU A 23 3.50 -12.80 -7.27
N ASN A 24 3.04 -13.07 -8.49
CA ASN A 24 3.88 -13.75 -9.47
C ASN A 24 4.46 -12.74 -10.47
N ASP A 25 5.16 -13.26 -11.48
CA ASP A 25 5.77 -12.42 -12.50
C ASP A 25 4.71 -11.63 -13.26
N GLU A 26 3.61 -12.29 -13.59
CA GLU A 26 2.52 -11.65 -14.32
C GLU A 26 1.89 -10.54 -13.49
N GLN A 27 1.49 -10.88 -12.27
CA GLN A 27 0.87 -9.91 -11.38
C GLN A 27 1.76 -8.68 -11.21
N LYS A 28 3.06 -8.91 -11.09
CA LYS A 28 4.02 -7.82 -10.93
C LYS A 28 4.19 -7.04 -12.24
N GLN A 29 3.91 -7.72 -13.35
CA GLN A 29 4.03 -7.09 -14.67
C GLN A 29 2.74 -6.36 -15.05
N ILE A 30 1.67 -6.66 -14.34
CA ILE A 30 0.38 -6.03 -14.59
C ILE A 30 -0.06 -5.17 -13.42
N LEU A 31 0.90 -4.76 -12.60
CA LEU A 31 0.61 -3.92 -11.43
C LEU A 31 0.78 -2.45 -11.77
N SER A 32 0.08 -1.60 -11.02
CA SER A 32 0.15 -0.15 -11.22
C SER A 32 -0.24 0.60 -9.96
N GLY A 33 0.18 1.86 -9.87
CA GLY A 33 -0.13 2.67 -8.72
C GLY A 33 -1.62 2.92 -8.57
N THR A 34 -2.32 3.03 -9.69
CA THR A 34 -3.75 3.28 -9.69
C THR A 34 -4.53 1.98 -9.87
N THR A 35 -4.05 0.91 -9.24
CA THR A 35 -4.70 -0.39 -9.34
C THR A 35 -4.99 -0.96 -7.95
N ASN A 36 -6.27 -0.98 -7.58
CA ASN A 36 -6.68 -1.49 -6.27
C ASN A 36 -6.20 -2.92 -6.08
N LEU A 37 -5.17 -3.09 -5.25
CA LEU A 37 -4.61 -4.41 -4.98
C LEU A 37 -5.60 -5.27 -4.21
N ALA A 38 -6.66 -4.64 -3.69
CA ALA A 38 -7.69 -5.35 -2.94
C ALA A 38 -8.73 -5.95 -3.87
N LYS A 39 -9.18 -5.16 -4.83
CA LYS A 39 -10.19 -5.61 -5.78
C LYS A 39 -9.54 -6.34 -6.95
N ASP A 40 -8.54 -5.71 -7.57
CA ASP A 40 -7.84 -6.31 -8.69
C ASP A 40 -7.37 -7.73 -8.35
N PHE A 41 -6.49 -7.83 -7.37
CA PHE A 41 -5.96 -9.13 -6.96
C PHE A 41 -6.97 -9.87 -6.08
N ASN A 42 -8.09 -9.21 -5.78
CA ASN A 42 -9.13 -9.79 -4.95
C ASN A 42 -8.55 -10.33 -3.64
N LEU A 43 -7.99 -9.43 -2.84
CA LEU A 43 -7.40 -9.82 -1.56
C LEU A 43 -8.47 -10.16 -0.55
N ASP A 44 -8.11 -10.97 0.44
CA ASP A 44 -9.04 -11.38 1.48
C ASP A 44 -8.97 -10.44 2.68
N SER A 45 -10.06 -10.37 3.43
CA SER A 45 -10.12 -9.50 4.60
C SER A 45 -8.95 -9.77 5.55
N LEU A 46 -8.46 -11.00 5.52
CA LEU A 46 -7.34 -11.40 6.37
C LEU A 46 -6.04 -10.79 5.87
N ASP A 47 -5.78 -10.92 4.58
CA ASP A 47 -4.57 -10.38 3.97
C ASP A 47 -4.47 -8.88 4.22
N PHE A 48 -5.56 -8.16 3.93
CA PHE A 48 -5.59 -6.72 4.11
C PHE A 48 -5.13 -6.34 5.52
N VAL A 49 -5.67 -7.03 6.53
CA VAL A 49 -5.32 -6.77 7.92
C VAL A 49 -3.81 -6.79 8.12
N ASP A 50 -3.18 -7.88 7.67
CA ASP A 50 -1.74 -8.03 7.80
C ASP A 50 -1.01 -6.95 7.02
N LEU A 51 -1.61 -6.51 5.92
CA LEU A 51 -1.01 -5.47 5.08
C LEU A 51 -0.95 -4.14 5.83
N ILE A 52 -2.12 -3.66 6.25
CA ILE A 52 -2.19 -2.40 6.97
C ILE A 52 -1.36 -2.44 8.25
N MET A 53 -1.36 -3.59 8.92
CA MET A 53 -0.60 -3.75 10.15
C MET A 53 0.90 -3.75 9.86
N SER A 54 1.28 -4.43 8.79
CA SER A 54 2.70 -4.52 8.41
C SER A 54 3.26 -3.13 8.13
N LEU A 55 2.60 -2.38 7.26
CA LEU A 55 3.05 -1.04 6.91
C LEU A 55 2.95 -0.10 8.12
N GLU A 56 1.89 -0.27 8.91
CA GLU A 56 1.69 0.56 10.09
C GLU A 56 2.90 0.49 11.02
N GLU A 57 3.31 -0.73 11.36
CA GLU A 57 4.45 -0.94 12.24
C GLU A 57 5.76 -0.59 11.53
N ARG A 58 5.78 -0.81 10.22
CA ARG A 58 6.97 -0.53 9.42
C ARG A 58 7.39 0.93 9.55
N PHE A 59 6.45 1.84 9.28
CA PHE A 59 6.71 3.27 9.37
C PHE A 59 6.17 3.84 10.68
N SER A 60 5.78 2.96 11.58
CA SER A 60 5.24 3.37 12.87
C SER A 60 4.11 4.38 12.69
N LEU A 61 3.41 4.27 11.57
CA LEU A 61 2.30 5.17 11.27
C LEU A 61 1.07 4.81 12.09
N GLU A 62 0.20 5.79 12.31
CA GLU A 62 -1.02 5.58 13.08
C GLU A 62 -2.24 5.50 12.16
N ILE A 63 -2.62 4.28 11.80
CA ILE A 63 -3.77 4.06 10.92
C ILE A 63 -4.99 3.62 11.72
N SER A 64 -6.16 4.12 11.33
CA SER A 64 -7.39 3.78 12.02
C SER A 64 -8.30 2.95 11.11
N ASP A 65 -9.54 2.74 11.54
CA ASP A 65 -10.50 1.96 10.78
C ASP A 65 -11.05 2.79 9.62
N GLU A 66 -11.37 4.05 9.89
CA GLU A 66 -11.91 4.94 8.87
C GLU A 66 -10.83 5.37 7.89
N ASP A 67 -9.59 5.48 8.39
CA ASP A 67 -8.47 5.89 7.56
C ASP A 67 -8.29 4.94 6.39
N ALA A 68 -8.34 3.63 6.66
CA ALA A 68 -8.18 2.62 5.63
C ALA A 68 -9.40 2.60 4.71
N GLN A 69 -10.52 3.10 5.20
CA GLN A 69 -11.76 3.12 4.42
C GLN A 69 -11.54 3.86 3.09
N LYS A 70 -10.55 4.74 3.07
CA LYS A 70 -10.25 5.50 1.86
C LYS A 70 -8.90 5.08 1.28
N LEU A 71 -8.36 3.98 1.80
CA LEU A 71 -7.07 3.48 1.33
C LEU A 71 -7.22 2.08 0.76
N GLU A 72 -7.35 1.99 -0.57
CA GLU A 72 -7.50 0.71 -1.25
C GLU A 72 -6.48 0.56 -2.36
N THR A 73 -6.22 1.67 -3.07
CA THR A 73 -5.26 1.66 -4.17
C THR A 73 -3.86 2.00 -3.68
N VAL A 74 -2.86 1.62 -4.46
CA VAL A 74 -1.46 1.88 -4.10
C VAL A 74 -1.21 3.38 -3.94
N ASP A 75 -1.64 4.15 -4.93
CA ASP A 75 -1.46 5.60 -4.89
C ASP A 75 -2.10 6.19 -3.64
N ASP A 76 -3.31 5.75 -3.34
CA ASP A 76 -4.03 6.25 -2.16
C ASP A 76 -3.29 5.89 -0.88
N ILE A 77 -2.92 4.62 -0.76
CA ILE A 77 -2.20 4.14 0.42
C ILE A 77 -0.88 4.87 0.59
N CYS A 78 -0.05 4.83 -0.45
CA CYS A 78 1.25 5.49 -0.42
C CYS A 78 1.09 6.98 -0.15
N ARG A 79 0.02 7.56 -0.65
CA ARG A 79 -0.25 8.98 -0.46
C ARG A 79 -0.55 9.29 1.00
N TYR A 80 -1.35 8.43 1.62
CA TYR A 80 -1.72 8.60 3.03
C TYR A 80 -0.51 8.42 3.94
N ILE A 81 0.34 7.46 3.60
CA ILE A 81 1.54 7.19 4.38
C ILE A 81 2.60 8.26 4.16
N ALA A 82 2.80 8.63 2.90
CA ALA A 82 3.79 9.65 2.55
C ALA A 82 3.45 10.98 3.20
N SER A 83 2.18 11.38 3.10
CA SER A 83 1.73 12.64 3.66
C SER A 83 2.07 12.73 5.15
N LYS A 84 2.18 11.57 5.79
CA LYS A 84 2.51 11.51 7.21
C LYS A 84 4.01 11.67 7.42
N SER A 85 4.79 10.88 6.71
CA SER A 85 6.25 10.93 6.82
C SER A 85 6.76 12.35 6.65
N SER A 86 6.05 13.13 5.83
CA SER A 86 6.44 14.51 5.57
C SER A 86 6.54 15.30 6.88
N ASP A 87 5.72 14.93 7.86
CA ASP A 87 5.72 15.59 9.15
C ASP A 87 6.00 14.60 10.28
N ALA A 88 7.19 14.01 10.24
CA ALA A 88 7.58 13.04 11.26
C ALA A 88 8.21 13.73 12.46
N PRO A 1 8.55 18.81 -12.93
CA PRO A 1 7.66 18.32 -11.88
C PRO A 1 8.30 17.20 -11.08
N GLY A 2 8.35 17.38 -9.75
CA GLY A 2 8.93 16.37 -8.89
C GLY A 2 7.91 15.39 -8.37
N SER A 3 8.30 14.12 -8.29
CA SER A 3 7.41 13.07 -7.81
C SER A 3 6.83 13.42 -6.44
N MET A 4 5.56 13.81 -6.44
CA MET A 4 4.88 14.18 -5.20
C MET A 4 4.84 13.01 -4.23
N VAL A 5 4.74 11.80 -4.78
CA VAL A 5 4.68 10.59 -3.96
C VAL A 5 6.05 10.27 -3.36
N SER A 6 6.05 9.66 -2.18
CA SER A 6 7.29 9.30 -1.51
C SER A 6 7.89 8.04 -2.11
N GLU A 7 8.76 8.22 -3.09
CA GLU A 7 9.41 7.10 -3.76
C GLU A 7 10.07 6.17 -2.74
N GLU A 8 10.49 6.75 -1.62
CA GLU A 8 11.14 5.97 -0.57
C GLU A 8 10.18 4.96 0.04
N ILE A 9 9.02 5.44 0.46
CA ILE A 9 8.00 4.58 1.06
C ILE A 9 7.34 3.71 0.00
N LYS A 10 7.21 4.24 -1.21
CA LYS A 10 6.59 3.50 -2.31
C LYS A 10 7.24 2.13 -2.47
N ALA A 11 8.56 2.09 -2.34
CA ALA A 11 9.31 0.84 -2.47
C ALA A 11 9.03 -0.09 -1.30
N GLN A 12 8.76 0.49 -0.13
CA GLN A 12 8.48 -0.30 1.06
C GLN A 12 7.07 -0.88 1.02
N VAL A 13 6.10 -0.04 0.62
CA VAL A 13 4.72 -0.47 0.53
C VAL A 13 4.53 -1.53 -0.54
N MET A 14 5.19 -1.33 -1.68
CA MET A 14 5.11 -2.27 -2.79
C MET A 14 5.87 -3.56 -2.47
N GLU A 15 7.02 -3.41 -1.81
CA GLU A 15 7.84 -4.56 -1.45
C GLU A 15 7.13 -5.43 -0.41
N SER A 16 6.40 -4.79 0.49
CA SER A 16 5.68 -5.50 1.53
C SER A 16 4.45 -6.20 0.96
N VAL A 17 3.65 -5.45 0.20
CA VAL A 17 2.44 -6.00 -0.39
C VAL A 17 2.76 -7.21 -1.26
N ILE A 18 3.73 -7.07 -2.15
CA ILE A 18 4.13 -8.16 -3.03
C ILE A 18 4.33 -9.45 -2.25
N GLY A 19 5.10 -9.38 -1.18
CA GLY A 19 5.37 -10.54 -0.36
C GLY A 19 4.17 -10.91 0.52
N CYS A 20 3.32 -9.94 0.79
CA CYS A 20 2.14 -10.16 1.63
C CYS A 20 1.18 -11.14 0.95
N LEU A 21 0.87 -10.88 -0.33
CA LEU A 21 -0.04 -11.73 -1.08
C LEU A 21 0.74 -12.59 -2.08
N LYS A 22 2.05 -12.49 -2.04
CA LYS A 22 2.92 -13.26 -2.93
C LYS A 22 2.44 -13.14 -4.38
N LEU A 23 2.96 -12.13 -5.07
CA LEU A 23 2.59 -11.90 -6.47
C LEU A 23 3.54 -12.65 -7.41
N ASN A 24 3.15 -12.74 -8.68
CA ASN A 24 3.96 -13.42 -9.68
C ASN A 24 4.52 -12.43 -10.70
N ASP A 25 5.13 -12.96 -11.76
CA ASP A 25 5.69 -12.12 -12.81
C ASP A 25 4.60 -11.38 -13.57
N GLU A 26 3.44 -12.03 -13.72
CA GLU A 26 2.31 -11.43 -14.42
C GLU A 26 1.68 -10.32 -13.59
N GLN A 27 1.40 -10.62 -12.32
CA GLN A 27 0.80 -9.65 -11.43
C GLN A 27 1.67 -8.41 -11.29
N LYS A 28 2.97 -8.64 -11.13
CA LYS A 28 3.93 -7.54 -10.98
C LYS A 28 4.05 -6.74 -12.28
N GLN A 29 3.73 -7.39 -13.39
CA GLN A 29 3.80 -6.75 -14.70
C GLN A 29 2.51 -6.00 -15.01
N ILE A 30 1.40 -6.50 -14.47
CA ILE A 30 0.10 -5.89 -14.68
C ILE A 30 -0.33 -5.04 -13.49
N LEU A 31 0.66 -4.65 -12.67
CA LEU A 31 0.40 -3.84 -11.49
C LEU A 31 0.51 -2.35 -11.82
N SER A 32 -0.19 -1.53 -11.04
CA SER A 32 -0.17 -0.08 -11.24
C SER A 32 -0.57 0.66 -9.97
N GLY A 33 -0.17 1.92 -9.87
CA GLY A 33 -0.51 2.71 -8.70
C GLY A 33 -1.99 2.95 -8.58
N THR A 34 -2.67 3.03 -9.72
CA THR A 34 -4.11 3.28 -9.72
C THR A 34 -4.89 1.98 -9.92
N THR A 35 -4.41 0.90 -9.29
CA THR A 35 -5.05 -0.40 -9.39
C THR A 35 -5.38 -0.96 -8.01
N ASN A 36 -6.66 -0.94 -7.66
CA ASN A 36 -7.10 -1.45 -6.37
C ASN A 36 -6.61 -2.89 -6.16
N LEU A 37 -5.59 -3.04 -5.32
CA LEU A 37 -5.03 -4.35 -5.02
C LEU A 37 -6.02 -5.21 -4.26
N ALA A 38 -7.08 -4.57 -3.75
CA ALA A 38 -8.11 -5.29 -3.00
C ALA A 38 -9.11 -5.96 -3.93
N LYS A 39 -9.59 -5.21 -4.93
CA LYS A 39 -10.55 -5.73 -5.89
C LYS A 39 -9.84 -6.45 -7.03
N ASP A 40 -8.86 -5.79 -7.62
CA ASP A 40 -8.10 -6.38 -8.72
C ASP A 40 -7.60 -7.77 -8.35
N PHE A 41 -6.72 -7.84 -7.35
CA PHE A 41 -6.17 -9.11 -6.90
C PHE A 41 -7.16 -9.86 -6.02
N ASN A 42 -8.30 -9.23 -5.77
CA ASN A 42 -9.34 -9.83 -4.93
C ASN A 42 -8.77 -10.29 -3.60
N LEU A 43 -7.93 -9.44 -3.00
CA LEU A 43 -7.31 -9.76 -1.72
C LEU A 43 -8.37 -10.10 -0.67
N ASP A 44 -8.02 -11.00 0.24
CA ASP A 44 -8.94 -11.42 1.29
C ASP A 44 -8.91 -10.44 2.46
N SER A 45 -9.98 -10.39 3.23
CA SER A 45 -10.07 -9.50 4.38
C SER A 45 -8.90 -9.71 5.33
N LEU A 46 -8.36 -10.92 5.32
CA LEU A 46 -7.23 -11.26 6.18
C LEU A 46 -5.96 -10.61 5.68
N ASP A 47 -5.68 -10.74 4.40
CA ASP A 47 -4.48 -10.16 3.79
C ASP A 47 -4.43 -8.66 4.04
N PHE A 48 -5.54 -7.98 3.77
CA PHE A 48 -5.62 -6.54 3.96
C PHE A 48 -5.21 -6.16 5.38
N VAL A 49 -5.67 -6.94 6.35
CA VAL A 49 -5.35 -6.68 7.75
C VAL A 49 -3.85 -6.68 7.98
N ASP A 50 -3.18 -7.75 7.57
CA ASP A 50 -1.74 -7.88 7.74
C ASP A 50 -1.02 -6.79 6.94
N LEU A 51 -1.63 -6.34 5.86
CA LEU A 51 -1.05 -5.31 5.02
C LEU A 51 -0.96 -3.97 5.77
N ILE A 52 -2.10 -3.48 6.22
CA ILE A 52 -2.15 -2.23 6.96
C ILE A 52 -1.34 -2.31 8.24
N MET A 53 -1.40 -3.45 8.91
CA MET A 53 -0.66 -3.67 10.15
C MET A 53 0.84 -3.70 9.89
N SER A 54 1.23 -4.36 8.80
CA SER A 54 2.64 -4.48 8.45
C SER A 54 3.25 -3.11 8.18
N LEU A 55 2.61 -2.34 7.32
CA LEU A 55 3.08 -1.00 6.97
C LEU A 55 2.98 -0.06 8.18
N GLU A 56 1.91 -0.23 8.96
CA GLU A 56 1.69 0.59 10.14
C GLU A 56 2.88 0.49 11.11
N GLU A 57 3.24 -0.74 11.45
CA GLU A 57 4.35 -0.99 12.35
C GLU A 57 5.68 -0.66 11.69
N ARG A 58 5.76 -0.89 10.39
CA ARG A 58 6.98 -0.62 9.63
C ARG A 58 7.40 0.84 9.78
N PHE A 59 6.52 1.75 9.36
CA PHE A 59 6.79 3.18 9.43
C PHE A 59 6.24 3.76 10.73
N SER A 60 5.82 2.90 11.63
CA SER A 60 5.26 3.33 12.91
C SER A 60 4.15 4.36 12.70
N LEU A 61 3.47 4.26 11.57
CA LEU A 61 2.38 5.17 11.25
C LEU A 61 1.14 4.87 12.07
N GLU A 62 0.28 5.86 12.25
CA GLU A 62 -0.95 5.69 13.00
C GLU A 62 -2.16 5.63 12.08
N ILE A 63 -2.57 4.42 11.72
CA ILE A 63 -3.71 4.22 10.84
C ILE A 63 -4.95 3.82 11.63
N SER A 64 -6.11 4.33 11.20
CA SER A 64 -7.37 4.03 11.87
C SER A 64 -8.26 3.17 10.99
N ASP A 65 -9.49 2.97 11.43
CA ASP A 65 -10.45 2.16 10.67
C ASP A 65 -11.04 2.96 9.51
N GLU A 66 -11.27 4.25 9.74
CA GLU A 66 -11.83 5.12 8.71
C GLU A 66 -10.79 5.46 7.66
N ASP A 67 -9.56 5.71 8.11
CA ASP A 67 -8.46 6.05 7.21
C ASP A 67 -8.33 5.01 6.10
N ALA A 68 -8.31 3.74 6.50
CA ALA A 68 -8.18 2.64 5.55
C ALA A 68 -9.44 2.48 4.71
N GLN A 69 -10.55 2.98 5.24
CA GLN A 69 -11.83 2.90 4.54
C GLN A 69 -11.75 3.59 3.18
N LYS A 70 -10.79 4.49 3.04
CA LYS A 70 -10.61 5.23 1.79
C LYS A 70 -9.36 4.75 1.07
N LEU A 71 -8.47 4.07 1.78
CA LEU A 71 -7.23 3.56 1.21
C LEU A 71 -7.45 2.19 0.58
N GLU A 72 -7.72 2.17 -0.72
CA GLU A 72 -7.95 0.92 -1.43
C GLU A 72 -6.93 0.74 -2.56
N THR A 73 -6.52 1.86 -3.16
CA THR A 73 -5.55 1.83 -4.24
C THR A 73 -4.14 2.09 -3.73
N VAL A 74 -3.15 1.58 -4.45
CA VAL A 74 -1.75 1.75 -4.07
C VAL A 74 -1.42 3.23 -3.91
N ASP A 75 -1.73 4.02 -4.93
CA ASP A 75 -1.46 5.45 -4.91
C ASP A 75 -2.03 6.09 -3.65
N ASP A 76 -3.31 5.81 -3.38
CA ASP A 76 -3.97 6.36 -2.20
C ASP A 76 -3.23 5.97 -0.92
N ILE A 77 -2.92 4.68 -0.79
CA ILE A 77 -2.22 4.19 0.39
C ILE A 77 -0.87 4.87 0.54
N CYS A 78 -0.04 4.78 -0.50
CA CYS A 78 1.29 5.39 -0.48
C CYS A 78 1.19 6.88 -0.18
N ARG A 79 0.23 7.56 -0.81
CA ARG A 79 0.04 8.99 -0.61
C ARG A 79 -0.26 9.29 0.86
N TYR A 80 -1.11 8.47 1.46
CA TYR A 80 -1.48 8.66 2.87
C TYR A 80 -0.28 8.46 3.78
N ILE A 81 0.53 7.46 3.47
CA ILE A 81 1.72 7.16 4.26
C ILE A 81 2.80 8.22 4.06
N ALA A 82 2.89 8.74 2.84
CA ALA A 82 3.88 9.75 2.51
C ALA A 82 3.54 11.08 3.19
N SER A 83 2.27 11.48 3.10
CA SER A 83 1.81 12.73 3.69
C SER A 83 2.16 12.78 5.18
N LYS A 84 2.28 11.60 5.79
CA LYS A 84 2.61 11.50 7.21
C LYS A 84 4.11 11.61 7.43
N SER A 85 4.88 11.07 6.49
CA SER A 85 6.33 11.09 6.58
C SER A 85 6.87 12.50 6.33
N SER A 86 8.18 12.62 6.20
CA SER A 86 8.82 13.91 5.97
C SER A 86 8.55 14.40 4.55
N ASP A 87 8.30 13.47 3.65
CA ASP A 87 8.02 13.81 2.25
C ASP A 87 9.19 14.58 1.64
N ALA A 88 10.40 14.28 2.11
CA ALA A 88 11.60 14.94 1.62
C ALA A 88 11.86 14.57 0.15
N PRO A 1 1.25 11.55 -11.90
CA PRO A 1 0.43 12.14 -10.83
C PRO A 1 1.23 13.08 -9.94
N GLY A 2 2.21 13.75 -10.53
CA GLY A 2 3.04 14.68 -9.78
C GLY A 2 4.23 14.01 -9.14
N SER A 3 4.82 14.67 -8.15
CA SER A 3 5.98 14.13 -7.44
C SER A 3 5.83 14.29 -5.93
N MET A 4 4.60 14.16 -5.46
CA MET A 4 4.31 14.29 -4.03
C MET A 4 4.54 12.97 -3.31
N VAL A 5 4.12 11.87 -3.95
CA VAL A 5 4.28 10.55 -3.37
C VAL A 5 5.71 10.30 -2.93
N SER A 6 5.88 9.59 -1.83
CA SER A 6 7.20 9.28 -1.30
C SER A 6 7.78 8.03 -1.95
N GLU A 7 8.76 8.23 -2.84
CA GLU A 7 9.39 7.12 -3.54
C GLU A 7 10.06 6.16 -2.55
N GLU A 8 10.57 6.71 -1.46
CA GLU A 8 11.23 5.91 -0.44
C GLU A 8 10.27 4.89 0.16
N ILE A 9 9.10 5.36 0.59
CA ILE A 9 8.10 4.49 1.17
C ILE A 9 7.43 3.62 0.12
N LYS A 10 7.32 4.16 -1.10
CA LYS A 10 6.70 3.43 -2.20
C LYS A 10 7.34 2.05 -2.36
N ALA A 11 8.64 1.98 -2.20
CA ALA A 11 9.36 0.72 -2.32
C ALA A 11 9.05 -0.21 -1.16
N GLN A 12 8.79 0.38 0.01
CA GLN A 12 8.47 -0.39 1.21
C GLN A 12 7.04 -0.94 1.14
N VAL A 13 6.11 -0.09 0.75
CA VAL A 13 4.71 -0.48 0.64
C VAL A 13 4.52 -1.53 -0.46
N MET A 14 5.18 -1.31 -1.60
CA MET A 14 5.09 -2.23 -2.72
C MET A 14 5.79 -3.54 -2.41
N GLU A 15 6.92 -3.45 -1.71
CA GLU A 15 7.69 -4.63 -1.34
C GLU A 15 6.95 -5.48 -0.32
N SER A 16 6.23 -4.81 0.58
CA SER A 16 5.47 -5.51 1.62
C SER A 16 4.22 -6.14 1.04
N VAL A 17 3.53 -5.42 0.17
CA VAL A 17 2.32 -5.92 -0.46
C VAL A 17 2.61 -7.13 -1.33
N ILE A 18 3.58 -7.00 -2.22
CA ILE A 18 3.96 -8.10 -3.10
C ILE A 18 4.17 -9.39 -2.32
N GLY A 19 4.99 -9.33 -1.29
CA GLY A 19 5.25 -10.51 -0.48
C GLY A 19 4.09 -10.85 0.43
N CYS A 20 3.26 -9.86 0.73
CA CYS A 20 2.10 -10.07 1.60
C CYS A 20 1.12 -11.05 0.97
N LEU A 21 0.77 -10.79 -0.28
CA LEU A 21 -0.17 -11.65 -1.00
C LEU A 21 0.55 -12.51 -2.03
N LYS A 22 1.87 -12.42 -2.03
CA LYS A 22 2.69 -13.20 -2.97
C LYS A 22 2.21 -13.01 -4.40
N LEU A 23 2.79 -12.02 -5.08
CA LEU A 23 2.42 -11.73 -6.47
C LEU A 23 3.40 -12.39 -7.43
N ASN A 24 3.04 -12.39 -8.71
CA ASN A 24 3.88 -12.99 -9.75
C ASN A 24 4.38 -11.92 -10.72
N ASP A 25 5.07 -12.36 -11.77
CA ASP A 25 5.61 -11.45 -12.77
C ASP A 25 4.48 -10.73 -13.50
N GLU A 26 3.37 -11.42 -13.71
CA GLU A 26 2.22 -10.85 -14.39
C GLU A 26 1.51 -9.84 -13.50
N GLN A 27 1.25 -10.24 -12.25
CA GLN A 27 0.56 -9.37 -11.30
C GLN A 27 1.34 -8.09 -11.09
N LYS A 28 2.66 -8.17 -11.15
CA LYS A 28 3.53 -7.01 -10.97
C LYS A 28 3.51 -6.12 -12.21
N GLN A 29 3.15 -6.70 -13.34
CA GLN A 29 3.09 -5.97 -14.60
C GLN A 29 1.70 -5.36 -14.81
N ILE A 30 0.69 -6.04 -14.29
CA ILE A 30 -0.69 -5.57 -14.42
C ILE A 30 -1.10 -4.73 -13.22
N LEU A 31 -0.11 -4.23 -12.47
CA LEU A 31 -0.37 -3.42 -11.30
C LEU A 31 -0.28 -1.93 -11.63
N SER A 32 -0.95 -1.11 -10.84
CA SER A 32 -0.95 0.34 -11.06
C SER A 32 -1.39 1.08 -9.80
N GLY A 33 -1.03 2.36 -9.73
CA GLY A 33 -1.40 3.16 -8.57
C GLY A 33 -2.89 3.33 -8.43
N THR A 34 -3.62 3.10 -9.52
CA THR A 34 -5.07 3.23 -9.51
C THR A 34 -5.74 1.89 -9.72
N THR A 35 -5.18 0.84 -9.11
CA THR A 35 -5.73 -0.50 -9.23
C THR A 35 -6.04 -1.10 -7.86
N ASN A 36 -7.33 -1.25 -7.57
CA ASN A 36 -7.76 -1.81 -6.29
C ASN A 36 -7.12 -3.17 -6.05
N LEU A 37 -6.12 -3.20 -5.17
CA LEU A 37 -5.42 -4.44 -4.85
C LEU A 37 -6.34 -5.40 -4.09
N ALA A 38 -7.45 -4.87 -3.59
CA ALA A 38 -8.41 -5.68 -2.85
C ALA A 38 -9.37 -6.39 -3.79
N LYS A 39 -9.86 -5.66 -4.79
CA LYS A 39 -10.79 -6.24 -5.76
C LYS A 39 -10.03 -6.95 -6.88
N ASP A 40 -9.07 -6.25 -7.48
CA ASP A 40 -8.28 -6.83 -8.56
C ASP A 40 -7.70 -8.17 -8.15
N PHE A 41 -6.85 -8.16 -7.13
CA PHE A 41 -6.23 -9.39 -6.65
C PHE A 41 -7.19 -10.18 -5.78
N ASN A 42 -8.38 -9.62 -5.55
CA ASN A 42 -9.39 -10.28 -4.73
C ASN A 42 -8.81 -10.67 -3.37
N LEU A 43 -8.09 -9.75 -2.74
CA LEU A 43 -7.50 -10.01 -1.44
C LEU A 43 -8.56 -10.35 -0.40
N ASP A 44 -8.16 -11.09 0.62
CA ASP A 44 -9.09 -11.48 1.68
C ASP A 44 -9.00 -10.50 2.86
N SER A 45 -10.08 -10.44 3.63
CA SER A 45 -10.13 -9.54 4.79
C SER A 45 -8.94 -9.78 5.71
N LEU A 46 -8.41 -11.00 5.70
CA LEU A 46 -7.27 -11.35 6.53
C LEU A 46 -5.99 -10.73 5.99
N ASP A 47 -5.76 -10.90 4.69
CA ASP A 47 -4.57 -10.35 4.04
C ASP A 47 -4.48 -8.84 4.26
N PHE A 48 -5.58 -8.14 3.98
CA PHE A 48 -5.63 -6.69 4.14
C PHE A 48 -5.18 -6.28 5.54
N VAL A 49 -5.75 -6.94 6.55
CA VAL A 49 -5.40 -6.65 7.94
C VAL A 49 -3.90 -6.72 8.16
N ASP A 50 -3.29 -7.83 7.74
CA ASP A 50 -1.86 -8.03 7.89
C ASP A 50 -1.08 -6.96 7.12
N LEU A 51 -1.66 -6.50 6.02
CA LEU A 51 -1.02 -5.49 5.19
C LEU A 51 -0.96 -4.14 5.92
N ILE A 52 -2.12 -3.64 6.31
CA ILE A 52 -2.20 -2.36 7.03
C ILE A 52 -1.39 -2.41 8.32
N MET A 53 -1.42 -3.56 9.00
CA MET A 53 -0.68 -3.72 10.24
C MET A 53 0.82 -3.75 9.98
N SER A 54 1.22 -4.42 8.90
CA SER A 54 2.63 -4.53 8.55
C SER A 54 3.23 -3.15 8.28
N LEU A 55 2.60 -2.39 7.39
CA LEU A 55 3.07 -1.06 7.06
C LEU A 55 2.95 -0.11 8.26
N GLU A 56 1.86 -0.25 9.01
CA GLU A 56 1.63 0.57 10.18
C GLU A 56 2.80 0.48 11.16
N GLU A 57 3.16 -0.75 11.51
CA GLU A 57 4.27 -0.98 12.45
C GLU A 57 5.61 -0.67 11.79
N ARG A 58 5.69 -0.89 10.49
CA ARG A 58 6.91 -0.64 9.74
C ARG A 58 7.35 0.81 9.90
N PHE A 59 6.45 1.73 9.57
CA PHE A 59 6.74 3.16 9.66
C PHE A 59 6.16 3.75 10.95
N SER A 60 5.72 2.86 11.84
CA SER A 60 5.13 3.30 13.10
C SER A 60 4.04 4.34 12.88
N LEU A 61 3.37 4.24 11.73
CA LEU A 61 2.30 5.17 11.38
C LEU A 61 1.03 4.85 12.16
N GLU A 62 0.18 5.85 12.33
CA GLU A 62 -1.07 5.67 13.06
C GLU A 62 -2.26 5.59 12.09
N ILE A 63 -2.64 4.38 11.73
CA ILE A 63 -3.75 4.17 10.82
C ILE A 63 -5.01 3.75 11.57
N SER A 64 -6.15 4.29 11.15
CA SER A 64 -7.43 3.98 11.78
C SER A 64 -8.33 3.19 10.84
N ASP A 65 -9.58 3.00 11.24
CA ASP A 65 -10.54 2.26 10.42
C ASP A 65 -11.05 3.12 9.28
N GLU A 66 -11.19 4.42 9.52
CA GLU A 66 -11.67 5.34 8.51
C GLU A 66 -10.58 5.63 7.48
N ASP A 67 -9.36 5.82 7.96
CA ASP A 67 -8.23 6.10 7.08
C ASP A 67 -8.08 5.02 6.01
N ALA A 68 -8.03 3.76 6.46
CA ALA A 68 -7.89 2.64 5.54
C ALA A 68 -9.16 2.43 4.73
N GLN A 69 -10.28 2.92 5.27
CA GLN A 69 -11.57 2.77 4.60
C GLN A 69 -11.54 3.42 3.21
N LYS A 70 -10.58 4.32 3.01
CA LYS A 70 -10.44 5.01 1.73
C LYS A 70 -9.20 4.53 0.99
N LEU A 71 -8.30 3.89 1.72
CA LEU A 71 -7.06 3.38 1.12
C LEU A 71 -7.28 1.98 0.54
N GLU A 72 -7.62 1.93 -0.74
CA GLU A 72 -7.85 0.66 -1.41
C GLU A 72 -6.94 0.51 -2.63
N THR A 73 -6.19 1.56 -2.92
CA THR A 73 -5.26 1.55 -4.05
C THR A 73 -3.84 1.85 -3.61
N VAL A 74 -2.86 1.38 -4.39
CA VAL A 74 -1.46 1.59 -4.08
C VAL A 74 -1.16 3.08 -3.93
N ASP A 75 -1.51 3.86 -4.95
CA ASP A 75 -1.26 5.30 -4.93
C ASP A 75 -1.89 5.94 -3.70
N ASP A 76 -3.13 5.57 -3.41
CA ASP A 76 -3.84 6.11 -2.25
C ASP A 76 -3.13 5.74 -0.96
N ILE A 77 -2.82 4.46 -0.80
CA ILE A 77 -2.14 3.98 0.39
C ILE A 77 -0.80 4.69 0.58
N CYS A 78 0.05 4.61 -0.45
CA CYS A 78 1.36 5.25 -0.39
C CYS A 78 1.23 6.75 -0.14
N ARG A 79 0.28 7.38 -0.82
CA ARG A 79 0.05 8.81 -0.66
C ARG A 79 -0.29 9.16 0.78
N TYR A 80 -1.09 8.30 1.41
CA TYR A 80 -1.50 8.51 2.80
C TYR A 80 -0.32 8.36 3.75
N ILE A 81 0.51 7.35 3.49
CA ILE A 81 1.67 7.08 4.32
C ILE A 81 2.74 8.16 4.12
N ALA A 82 2.89 8.63 2.89
CA ALA A 82 3.86 9.65 2.57
C ALA A 82 3.48 10.99 3.20
N SER A 83 2.20 11.36 3.06
CA SER A 83 1.72 12.62 3.61
C SER A 83 2.02 12.72 5.10
N LYS A 84 2.13 11.57 5.75
CA LYS A 84 2.42 11.52 7.18
C LYS A 84 3.90 11.76 7.44
N SER A 85 4.75 11.11 6.65
CA SER A 85 6.20 11.27 6.80
C SER A 85 6.61 12.72 6.70
N SER A 86 6.21 13.38 5.61
CA SER A 86 6.53 14.78 5.39
C SER A 86 6.08 15.64 6.57
N ASP A 87 4.76 15.78 6.71
CA ASP A 87 4.19 16.57 7.80
C ASP A 87 4.63 16.03 9.16
N ALA A 88 4.41 16.82 10.20
CA ALA A 88 4.78 16.42 11.55
C ALA A 88 3.59 15.80 12.29
N PRO A 1 9.02 11.16 -14.98
CA PRO A 1 9.31 11.11 -13.54
C PRO A 1 8.70 12.29 -12.79
N GLY A 2 9.06 12.41 -11.50
CA GLY A 2 8.53 13.49 -10.69
C GLY A 2 7.13 13.21 -10.18
N SER A 3 6.98 13.23 -8.86
CA SER A 3 5.69 12.97 -8.23
C SER A 3 5.74 13.24 -6.73
N MET A 4 4.71 13.91 -6.23
CA MET A 4 4.64 14.24 -4.80
C MET A 4 4.73 12.98 -3.95
N VAL A 5 4.34 11.85 -4.53
CA VAL A 5 4.38 10.57 -3.82
C VAL A 5 5.78 10.28 -3.29
N SER A 6 5.85 9.57 -2.18
CA SER A 6 7.13 9.22 -1.57
C SER A 6 7.70 7.96 -2.21
N GLU A 7 8.71 8.14 -3.06
CA GLU A 7 9.35 7.02 -3.74
C GLU A 7 10.01 6.08 -2.73
N GLU A 8 10.52 6.65 -1.65
CA GLU A 8 11.18 5.86 -0.61
C GLU A 8 10.21 4.86 0.00
N ILE A 9 9.04 5.34 0.42
CA ILE A 9 8.04 4.48 1.03
C ILE A 9 7.37 3.60 -0.02
N LYS A 10 7.26 4.12 -1.23
CA LYS A 10 6.64 3.38 -2.33
C LYS A 10 7.27 1.99 -2.47
N ALA A 11 8.59 1.93 -2.32
CA ALA A 11 9.32 0.66 -2.42
C ALA A 11 9.00 -0.24 -1.24
N GLN A 12 8.74 0.36 -0.09
CA GLN A 12 8.43 -0.40 1.12
C GLN A 12 7.00 -0.95 1.06
N VAL A 13 6.06 -0.11 0.65
CA VAL A 13 4.67 -0.52 0.56
C VAL A 13 4.47 -1.57 -0.53
N MET A 14 5.14 -1.37 -1.65
CA MET A 14 5.04 -2.31 -2.77
C MET A 14 5.75 -3.61 -2.45
N GLU A 15 6.89 -3.51 -1.75
CA GLU A 15 7.67 -4.68 -1.38
C GLU A 15 6.92 -5.51 -0.34
N SER A 16 6.21 -4.84 0.55
CA SER A 16 5.46 -5.52 1.61
C SER A 16 4.20 -6.17 1.04
N VAL A 17 3.51 -5.44 0.16
CA VAL A 17 2.29 -5.95 -0.45
C VAL A 17 2.58 -7.19 -1.31
N ILE A 18 3.53 -7.06 -2.22
CA ILE A 18 3.90 -8.16 -3.10
C ILE A 18 4.11 -9.45 -2.30
N GLY A 19 4.94 -9.37 -1.27
CA GLY A 19 5.22 -10.53 -0.44
C GLY A 19 4.06 -10.87 0.48
N CYS A 20 3.23 -9.88 0.77
CA CYS A 20 2.09 -10.08 1.66
C CYS A 20 1.09 -11.06 1.04
N LEU A 21 0.73 -10.81 -0.22
CA LEU A 21 -0.22 -11.67 -0.91
C LEU A 21 0.50 -12.55 -1.95
N LYS A 22 1.82 -12.47 -1.96
CA LYS A 22 2.63 -13.25 -2.89
C LYS A 22 2.16 -13.04 -4.32
N LEU A 23 2.77 -12.07 -5.00
CA LEU A 23 2.42 -11.77 -6.38
C LEU A 23 3.41 -12.41 -7.35
N ASN A 24 3.12 -12.28 -8.64
CA ASN A 24 3.99 -12.85 -9.67
C ASN A 24 4.55 -11.75 -10.57
N ASP A 25 5.29 -12.16 -11.60
CA ASP A 25 5.89 -11.21 -12.54
C ASP A 25 4.80 -10.45 -13.30
N GLU A 26 3.68 -11.13 -13.56
CA GLU A 26 2.58 -10.52 -14.28
C GLU A 26 1.79 -9.57 -13.38
N GLN A 27 1.42 -10.06 -12.20
CA GLN A 27 0.68 -9.25 -11.25
C GLN A 27 1.39 -7.93 -10.96
N LYS A 28 2.71 -7.93 -11.10
CA LYS A 28 3.51 -6.74 -10.86
C LYS A 28 3.36 -5.75 -12.00
N GLN A 29 3.16 -6.28 -13.22
CA GLN A 29 3.01 -5.43 -14.39
C GLN A 29 1.59 -4.83 -14.45
N ILE A 30 0.59 -5.69 -14.31
CA ILE A 30 -0.80 -5.23 -14.35
C ILE A 30 -1.08 -4.23 -13.24
N LEU A 31 -0.32 -4.33 -12.15
CA LEU A 31 -0.48 -3.43 -11.03
C LEU A 31 -0.45 -1.97 -11.48
N SER A 32 -1.00 -1.08 -10.65
CA SER A 32 -1.03 0.34 -10.97
C SER A 32 -1.48 1.15 -9.77
N GLY A 33 -1.15 2.45 -9.78
CA GLY A 33 -1.53 3.32 -8.68
C GLY A 33 -3.03 3.50 -8.57
N THR A 34 -3.75 3.09 -9.60
CA THR A 34 -5.20 3.21 -9.62
C THR A 34 -5.87 1.85 -9.80
N THR A 35 -5.30 0.84 -9.17
CA THR A 35 -5.84 -0.53 -9.25
C THR A 35 -6.11 -1.10 -7.87
N ASN A 36 -7.38 -1.23 -7.54
CA ASN A 36 -7.79 -1.76 -6.24
C ASN A 36 -7.16 -3.14 -6.00
N LEU A 37 -6.15 -3.19 -5.14
CA LEU A 37 -5.47 -4.45 -4.83
C LEU A 37 -6.38 -5.38 -4.07
N ALA A 38 -7.48 -4.84 -3.54
CA ALA A 38 -8.44 -5.63 -2.78
C ALA A 38 -9.42 -6.34 -3.71
N LYS A 39 -9.92 -5.61 -4.70
CA LYS A 39 -10.86 -6.18 -5.66
C LYS A 39 -10.13 -6.91 -6.78
N ASP A 40 -9.16 -6.24 -7.39
CA ASP A 40 -8.38 -6.82 -8.46
C ASP A 40 -7.82 -8.19 -8.07
N PHE A 41 -6.98 -8.21 -7.04
CA PHE A 41 -6.39 -9.44 -6.56
C PHE A 41 -7.37 -10.23 -5.69
N ASN A 42 -8.51 -9.60 -5.39
CA ASN A 42 -9.54 -10.24 -4.58
C ASN A 42 -8.99 -10.61 -3.21
N LEU A 43 -8.13 -9.75 -2.66
CA LEU A 43 -7.53 -9.99 -1.36
C LEU A 43 -8.60 -10.29 -0.32
N ASP A 44 -8.23 -11.08 0.69
CA ASP A 44 -9.16 -11.44 1.76
C ASP A 44 -9.04 -10.46 2.93
N SER A 45 -10.11 -10.38 3.72
CA SER A 45 -10.14 -9.48 4.87
C SER A 45 -8.94 -9.73 5.78
N LEU A 46 -8.43 -10.95 5.76
CA LEU A 46 -7.29 -11.32 6.57
C LEU A 46 -6.00 -10.71 6.03
N ASP A 47 -5.78 -10.86 4.73
CA ASP A 47 -4.59 -10.31 4.09
C ASP A 47 -4.50 -8.81 4.30
N PHE A 48 -5.59 -8.10 4.02
CA PHE A 48 -5.63 -6.66 4.19
C PHE A 48 -5.17 -6.26 5.59
N VAL A 49 -5.74 -6.90 6.61
CA VAL A 49 -5.40 -6.61 7.99
C VAL A 49 -3.88 -6.69 8.20
N ASP A 50 -3.29 -7.80 7.79
CA ASP A 50 -1.85 -8.00 7.92
C ASP A 50 -1.07 -6.94 7.15
N LEU A 51 -1.67 -6.49 6.03
CA LEU A 51 -1.03 -5.48 5.20
C LEU A 51 -0.96 -4.13 5.92
N ILE A 52 -2.12 -3.62 6.31
CA ILE A 52 -2.19 -2.34 7.02
C ILE A 52 -1.37 -2.37 8.31
N MET A 53 -1.40 -3.51 8.99
CA MET A 53 -0.65 -3.68 10.24
C MET A 53 0.85 -3.72 9.97
N SER A 54 1.23 -4.35 8.87
CA SER A 54 2.65 -4.47 8.51
C SER A 54 3.24 -3.09 8.23
N LEU A 55 2.60 -2.34 7.34
CA LEU A 55 3.06 -1.01 6.99
C LEU A 55 2.94 -0.06 8.17
N GLU A 56 1.87 -0.22 8.95
CA GLU A 56 1.65 0.63 10.12
C GLU A 56 2.81 0.53 11.09
N GLU A 57 3.18 -0.69 11.45
CA GLU A 57 4.28 -0.92 12.39
C GLU A 57 5.62 -0.62 11.73
N ARG A 58 5.69 -0.85 10.42
CA ARG A 58 6.92 -0.60 9.67
C ARG A 58 7.35 0.86 9.80
N PHE A 59 6.45 1.77 9.42
CA PHE A 59 6.73 3.20 9.48
C PHE A 59 6.17 3.81 10.76
N SER A 60 5.74 2.94 11.68
CA SER A 60 5.18 3.39 12.95
C SER A 60 4.09 4.43 12.72
N LEU A 61 3.40 4.32 11.58
CA LEU A 61 2.33 5.25 11.25
C LEU A 61 1.06 4.92 12.04
N GLU A 62 0.20 5.93 12.21
CA GLU A 62 -1.03 5.76 12.95
C GLU A 62 -2.22 5.68 12.00
N ILE A 63 -2.61 4.46 11.64
CA ILE A 63 -3.74 4.25 10.74
C ILE A 63 -4.98 3.82 11.50
N SER A 64 -6.13 4.36 11.12
CA SER A 64 -7.39 4.04 11.77
C SER A 64 -8.31 3.27 10.82
N ASP A 65 -9.28 2.55 11.39
CA ASP A 65 -10.22 1.77 10.59
C ASP A 65 -10.87 2.64 9.52
N GLU A 66 -11.12 3.89 9.85
CA GLU A 66 -11.75 4.82 8.91
C GLU A 66 -10.74 5.28 7.86
N ASP A 67 -9.49 5.48 8.28
CA ASP A 67 -8.44 5.92 7.38
C ASP A 67 -8.25 4.93 6.24
N ALA A 68 -8.37 3.65 6.57
CA ALA A 68 -8.21 2.59 5.57
C ALA A 68 -9.37 2.58 4.59
N GLN A 69 -10.51 3.13 5.02
CA GLN A 69 -11.68 3.18 4.17
C GLN A 69 -11.41 3.97 2.89
N LYS A 70 -10.37 4.79 2.93
CA LYS A 70 -10.00 5.60 1.77
C LYS A 70 -8.68 5.13 1.18
N LEU A 71 -8.22 3.96 1.62
CA LEU A 71 -6.98 3.38 1.13
C LEU A 71 -7.21 2.00 0.54
N GLU A 72 -7.41 1.94 -0.77
CA GLU A 72 -7.65 0.67 -1.45
C GLU A 72 -6.63 0.46 -2.58
N THR A 73 -6.28 1.54 -3.25
CA THR A 73 -5.32 1.48 -4.36
C THR A 73 -3.90 1.74 -3.86
N VAL A 74 -2.92 1.39 -4.69
CA VAL A 74 -1.52 1.58 -4.34
C VAL A 74 -1.20 3.06 -4.13
N ASP A 75 -1.60 3.88 -5.10
CA ASP A 75 -1.35 5.32 -5.02
C ASP A 75 -2.01 5.91 -3.78
N ASP A 76 -3.24 5.49 -3.51
CA ASP A 76 -3.98 5.98 -2.35
C ASP A 76 -3.25 5.64 -1.06
N ILE A 77 -2.87 4.38 -0.90
CA ILE A 77 -2.15 3.93 0.28
C ILE A 77 -0.82 4.64 0.42
N CYS A 78 0.02 4.55 -0.61
CA CYS A 78 1.33 5.18 -0.60
C CYS A 78 1.20 6.68 -0.31
N ARG A 79 0.21 7.32 -0.93
CA ARG A 79 -0.02 8.75 -0.74
C ARG A 79 -0.30 9.06 0.73
N TYR A 80 -1.24 8.34 1.31
CA TYR A 80 -1.61 8.54 2.71
C TYR A 80 -0.39 8.37 3.62
N ILE A 81 0.42 7.36 3.33
CA ILE A 81 1.62 7.10 4.12
C ILE A 81 2.68 8.18 3.89
N ALA A 82 2.76 8.67 2.66
CA ALA A 82 3.73 9.69 2.31
C ALA A 82 3.37 11.02 2.97
N SER A 83 2.11 11.40 2.88
CA SER A 83 1.64 12.65 3.46
C SER A 83 1.99 12.74 4.94
N LYS A 84 2.11 11.57 5.58
CA LYS A 84 2.46 11.51 7.00
C LYS A 84 3.96 11.69 7.20
N SER A 85 4.74 10.82 6.57
CA SER A 85 6.19 10.87 6.69
C SER A 85 6.71 12.27 6.36
N SER A 86 6.00 12.98 5.50
CA SER A 86 6.39 14.32 5.09
C SER A 86 6.32 15.28 6.28
N ASP A 87 5.32 15.09 7.12
CA ASP A 87 5.14 15.94 8.30
C ASP A 87 3.97 15.44 9.15
N ALA A 88 4.02 15.77 10.44
CA ALA A 88 2.97 15.36 11.36
C ALA A 88 1.66 16.08 11.06
N PRO A 1 10.98 14.11 -1.07
CA PRO A 1 11.67 14.62 -2.26
C PRO A 1 10.97 15.85 -2.84
N GLY A 2 9.65 15.89 -2.72
CA GLY A 2 8.89 17.01 -3.25
C GLY A 2 7.51 16.60 -3.73
N SER A 3 7.47 15.60 -4.60
CA SER A 3 6.20 15.12 -5.15
C SER A 3 5.26 14.68 -4.03
N MET A 4 4.00 14.44 -4.38
CA MET A 4 3.00 14.02 -3.40
C MET A 4 3.32 12.63 -2.88
N VAL A 5 3.54 11.68 -3.78
CA VAL A 5 3.85 10.32 -3.40
C VAL A 5 5.33 10.17 -3.03
N SER A 6 5.59 9.46 -1.95
CA SER A 6 6.96 9.25 -1.49
C SER A 6 7.56 7.99 -2.12
N GLU A 7 8.40 8.19 -3.12
CA GLU A 7 9.04 7.07 -3.82
C GLU A 7 9.71 6.13 -2.81
N GLU A 8 10.33 6.71 -1.79
CA GLU A 8 11.01 5.92 -0.77
C GLU A 8 10.06 4.91 -0.14
N ILE A 9 8.91 5.39 0.30
CA ILE A 9 7.91 4.52 0.92
C ILE A 9 7.23 3.63 -0.11
N LYS A 10 7.09 4.15 -1.33
CA LYS A 10 6.45 3.40 -2.41
C LYS A 10 7.11 2.04 -2.58
N ALA A 11 8.44 2.00 -2.45
CA ALA A 11 9.18 0.75 -2.59
C ALA A 11 8.92 -0.17 -1.40
N GLN A 12 8.68 0.41 -0.24
CA GLN A 12 8.41 -0.36 0.97
C GLN A 12 7.01 -0.94 0.94
N VAL A 13 6.03 -0.11 0.57
CA VAL A 13 4.64 -0.54 0.50
C VAL A 13 4.45 -1.60 -0.57
N MET A 14 5.09 -1.40 -1.72
CA MET A 14 4.99 -2.35 -2.83
C MET A 14 5.74 -3.63 -2.52
N GLU A 15 6.90 -3.49 -1.87
CA GLU A 15 7.72 -4.64 -1.53
C GLU A 15 7.04 -5.50 -0.47
N SER A 16 6.31 -4.86 0.44
CA SER A 16 5.62 -5.57 1.50
C SER A 16 4.36 -6.25 0.96
N VAL A 17 3.57 -5.51 0.20
CA VAL A 17 2.35 -6.04 -0.39
C VAL A 17 2.63 -7.26 -1.25
N ILE A 18 3.57 -7.11 -2.19
CA ILE A 18 3.94 -8.21 -3.08
C ILE A 18 4.18 -9.50 -2.30
N GLY A 19 4.97 -9.40 -1.23
CA GLY A 19 5.26 -10.57 -0.42
C GLY A 19 4.10 -10.95 0.49
N CYS A 20 3.24 -9.99 0.77
CA CYS A 20 2.08 -10.22 1.63
C CYS A 20 1.10 -11.20 0.97
N LEU A 21 0.77 -10.93 -0.29
CA LEU A 21 -0.14 -11.79 -1.03
C LEU A 21 0.61 -12.65 -2.03
N LYS A 22 1.93 -12.54 -2.04
CA LYS A 22 2.76 -13.32 -2.94
C LYS A 22 2.29 -13.17 -4.38
N LEU A 23 2.84 -12.20 -5.09
CA LEU A 23 2.48 -11.95 -6.48
C LEU A 23 3.44 -12.66 -7.43
N ASN A 24 2.97 -12.93 -8.64
CA ASN A 24 3.80 -13.60 -9.65
C ASN A 24 4.39 -12.59 -10.62
N ASP A 25 4.99 -13.09 -11.70
CA ASP A 25 5.59 -12.24 -12.71
C ASP A 25 4.54 -11.41 -13.43
N GLU A 26 3.46 -12.08 -13.86
CA GLU A 26 2.38 -11.39 -14.57
C GLU A 26 1.72 -10.34 -13.68
N GLN A 27 1.45 -10.72 -12.43
CA GLN A 27 0.83 -9.81 -11.48
C GLN A 27 1.65 -8.53 -11.32
N LYS A 28 2.96 -8.68 -11.32
CA LYS A 28 3.87 -7.54 -11.17
C LYS A 28 3.89 -6.71 -12.44
N GLN A 29 3.54 -7.33 -13.56
CA GLN A 29 3.52 -6.63 -14.84
C GLN A 29 2.17 -5.96 -15.08
N ILE A 30 1.13 -6.52 -14.46
CA ILE A 30 -0.22 -5.97 -14.61
C ILE A 30 -0.62 -5.17 -13.38
N LEU A 31 0.38 -4.69 -12.65
CA LEU A 31 0.12 -3.90 -11.44
C LEU A 31 0.23 -2.40 -11.74
N SER A 32 -0.49 -1.60 -10.95
CA SER A 32 -0.48 -0.16 -11.13
C SER A 32 -0.87 0.55 -9.84
N GLY A 33 -0.42 1.80 -9.70
CA GLY A 33 -0.74 2.56 -8.50
C GLY A 33 -2.21 2.83 -8.36
N THR A 34 -2.91 2.95 -9.48
CA THR A 34 -4.34 3.22 -9.48
C THR A 34 -5.13 1.93 -9.67
N THR A 35 -4.65 0.84 -9.06
CA THR A 35 -5.31 -0.45 -9.16
C THR A 35 -5.63 -1.02 -7.79
N ASN A 36 -6.90 -0.99 -7.41
CA ASN A 36 -7.33 -1.51 -6.12
C ASN A 36 -6.86 -2.94 -5.91
N LEU A 37 -5.83 -3.10 -5.08
CA LEU A 37 -5.28 -4.42 -4.80
C LEU A 37 -6.29 -5.29 -4.05
N ALA A 38 -7.34 -4.66 -3.54
CA ALA A 38 -8.38 -5.37 -2.81
C ALA A 38 -9.35 -6.07 -3.76
N LYS A 39 -9.83 -5.33 -4.74
CA LYS A 39 -10.77 -5.86 -5.73
C LYS A 39 -10.02 -6.56 -6.85
N ASP A 40 -9.04 -5.87 -7.43
CA ASP A 40 -8.25 -6.43 -8.52
C ASP A 40 -7.73 -7.82 -8.16
N PHE A 41 -6.87 -7.87 -7.16
CA PHE A 41 -6.29 -9.14 -6.71
C PHE A 41 -7.28 -9.92 -5.84
N ASN A 42 -8.44 -9.31 -5.59
CA ASN A 42 -9.46 -9.94 -4.77
C ASN A 42 -8.89 -10.36 -3.42
N LEU A 43 -8.02 -9.52 -2.86
CA LEU A 43 -7.41 -9.82 -1.57
C LEU A 43 -8.47 -10.15 -0.53
N ASP A 44 -8.12 -11.03 0.40
CA ASP A 44 -9.04 -11.44 1.46
C ASP A 44 -8.99 -10.47 2.63
N SER A 45 -10.07 -10.40 3.40
CA SER A 45 -10.14 -9.51 4.54
C SER A 45 -8.97 -9.73 5.48
N LEU A 46 -8.42 -10.95 5.47
CA LEU A 46 -7.29 -11.30 6.32
C LEU A 46 -6.01 -10.65 5.81
N ASP A 47 -5.75 -10.79 4.52
CA ASP A 47 -4.55 -10.21 3.91
C ASP A 47 -4.50 -8.70 4.15
N PHE A 48 -5.61 -8.03 3.88
CA PHE A 48 -5.68 -6.59 4.07
C PHE A 48 -5.27 -6.19 5.48
N VAL A 49 -5.72 -6.96 6.46
CA VAL A 49 -5.38 -6.69 7.85
C VAL A 49 -3.87 -6.68 8.07
N ASP A 50 -3.22 -7.77 7.66
CA ASP A 50 -1.77 -7.89 7.80
C ASP A 50 -1.05 -6.82 6.99
N LEU A 51 -1.68 -6.37 5.92
CA LEU A 51 -1.10 -5.34 5.06
C LEU A 51 -1.00 -4.01 5.80
N ILE A 52 -2.14 -3.51 6.26
CA ILE A 52 -2.17 -2.25 6.99
C ILE A 52 -1.34 -2.33 8.26
N MET A 53 -1.41 -3.48 8.93
CA MET A 53 -0.67 -3.68 10.17
C MET A 53 0.84 -3.73 9.90
N SER A 54 1.22 -4.41 8.83
CA SER A 54 2.63 -4.53 8.46
C SER A 54 3.24 -3.16 8.19
N LEU A 55 2.60 -2.40 7.30
CA LEU A 55 3.09 -1.08 6.95
C LEU A 55 3.01 -0.13 8.15
N GLU A 56 1.95 -0.28 8.94
CA GLU A 56 1.75 0.55 10.12
C GLU A 56 2.94 0.44 11.07
N GLU A 57 3.30 -0.79 11.41
CA GLU A 57 4.42 -1.03 12.31
C GLU A 57 5.76 -0.72 11.63
N ARG A 58 5.80 -0.92 10.32
CA ARG A 58 7.02 -0.66 9.55
C ARG A 58 7.43 0.80 9.68
N PHE A 59 6.54 1.71 9.30
CA PHE A 59 6.82 3.14 9.38
C PHE A 59 6.29 3.73 10.68
N SER A 60 5.87 2.86 11.59
CA SER A 60 5.34 3.29 12.87
C SER A 60 4.24 4.33 12.68
N LEU A 61 3.53 4.24 11.56
CA LEU A 61 2.46 5.17 11.26
C LEU A 61 1.21 4.84 12.08
N GLU A 62 0.36 5.85 12.28
CA GLU A 62 -0.86 5.67 13.04
C GLU A 62 -2.08 5.61 12.13
N ILE A 63 -2.49 4.39 11.77
CA ILE A 63 -3.64 4.20 10.90
C ILE A 63 -4.87 3.79 11.68
N SER A 64 -6.02 4.35 11.32
CA SER A 64 -7.27 4.04 12.01
C SER A 64 -8.21 3.28 11.08
N ASP A 65 -9.40 2.98 11.59
CA ASP A 65 -10.40 2.25 10.82
C ASP A 65 -10.94 3.11 9.67
N GLU A 66 -11.32 4.34 10.00
CA GLU A 66 -11.85 5.27 9.01
C GLU A 66 -10.81 5.60 7.96
N ASP A 67 -9.56 5.78 8.40
CA ASP A 67 -8.46 6.10 7.49
C ASP A 67 -8.35 5.04 6.39
N ALA A 68 -8.32 3.77 6.78
CA ALA A 68 -8.22 2.68 5.83
C ALA A 68 -9.48 2.56 4.98
N GLN A 69 -10.58 3.08 5.51
CA GLN A 69 -11.86 3.03 4.81
C GLN A 69 -11.75 3.71 3.44
N LYS A 70 -10.77 4.59 3.30
CA LYS A 70 -10.56 5.31 2.05
C LYS A 70 -9.31 4.80 1.33
N LEU A 71 -8.44 4.13 2.08
CA LEU A 71 -7.22 3.60 1.52
C LEU A 71 -7.44 2.23 0.89
N GLU A 72 -7.79 2.21 -0.39
CA GLU A 72 -8.05 0.96 -1.10
C GLU A 72 -7.05 0.78 -2.24
N THR A 73 -6.68 1.88 -2.88
CA THR A 73 -5.73 1.84 -4.00
C THR A 73 -4.32 2.11 -3.52
N VAL A 74 -3.34 1.55 -4.22
CA VAL A 74 -1.94 1.72 -3.86
C VAL A 74 -1.57 3.21 -3.78
N ASP A 75 -1.93 3.95 -4.83
CA ASP A 75 -1.64 5.38 -4.87
C ASP A 75 -2.16 6.08 -3.62
N ASP A 76 -3.41 5.78 -3.27
CA ASP A 76 -4.03 6.37 -2.09
C ASP A 76 -3.29 5.99 -0.81
N ILE A 77 -3.01 4.70 -0.67
CA ILE A 77 -2.30 4.20 0.51
C ILE A 77 -0.93 4.86 0.64
N CYS A 78 -0.13 4.76 -0.40
CA CYS A 78 1.20 5.35 -0.41
C CYS A 78 1.14 6.85 -0.11
N ARG A 79 0.17 7.52 -0.71
CA ARG A 79 -0.01 8.95 -0.52
C ARG A 79 -0.29 9.28 0.94
N TYR A 80 -1.12 8.46 1.57
CA TYR A 80 -1.47 8.65 2.97
C TYR A 80 -0.26 8.44 3.88
N ILE A 81 0.54 7.43 3.54
CA ILE A 81 1.73 7.11 4.33
C ILE A 81 2.82 8.15 4.11
N ALA A 82 2.91 8.65 2.87
CA ALA A 82 3.92 9.65 2.53
C ALA A 82 3.59 10.99 3.19
N SER A 83 2.33 11.40 3.10
CA SER A 83 1.89 12.66 3.67
C SER A 83 2.26 12.75 5.15
N LYS A 84 2.36 11.59 5.79
CA LYS A 84 2.71 11.52 7.21
C LYS A 84 4.22 11.64 7.41
N SER A 85 4.97 10.80 6.69
CA SER A 85 6.42 10.81 6.80
C SER A 85 6.97 12.22 6.56
N SER A 86 6.27 12.99 5.74
CA SER A 86 6.69 14.35 5.43
C SER A 86 6.32 15.31 6.55
N ASP A 87 5.02 15.36 6.88
CA ASP A 87 4.54 16.24 7.93
C ASP A 87 3.57 15.49 8.85
N ALA A 88 3.91 15.42 10.13
CA ALA A 88 3.08 14.74 11.11
C ALA A 88 2.88 15.58 12.35
N PRO A 1 11.90 17.26 -7.23
CA PRO A 1 12.11 17.06 -8.68
C PRO A 1 11.28 15.92 -9.23
N GLY A 2 11.06 14.89 -8.42
CA GLY A 2 10.28 13.75 -8.85
C GLY A 2 8.80 13.93 -8.60
N SER A 3 8.10 12.82 -8.38
CA SER A 3 6.66 12.86 -8.13
C SER A 3 6.36 13.20 -6.67
N MET A 4 5.24 13.88 -6.44
CA MET A 4 4.85 14.26 -5.09
C MET A 4 4.87 13.06 -4.16
N VAL A 5 4.59 11.88 -4.70
CA VAL A 5 4.57 10.65 -3.92
C VAL A 5 5.94 10.34 -3.35
N SER A 6 5.98 9.73 -2.17
CA SER A 6 7.22 9.38 -1.52
C SER A 6 7.82 8.11 -2.13
N GLU A 7 8.68 8.29 -3.13
CA GLU A 7 9.32 7.17 -3.80
C GLU A 7 9.99 6.24 -2.79
N GLU A 8 10.43 6.81 -1.68
CA GLU A 8 11.09 6.05 -0.63
C GLU A 8 10.12 5.02 -0.03
N ILE A 9 8.97 5.49 0.40
CA ILE A 9 7.95 4.62 0.99
C ILE A 9 7.30 3.74 -0.06
N LYS A 10 7.17 4.26 -1.27
CA LYS A 10 6.56 3.53 -2.37
C LYS A 10 7.21 2.15 -2.52
N ALA A 11 8.53 2.10 -2.37
CA ALA A 11 9.27 0.85 -2.50
C ALA A 11 8.97 -0.08 -1.31
N GLN A 12 8.70 0.51 -0.16
CA GLN A 12 8.41 -0.26 1.04
C GLN A 12 7.00 -0.83 0.97
N VAL A 13 6.03 0.01 0.61
CA VAL A 13 4.64 -0.42 0.50
C VAL A 13 4.47 -1.49 -0.57
N MET A 14 5.11 -1.28 -1.71
CA MET A 14 5.03 -2.22 -2.82
C MET A 14 5.78 -3.52 -2.49
N GLU A 15 6.90 -3.38 -1.80
CA GLU A 15 7.71 -4.54 -1.42
C GLU A 15 6.97 -5.40 -0.39
N SER A 16 6.24 -4.74 0.50
CA SER A 16 5.48 -5.45 1.53
C SER A 16 4.25 -6.13 0.94
N VAL A 17 3.58 -5.43 0.03
CA VAL A 17 2.38 -5.97 -0.60
C VAL A 17 2.71 -7.22 -1.43
N ILE A 18 3.70 -7.09 -2.32
CA ILE A 18 4.11 -8.20 -3.17
C ILE A 18 4.31 -9.47 -2.34
N GLY A 19 5.13 -9.36 -1.29
CA GLY A 19 5.39 -10.50 -0.44
C GLY A 19 4.22 -10.85 0.45
N CYS A 20 3.36 -9.86 0.71
CA CYS A 20 2.20 -10.06 1.56
C CYS A 20 1.24 -11.09 0.95
N LEU A 21 0.91 -10.89 -0.32
CA LEU A 21 0.01 -11.80 -1.02
C LEU A 21 0.78 -12.68 -2.00
N LYS A 22 2.10 -12.56 -1.98
CA LYS A 22 2.95 -13.35 -2.86
C LYS A 22 2.49 -13.22 -4.31
N LEU A 23 3.05 -12.24 -5.02
CA LEU A 23 2.70 -12.01 -6.41
C LEU A 23 3.70 -12.69 -7.34
N ASN A 24 3.31 -12.87 -8.60
CA ASN A 24 4.17 -13.50 -9.59
C ASN A 24 4.56 -12.52 -10.69
N ASP A 25 5.34 -13.00 -11.65
CA ASP A 25 5.79 -12.16 -12.76
C ASP A 25 4.60 -11.46 -13.43
N GLU A 26 3.58 -12.25 -13.76
CA GLU A 26 2.39 -11.70 -14.41
C GLU A 26 1.78 -10.59 -13.57
N GLN A 27 1.48 -10.89 -12.32
CA GLN A 27 0.89 -9.91 -11.42
C GLN A 27 1.77 -8.67 -11.30
N LYS A 28 3.07 -8.89 -11.17
CA LYS A 28 4.02 -7.79 -11.04
C LYS A 28 4.12 -7.01 -12.35
N GLN A 29 3.77 -7.66 -13.45
CA GLN A 29 3.81 -7.01 -14.76
C GLN A 29 2.51 -6.26 -15.04
N ILE A 30 1.41 -6.76 -14.47
CA ILE A 30 0.11 -6.15 -14.66
C ILE A 30 -0.28 -5.30 -13.45
N LEU A 31 0.73 -4.86 -12.69
CA LEU A 31 0.49 -4.05 -11.50
C LEU A 31 0.65 -2.57 -11.83
N SER A 32 -0.03 -1.72 -11.07
CA SER A 32 0.04 -0.28 -11.28
C SER A 32 -0.36 0.48 -10.00
N GLY A 33 0.07 1.73 -9.91
CA GLY A 33 -0.24 2.54 -8.75
C GLY A 33 -1.73 2.80 -8.61
N THR A 34 -2.42 2.94 -9.74
CA THR A 34 -3.85 3.20 -9.74
C THR A 34 -4.64 1.91 -9.93
N THR A 35 -4.17 0.83 -9.31
CA THR A 35 -4.83 -0.46 -9.40
C THR A 35 -5.16 -1.02 -8.02
N ASN A 36 -6.43 -1.02 -7.67
CA ASN A 36 -6.88 -1.52 -6.37
C ASN A 36 -6.38 -2.95 -6.15
N LEU A 37 -5.38 -3.09 -5.29
CA LEU A 37 -4.81 -4.40 -4.98
C LEU A 37 -5.82 -5.26 -4.24
N ALA A 38 -6.89 -4.64 -3.77
CA ALA A 38 -7.94 -5.36 -3.03
C ALA A 38 -8.93 -5.99 -4.00
N LYS A 39 -9.38 -5.22 -4.97
CA LYS A 39 -10.34 -5.71 -5.96
C LYS A 39 -9.64 -6.44 -7.10
N ASP A 40 -8.63 -5.79 -7.68
CA ASP A 40 -7.87 -6.38 -8.78
C ASP A 40 -7.40 -7.78 -8.41
N PHE A 41 -6.55 -7.88 -7.39
CA PHE A 41 -6.02 -9.15 -6.95
C PHE A 41 -7.04 -9.90 -6.09
N ASN A 42 -8.18 -9.26 -5.85
CA ASN A 42 -9.24 -9.86 -5.04
C ASN A 42 -8.69 -10.35 -3.70
N LEU A 43 -7.89 -9.50 -3.05
CA LEU A 43 -7.31 -9.86 -1.76
C LEU A 43 -8.40 -10.19 -0.74
N ASP A 44 -8.03 -10.99 0.25
CA ASP A 44 -8.98 -11.38 1.30
C ASP A 44 -8.90 -10.43 2.49
N SER A 45 -9.97 -10.37 3.26
CA SER A 45 -10.03 -9.50 4.43
C SER A 45 -8.86 -9.76 5.36
N LEU A 46 -8.34 -10.98 5.32
CA LEU A 46 -7.21 -11.36 6.16
C LEU A 46 -5.92 -10.72 5.67
N ASP A 47 -5.67 -10.83 4.38
CA ASP A 47 -4.47 -10.26 3.78
C ASP A 47 -4.40 -8.76 4.02
N PHE A 48 -5.50 -8.06 3.73
CA PHE A 48 -5.57 -6.63 3.92
C PHE A 48 -5.13 -6.24 5.33
N VAL A 49 -5.68 -6.93 6.32
CA VAL A 49 -5.35 -6.66 7.72
C VAL A 49 -3.84 -6.72 7.95
N ASP A 50 -3.23 -7.81 7.53
CA ASP A 50 -1.79 -8.00 7.68
C ASP A 50 -1.02 -6.92 6.92
N LEU A 51 -1.61 -6.45 5.82
CA LEU A 51 -0.97 -5.41 5.01
C LEU A 51 -0.92 -4.08 5.75
N ILE A 52 -2.08 -3.59 6.15
CA ILE A 52 -2.17 -2.33 6.88
C ILE A 52 -1.36 -2.39 8.18
N MET A 53 -1.40 -3.54 8.84
CA MET A 53 -0.67 -3.72 10.08
C MET A 53 0.83 -3.74 9.84
N SER A 54 1.25 -4.39 8.76
CA SER A 54 2.66 -4.48 8.42
C SER A 54 3.25 -3.10 8.16
N LEU A 55 2.61 -2.35 7.27
CA LEU A 55 3.06 -1.00 6.94
C LEU A 55 2.95 -0.07 8.15
N GLU A 56 1.88 -0.24 8.91
CA GLU A 56 1.66 0.59 10.09
C GLU A 56 2.82 0.48 11.06
N GLU A 57 3.21 -0.75 11.40
CA GLU A 57 4.31 -0.98 12.31
C GLU A 57 5.64 -0.65 11.66
N ARG A 58 5.71 -0.83 10.35
CA ARG A 58 6.93 -0.56 9.59
C ARG A 58 7.34 0.90 9.74
N PHE A 59 6.45 1.81 9.36
CA PHE A 59 6.73 3.23 9.45
C PHE A 59 6.18 3.81 10.74
N SER A 60 5.76 2.93 11.66
CA SER A 60 5.21 3.35 12.94
C SER A 60 4.09 4.38 12.74
N LEU A 61 3.40 4.28 11.60
CA LEU A 61 2.31 5.20 11.29
C LEU A 61 1.06 4.85 12.10
N GLU A 62 0.21 5.84 12.30
CA GLU A 62 -1.03 5.64 13.06
C GLU A 62 -2.23 5.57 12.12
N ILE A 63 -2.61 4.35 11.76
CA ILE A 63 -3.76 4.14 10.87
C ILE A 63 -4.99 3.74 11.66
N SER A 64 -6.15 4.24 11.22
CA SER A 64 -7.41 3.94 11.89
C SER A 64 -8.30 3.08 11.00
N ASP A 65 -9.54 2.88 11.44
CA ASP A 65 -10.49 2.07 10.67
C ASP A 65 -11.08 2.88 9.51
N GLU A 66 -11.41 4.14 9.78
CA GLU A 66 -11.97 5.01 8.76
C GLU A 66 -10.90 5.46 7.77
N ASP A 67 -9.67 5.59 8.25
CA ASP A 67 -8.56 6.00 7.41
C ASP A 67 -8.34 5.02 6.26
N ALA A 68 -8.36 3.73 6.59
CA ALA A 68 -8.16 2.69 5.59
C ALA A 68 -9.36 2.59 4.66
N GLN A 69 -10.51 3.04 5.13
CA GLN A 69 -11.74 3.01 4.35
C GLN A 69 -11.58 3.82 3.06
N LYS A 70 -10.60 4.71 3.04
CA LYS A 70 -10.34 5.56 1.88
C LYS A 70 -9.02 5.19 1.22
N LEU A 71 -8.45 4.07 1.65
CA LEU A 71 -7.18 3.59 1.10
C LEU A 71 -7.33 2.18 0.53
N GLU A 72 -7.66 2.10 -0.75
CA GLU A 72 -7.84 0.81 -1.41
C GLU A 72 -6.82 0.63 -2.54
N THR A 73 -6.44 1.76 -3.16
CA THR A 73 -5.48 1.74 -4.26
C THR A 73 -4.06 1.99 -3.75
N VAL A 74 -3.07 1.55 -4.52
CA VAL A 74 -1.67 1.73 -4.16
C VAL A 74 -1.34 3.21 -3.98
N ASP A 75 -1.63 4.00 -5.00
CA ASP A 75 -1.36 5.44 -4.95
C ASP A 75 -1.98 6.06 -3.72
N ASP A 76 -3.24 5.76 -3.48
CA ASP A 76 -3.95 6.30 -2.31
C ASP A 76 -3.24 5.94 -1.02
N ILE A 77 -2.91 4.66 -0.87
CA ILE A 77 -2.22 4.18 0.32
C ILE A 77 -0.87 4.88 0.49
N CYS A 78 -0.04 4.78 -0.53
CA CYS A 78 1.28 5.41 -0.50
C CYS A 78 1.18 6.90 -0.19
N ARG A 79 0.18 7.55 -0.78
CA ARG A 79 -0.04 8.98 -0.55
C ARG A 79 -0.33 9.26 0.92
N TYR A 80 -1.23 8.46 1.50
CA TYR A 80 -1.60 8.64 2.89
C TYR A 80 -0.40 8.43 3.82
N ILE A 81 0.44 7.45 3.48
CA ILE A 81 1.62 7.15 4.27
C ILE A 81 2.69 8.21 4.07
N ALA A 82 2.79 8.73 2.85
CA ALA A 82 3.78 9.75 2.54
C ALA A 82 3.42 11.08 3.18
N SER A 83 2.15 11.48 3.05
CA SER A 83 1.68 12.73 3.63
C SER A 83 2.00 12.79 5.12
N LYS A 84 2.08 11.63 5.75
CA LYS A 84 2.38 11.55 7.17
C LYS A 84 3.86 11.78 7.43
N SER A 85 4.70 11.12 6.65
CA SER A 85 6.15 11.26 6.80
C SER A 85 6.57 12.72 6.76
N SER A 86 6.16 13.42 5.70
CA SER A 86 6.50 14.83 5.54
C SER A 86 6.12 15.62 6.78
N ASP A 87 4.88 15.47 7.23
CA ASP A 87 4.40 16.18 8.41
C ASP A 87 4.87 15.48 9.69
N ALA A 88 6.18 15.48 9.89
CA ALA A 88 6.76 14.85 11.08
C ALA A 88 6.15 15.41 12.36
N PRO A 1 2.89 3.68 -15.10
CA PRO A 1 4.20 4.32 -14.95
C PRO A 1 4.08 5.76 -14.45
N GLY A 2 4.58 6.00 -13.23
CA GLY A 2 4.52 7.33 -12.66
C GLY A 2 4.11 7.32 -11.20
N SER A 3 4.85 8.06 -10.38
CA SER A 3 4.57 8.12 -8.94
C SER A 3 5.10 9.42 -8.34
N MET A 4 4.18 10.28 -7.92
CA MET A 4 4.56 11.56 -7.32
C MET A 4 4.71 11.44 -5.82
N VAL A 5 4.01 10.46 -5.23
CA VAL A 5 4.07 10.24 -3.80
C VAL A 5 5.50 9.94 -3.34
N SER A 6 5.66 9.68 -2.05
CA SER A 6 6.98 9.39 -1.48
C SER A 6 7.57 8.13 -2.12
N GLU A 7 8.40 8.32 -3.13
CA GLU A 7 9.03 7.21 -3.82
C GLU A 7 9.73 6.28 -2.83
N GLU A 8 10.24 6.85 -1.75
CA GLU A 8 10.93 6.08 -0.73
C GLU A 8 10.00 5.04 -0.11
N ILE A 9 8.82 5.48 0.32
CA ILE A 9 7.85 4.59 0.92
C ILE A 9 7.20 3.69 -0.13
N LYS A 10 7.07 4.21 -1.34
CA LYS A 10 6.47 3.44 -2.43
C LYS A 10 7.14 2.08 -2.57
N ALA A 11 8.46 2.05 -2.42
CA ALA A 11 9.22 0.81 -2.53
C ALA A 11 8.93 -0.11 -1.35
N GLN A 12 8.66 0.49 -0.19
CA GLN A 12 8.38 -0.27 1.01
C GLN A 12 6.98 -0.87 0.96
N VAL A 13 6.00 -0.05 0.58
CA VAL A 13 4.61 -0.49 0.49
C VAL A 13 4.45 -1.56 -0.58
N MET A 14 5.09 -1.35 -1.73
CA MET A 14 5.01 -2.30 -2.83
C MET A 14 5.77 -3.58 -2.50
N GLU A 15 6.89 -3.43 -1.81
CA GLU A 15 7.71 -4.59 -1.43
C GLU A 15 6.99 -5.45 -0.40
N SER A 16 6.25 -4.79 0.49
CA SER A 16 5.51 -5.50 1.53
C SER A 16 4.27 -6.18 0.95
N VAL A 17 3.58 -5.49 0.04
CA VAL A 17 2.39 -6.02 -0.59
C VAL A 17 2.71 -7.26 -1.41
N ILE A 18 3.69 -7.14 -2.30
CA ILE A 18 4.10 -8.27 -3.14
C ILE A 18 4.30 -9.53 -2.33
N GLY A 19 5.11 -9.43 -1.28
CA GLY A 19 5.37 -10.57 -0.42
C GLY A 19 4.20 -10.91 0.48
N CYS A 20 3.35 -9.91 0.73
CA CYS A 20 2.19 -10.10 1.59
C CYS A 20 1.23 -11.12 0.98
N LEU A 21 0.88 -10.91 -0.28
CA LEU A 21 -0.04 -11.81 -0.98
C LEU A 21 0.72 -12.69 -1.96
N LYS A 22 2.04 -12.59 -1.95
CA LYS A 22 2.88 -13.38 -2.84
C LYS A 22 2.40 -13.27 -4.29
N LEU A 23 2.90 -12.29 -5.01
CA LEU A 23 2.52 -12.07 -6.40
C LEU A 23 3.48 -12.79 -7.34
N ASN A 24 2.97 -13.22 -8.49
CA ASN A 24 3.78 -13.92 -9.48
C ASN A 24 4.35 -12.95 -10.50
N ASP A 25 5.16 -13.46 -11.42
CA ASP A 25 5.78 -12.64 -12.45
C ASP A 25 4.71 -11.90 -13.25
N GLU A 26 3.56 -12.53 -13.43
CA GLU A 26 2.46 -11.94 -14.19
C GLU A 26 1.83 -10.79 -13.40
N GLN A 27 1.42 -11.07 -12.17
CA GLN A 27 0.81 -10.06 -11.32
C GLN A 27 1.71 -8.86 -11.15
N LYS A 28 3.02 -9.11 -11.14
CA LYS A 28 4.01 -8.04 -10.98
C LYS A 28 4.12 -7.21 -12.26
N GLN A 29 3.74 -7.82 -13.39
CA GLN A 29 3.81 -7.14 -14.68
C GLN A 29 2.52 -6.39 -14.95
N ILE A 30 1.40 -6.93 -14.46
CA ILE A 30 0.10 -6.29 -14.66
C ILE A 30 -0.28 -5.44 -13.45
N LEU A 31 0.73 -5.01 -12.71
CA LEU A 31 0.50 -4.17 -11.53
C LEU A 31 0.64 -2.69 -11.88
N SER A 32 -0.03 -1.84 -11.10
CA SER A 32 0.01 -0.41 -11.33
C SER A 32 -0.41 0.36 -10.08
N GLY A 33 0.08 1.58 -9.95
CA GLY A 33 -0.25 2.40 -8.79
C GLY A 33 -1.75 2.66 -8.69
N THR A 34 -2.40 2.82 -9.83
CA THR A 34 -3.84 3.09 -9.86
C THR A 34 -4.62 1.80 -10.02
N THR A 35 -4.16 0.74 -9.38
CA THR A 35 -4.83 -0.56 -9.45
C THR A 35 -5.15 -1.09 -8.06
N ASN A 36 -6.43 -1.04 -7.69
CA ASN A 36 -6.87 -1.52 -6.39
C ASN A 36 -6.40 -2.96 -6.15
N LEU A 37 -5.39 -3.11 -5.30
CA LEU A 37 -4.84 -4.42 -4.99
C LEU A 37 -5.86 -5.26 -4.21
N ALA A 38 -6.92 -4.61 -3.73
CA ALA A 38 -7.96 -5.29 -2.98
C ALA A 38 -8.99 -5.92 -3.91
N LYS A 39 -9.43 -5.15 -4.90
CA LYS A 39 -10.41 -5.63 -5.86
C LYS A 39 -9.74 -6.39 -7.00
N ASP A 40 -8.74 -5.76 -7.61
CA ASP A 40 -8.01 -6.39 -8.72
C ASP A 40 -7.55 -7.79 -8.33
N PHE A 41 -6.68 -7.88 -7.32
CA PHE A 41 -6.16 -9.16 -6.87
C PHE A 41 -7.17 -9.88 -5.99
N ASN A 42 -8.30 -9.21 -5.74
CA ASN A 42 -9.36 -9.79 -4.91
C ASN A 42 -8.79 -10.27 -3.57
N LEU A 43 -7.96 -9.44 -2.96
CA LEU A 43 -7.36 -9.78 -1.67
C LEU A 43 -8.43 -10.09 -0.63
N ASP A 44 -8.12 -11.00 0.28
CA ASP A 44 -9.06 -11.38 1.33
C ASP A 44 -8.93 -10.44 2.52
N SER A 45 -10.00 -10.32 3.30
CA SER A 45 -10.02 -9.46 4.47
C SER A 45 -8.86 -9.78 5.40
N LEU A 46 -8.40 -11.03 5.36
CA LEU A 46 -7.29 -11.47 6.20
C LEU A 46 -5.97 -10.86 5.72
N ASP A 47 -5.78 -10.87 4.41
CA ASP A 47 -4.55 -10.32 3.82
C ASP A 47 -4.47 -8.82 4.06
N PHE A 48 -5.56 -8.12 3.77
CA PHE A 48 -5.60 -6.67 3.95
C PHE A 48 -5.16 -6.28 5.35
N VAL A 49 -5.74 -6.93 6.36
CA VAL A 49 -5.41 -6.65 7.75
C VAL A 49 -3.92 -6.73 7.98
N ASP A 50 -3.31 -7.84 7.55
CA ASP A 50 -1.87 -8.04 7.71
C ASP A 50 -1.09 -6.97 6.94
N LEU A 51 -1.65 -6.50 5.85
CA LEU A 51 -1.01 -5.48 5.02
C LEU A 51 -0.96 -4.14 5.76
N ILE A 52 -2.13 -3.64 6.14
CA ILE A 52 -2.22 -2.37 6.85
C ILE A 52 -1.41 -2.41 8.15
N MET A 53 -1.45 -3.55 8.83
CA MET A 53 -0.73 -3.72 10.08
C MET A 53 0.78 -3.74 9.83
N SER A 54 1.19 -4.43 8.77
CA SER A 54 2.61 -4.53 8.43
C SER A 54 3.20 -3.14 8.18
N LEU A 55 2.57 -2.40 7.28
CA LEU A 55 3.04 -1.05 6.94
C LEU A 55 2.91 -0.11 8.13
N GLU A 56 1.83 -0.27 8.89
CA GLU A 56 1.59 0.56 10.06
C GLU A 56 2.77 0.48 11.04
N GLU A 57 3.15 -0.73 11.38
CA GLU A 57 4.27 -0.94 12.31
C GLU A 57 5.60 -0.61 11.64
N ARG A 58 5.67 -0.85 10.34
CA ARG A 58 6.89 -0.57 9.58
C ARG A 58 7.30 0.89 9.72
N PHE A 59 6.40 1.79 9.35
CA PHE A 59 6.66 3.22 9.44
C PHE A 59 6.12 3.80 10.73
N SER A 60 5.72 2.92 11.65
CA SER A 60 5.17 3.34 12.93
C SER A 60 4.05 4.35 12.74
N LEU A 61 3.36 4.25 11.62
CA LEU A 61 2.26 5.15 11.31
C LEU A 61 1.01 4.79 12.10
N GLU A 62 0.13 5.76 12.30
CA GLU A 62 -1.11 5.54 13.04
C GLU A 62 -2.31 5.46 12.10
N ILE A 63 -2.67 4.25 11.71
CA ILE A 63 -3.80 4.04 10.82
C ILE A 63 -5.02 3.56 11.58
N SER A 64 -6.17 4.18 11.31
CA SER A 64 -7.41 3.81 11.97
C SER A 64 -8.39 3.20 10.99
N ASP A 65 -9.35 2.45 11.52
CA ASP A 65 -10.36 1.79 10.68
C ASP A 65 -11.02 2.79 9.73
N GLU A 66 -11.15 4.04 10.19
CA GLU A 66 -11.77 5.08 9.38
C GLU A 66 -10.81 5.56 8.30
N ASP A 67 -9.51 5.58 8.63
CA ASP A 67 -8.50 6.01 7.67
C ASP A 67 -8.33 5.00 6.55
N ALA A 68 -8.38 3.72 6.90
CA ALA A 68 -8.24 2.65 5.91
C ALA A 68 -9.46 2.57 5.01
N GLN A 69 -10.59 3.08 5.49
CA GLN A 69 -11.83 3.07 4.73
C GLN A 69 -11.67 3.84 3.42
N LYS A 70 -10.66 4.71 3.36
CA LYS A 70 -10.40 5.51 2.18
C LYS A 70 -9.10 5.07 1.52
N LEU A 71 -8.57 3.93 1.92
CA LEU A 71 -7.33 3.40 1.37
C LEU A 71 -7.55 2.03 0.73
N GLU A 72 -7.46 1.99 -0.60
CA GLU A 72 -7.64 0.74 -1.34
C GLU A 72 -6.60 0.59 -2.43
N THR A 73 -6.42 1.64 -3.22
CA THR A 73 -5.46 1.64 -4.31
C THR A 73 -4.06 1.94 -3.81
N VAL A 74 -3.05 1.48 -4.54
CA VAL A 74 -1.66 1.70 -4.16
C VAL A 74 -1.35 3.19 -4.04
N ASP A 75 -1.77 3.96 -5.05
CA ASP A 75 -1.54 5.40 -5.06
C ASP A 75 -2.11 6.05 -3.79
N ASP A 76 -3.38 5.79 -3.53
CA ASP A 76 -4.04 6.33 -2.34
C ASP A 76 -3.28 5.96 -1.07
N ILE A 77 -2.99 4.67 -0.93
CA ILE A 77 -2.28 4.18 0.24
C ILE A 77 -0.94 4.91 0.43
N CYS A 78 -0.12 4.89 -0.62
CA CYS A 78 1.18 5.54 -0.58
C CYS A 78 1.02 7.04 -0.30
N ARG A 79 -0.08 7.61 -0.79
CA ARG A 79 -0.34 9.04 -0.59
C ARG A 79 -0.63 9.34 0.88
N TYR A 80 -1.36 8.44 1.53
CA TYR A 80 -1.71 8.62 2.93
C TYR A 80 -0.49 8.41 3.82
N ILE A 81 0.33 7.43 3.48
CA ILE A 81 1.54 7.14 4.25
C ILE A 81 2.62 8.19 4.00
N ALA A 82 2.75 8.61 2.74
CA ALA A 82 3.74 9.61 2.37
C ALA A 82 3.43 10.96 3.01
N SER A 83 2.16 11.36 2.93
CA SER A 83 1.73 12.64 3.50
C SER A 83 2.11 12.73 4.98
N LYS A 84 2.22 11.58 5.63
CA LYS A 84 2.58 11.52 7.03
C LYS A 84 4.09 11.52 7.22
N SER A 85 4.76 10.55 6.60
CA SER A 85 6.21 10.44 6.70
C SER A 85 6.88 11.16 5.53
N SER A 86 6.39 12.35 5.20
CA SER A 86 6.94 13.12 4.11
C SER A 86 8.29 13.73 4.50
N ASP A 87 8.36 14.30 5.69
CA ASP A 87 9.59 14.90 6.19
C ASP A 87 10.38 13.92 7.05
N ALA A 88 11.68 14.15 7.15
CA ALA A 88 12.54 13.28 7.94
C ALA A 88 12.95 13.96 9.24
N PRO A 1 7.06 15.76 -11.00
CA PRO A 1 7.89 16.49 -10.02
C PRO A 1 7.04 17.37 -9.10
N GLY A 2 6.53 16.79 -8.03
CA GLY A 2 5.72 17.54 -7.09
C GLY A 2 4.44 16.82 -6.71
N SER A 3 4.56 15.80 -5.87
CA SER A 3 3.42 15.01 -5.44
C SER A 3 3.60 14.53 -3.99
N MET A 4 2.51 14.51 -3.24
CA MET A 4 2.55 14.06 -1.85
C MET A 4 3.16 12.67 -1.75
N VAL A 5 2.99 11.88 -2.79
CA VAL A 5 3.53 10.52 -2.81
C VAL A 5 5.01 10.52 -2.49
N SER A 6 5.47 9.45 -1.83
CA SER A 6 6.87 9.33 -1.46
C SER A 6 7.50 8.10 -2.10
N GLU A 7 8.36 8.32 -3.10
CA GLU A 7 9.02 7.22 -3.80
C GLU A 7 9.70 6.28 -2.82
N GLU A 8 10.30 6.85 -1.78
CA GLU A 8 10.99 6.07 -0.76
C GLU A 8 10.05 5.03 -0.14
N ILE A 9 8.87 5.49 0.29
CA ILE A 9 7.88 4.61 0.90
C ILE A 9 7.23 3.72 -0.15
N LYS A 10 7.09 4.23 -1.36
CA LYS A 10 6.49 3.48 -2.45
C LYS A 10 7.14 2.11 -2.59
N ALA A 11 8.46 2.07 -2.45
CA ALA A 11 9.21 0.81 -2.56
C ALA A 11 8.91 -0.10 -1.37
N GLN A 12 8.65 0.50 -0.22
CA GLN A 12 8.36 -0.26 0.99
C GLN A 12 6.94 -0.83 0.94
N VAL A 13 5.98 -0.01 0.57
CA VAL A 13 4.59 -0.44 0.48
C VAL A 13 4.42 -1.52 -0.58
N MET A 14 5.05 -1.31 -1.73
CA MET A 14 4.97 -2.27 -2.83
C MET A 14 5.71 -3.56 -2.50
N GLU A 15 6.85 -3.41 -1.81
CA GLU A 15 7.65 -4.56 -1.42
C GLU A 15 6.93 -5.42 -0.39
N SER A 16 6.18 -4.76 0.50
CA SER A 16 5.44 -5.46 1.54
C SER A 16 4.20 -6.15 0.96
N VAL A 17 3.52 -5.45 0.05
CA VAL A 17 2.32 -5.99 -0.58
C VAL A 17 2.64 -7.24 -1.40
N ILE A 18 3.63 -7.11 -2.28
CA ILE A 18 4.04 -8.24 -3.13
C ILE A 18 4.25 -9.51 -2.29
N GLY A 19 5.06 -9.39 -1.25
CA GLY A 19 5.32 -10.54 -0.40
C GLY A 19 4.15 -10.87 0.51
N CYS A 20 3.30 -9.87 0.76
CA CYS A 20 2.13 -10.06 1.62
C CYS A 20 1.17 -11.08 1.01
N LEU A 21 0.83 -10.88 -0.25
CA LEU A 21 -0.08 -11.79 -0.95
C LEU A 21 0.67 -12.67 -1.94
N LYS A 22 2.00 -12.58 -1.91
CA LYS A 22 2.84 -13.37 -2.80
C LYS A 22 2.38 -13.23 -4.25
N LEU A 23 2.94 -12.26 -4.96
CA LEU A 23 2.59 -12.03 -6.35
C LEU A 23 3.58 -12.71 -7.29
N ASN A 24 3.20 -12.84 -8.55
CA ASN A 24 4.06 -13.49 -9.55
C ASN A 24 4.56 -12.46 -10.57
N ASP A 25 5.29 -12.95 -11.56
CA ASP A 25 5.82 -12.09 -12.61
C ASP A 25 4.70 -11.38 -13.36
N GLU A 26 3.61 -12.11 -13.61
CA GLU A 26 2.47 -11.54 -14.32
C GLU A 26 1.79 -10.46 -13.50
N GLN A 27 1.51 -10.77 -12.24
CA GLN A 27 0.85 -9.81 -11.34
C GLN A 27 1.68 -8.55 -11.20
N LYS A 28 3.00 -8.72 -11.08
CA LYS A 28 3.91 -7.59 -10.94
C LYS A 28 3.99 -6.80 -12.24
N GLN A 29 3.67 -7.44 -13.36
CA GLN A 29 3.72 -6.80 -14.66
C GLN A 29 2.39 -6.12 -14.97
N ILE A 30 1.30 -6.65 -14.42
CA ILE A 30 -0.02 -6.10 -14.64
C ILE A 30 -0.46 -5.24 -13.46
N LEU A 31 0.52 -4.74 -12.70
CA LEU A 31 0.23 -3.90 -11.55
C LEU A 31 0.39 -2.43 -11.90
N SER A 32 -0.24 -1.56 -11.11
CA SER A 32 -0.19 -0.13 -11.33
C SER A 32 -0.55 0.64 -10.07
N GLY A 33 -0.11 1.90 -10.01
CA GLY A 33 -0.40 2.73 -8.85
C GLY A 33 -1.87 3.01 -8.68
N THR A 34 -2.61 2.94 -9.78
CA THR A 34 -4.05 3.21 -9.76
C THR A 34 -4.85 1.92 -9.91
N THR A 35 -4.37 0.85 -9.27
CA THR A 35 -5.04 -0.44 -9.33
C THR A 35 -5.35 -0.96 -7.94
N ASN A 36 -6.63 -1.10 -7.64
CA ASN A 36 -7.07 -1.59 -6.35
C ASN A 36 -6.56 -3.01 -6.10
N LEU A 37 -5.56 -3.13 -5.22
CA LEU A 37 -4.97 -4.42 -4.90
C LEU A 37 -5.97 -5.29 -4.14
N ALA A 38 -7.04 -4.67 -3.67
CA ALA A 38 -8.07 -5.38 -2.92
C ALA A 38 -9.09 -6.02 -3.87
N LYS A 39 -9.53 -5.25 -4.86
CA LYS A 39 -10.51 -5.74 -5.83
C LYS A 39 -9.81 -6.50 -6.95
N ASP A 40 -8.80 -5.89 -7.55
CA ASP A 40 -8.06 -6.51 -8.65
C ASP A 40 -7.59 -7.92 -8.24
N PHE A 41 -6.75 -7.98 -7.23
CA PHE A 41 -6.22 -9.26 -6.75
C PHE A 41 -7.25 -9.98 -5.88
N ASN A 42 -8.39 -9.32 -5.65
CA ASN A 42 -9.45 -9.90 -4.83
C ASN A 42 -8.91 -10.35 -3.47
N LEU A 43 -7.99 -9.55 -2.92
CA LEU A 43 -7.40 -9.87 -1.62
C LEU A 43 -8.49 -10.15 -0.58
N ASP A 44 -8.17 -11.03 0.37
CA ASP A 44 -9.12 -11.38 1.42
C ASP A 44 -9.01 -10.41 2.60
N SER A 45 -10.08 -10.33 3.38
CA SER A 45 -10.11 -9.43 4.52
C SER A 45 -8.94 -9.70 5.46
N LEU A 46 -8.44 -10.94 5.43
CA LEU A 46 -7.32 -11.33 6.27
C LEU A 46 -6.02 -10.72 5.78
N ASP A 47 -5.77 -10.85 4.48
CA ASP A 47 -4.56 -10.31 3.87
C ASP A 47 -4.45 -8.80 4.11
N PHE A 48 -5.54 -8.09 3.83
CA PHE A 48 -5.57 -6.64 4.01
C PHE A 48 -5.13 -6.27 5.42
N VAL A 49 -5.68 -6.95 6.41
CA VAL A 49 -5.34 -6.69 7.81
C VAL A 49 -3.83 -6.73 8.02
N ASP A 50 -3.22 -7.82 7.60
CA ASP A 50 -1.77 -7.98 7.73
C ASP A 50 -1.02 -6.91 6.96
N LEU A 51 -1.61 -6.46 5.86
CA LEU A 51 -1.00 -5.43 5.02
C LEU A 51 -0.93 -4.10 5.76
N ILE A 52 -2.11 -3.60 6.18
CA ILE A 52 -2.18 -2.34 6.90
C ILE A 52 -1.36 -2.39 8.19
N MET A 53 -1.40 -3.53 8.86
CA MET A 53 -0.67 -3.71 10.11
C MET A 53 0.84 -3.73 9.85
N SER A 54 1.24 -4.40 8.78
CA SER A 54 2.66 -4.48 8.43
C SER A 54 3.24 -3.11 8.16
N LEU A 55 2.60 -2.36 7.27
CA LEU A 55 3.06 -1.01 6.94
C LEU A 55 2.93 -0.08 8.13
N GLU A 56 1.88 -0.24 8.91
CA GLU A 56 1.66 0.59 10.09
C GLU A 56 2.84 0.50 11.04
N GLU A 57 3.23 -0.73 11.39
CA GLU A 57 4.34 -0.95 12.30
C GLU A 57 5.67 -0.61 11.63
N ARG A 58 5.72 -0.82 10.31
CA ARG A 58 6.94 -0.54 9.55
C ARG A 58 7.35 0.92 9.69
N PHE A 59 6.44 1.82 9.33
CA PHE A 59 6.72 3.26 9.42
C PHE A 59 6.17 3.84 10.72
N SER A 60 5.77 2.95 11.64
CA SER A 60 5.23 3.37 12.92
C SER A 60 4.10 4.39 12.73
N LEU A 61 3.39 4.27 11.60
CA LEU A 61 2.29 5.18 11.30
C LEU A 61 1.06 4.84 12.12
N GLU A 62 0.19 5.82 12.32
CA GLU A 62 -1.03 5.62 13.09
C GLU A 62 -2.24 5.51 12.16
N ILE A 63 -2.61 4.29 11.81
CA ILE A 63 -3.75 4.05 10.94
C ILE A 63 -4.96 3.56 11.72
N SER A 64 -6.13 4.07 11.36
CA SER A 64 -7.37 3.69 12.03
C SER A 64 -8.26 2.86 11.11
N ASP A 65 -9.41 2.45 11.62
CA ASP A 65 -10.36 1.66 10.84
C ASP A 65 -11.01 2.49 9.75
N GLU A 66 -11.27 3.75 10.07
CA GLU A 66 -11.89 4.67 9.11
C GLU A 66 -10.91 5.10 8.04
N ASP A 67 -9.68 5.39 8.46
CA ASP A 67 -8.63 5.82 7.54
C ASP A 67 -8.44 4.79 6.42
N ALA A 68 -8.66 3.53 6.75
CA ALA A 68 -8.52 2.45 5.78
C ALA A 68 -9.64 2.49 4.75
N GLN A 69 -10.76 3.10 5.11
CA GLN A 69 -11.90 3.21 4.22
C GLN A 69 -11.55 4.02 2.98
N LYS A 70 -10.47 4.80 3.08
CA LYS A 70 -10.03 5.64 1.96
C LYS A 70 -8.73 5.11 1.37
N LEU A 71 -8.32 3.92 1.82
CA LEU A 71 -7.09 3.32 1.34
C LEU A 71 -7.38 2.00 0.62
N GLU A 72 -7.65 2.08 -0.68
CA GLU A 72 -7.94 0.90 -1.48
C GLU A 72 -6.94 0.76 -2.63
N THR A 73 -6.56 1.88 -3.21
CA THR A 73 -5.60 1.88 -4.32
C THR A 73 -4.19 2.13 -3.82
N VAL A 74 -3.21 1.72 -4.63
CA VAL A 74 -1.80 1.90 -4.28
C VAL A 74 -1.47 3.37 -4.05
N ASP A 75 -1.78 4.20 -5.04
CA ASP A 75 -1.52 5.63 -4.96
C ASP A 75 -2.14 6.21 -3.69
N ASP A 76 -3.35 5.78 -3.37
CA ASP A 76 -4.04 6.27 -2.18
C ASP A 76 -3.29 5.88 -0.92
N ILE A 77 -2.92 4.61 -0.82
CA ILE A 77 -2.20 4.11 0.34
C ILE A 77 -0.87 4.85 0.53
N CYS A 78 -0.05 4.83 -0.52
CA CYS A 78 1.25 5.51 -0.49
C CYS A 78 1.08 6.99 -0.19
N ARG A 79 0.01 7.58 -0.71
CA ARG A 79 -0.27 8.99 -0.51
C ARG A 79 -0.58 9.29 0.96
N TYR A 80 -1.34 8.39 1.59
CA TYR A 80 -1.71 8.55 2.99
C TYR A 80 -0.50 8.38 3.89
N ILE A 81 0.36 7.42 3.56
CA ILE A 81 1.55 7.15 4.35
C ILE A 81 2.60 8.24 4.13
N ALA A 82 2.85 8.57 2.87
CA ALA A 82 3.84 9.59 2.53
C ALA A 82 3.45 10.94 3.13
N SER A 83 2.18 11.29 3.01
CA SER A 83 1.68 12.56 3.53
C SER A 83 2.00 12.70 5.02
N LYS A 84 2.13 11.56 5.69
CA LYS A 84 2.44 11.54 7.12
C LYS A 84 3.93 11.76 7.36
N SER A 85 4.75 11.21 6.47
CA SER A 85 6.20 11.35 6.59
C SER A 85 6.61 12.82 6.51
N SER A 86 6.55 13.37 5.31
CA SER A 86 6.92 14.76 5.08
C SER A 86 6.10 15.69 5.98
N ASP A 87 4.83 15.86 5.63
CA ASP A 87 3.95 16.73 6.40
C ASP A 87 3.54 16.06 7.73
N ALA A 88 4.17 16.50 8.81
CA ALA A 88 3.88 15.95 10.13
C ALA A 88 2.39 15.98 10.42
N PRO A 1 11.91 9.15 -11.68
CA PRO A 1 10.67 9.63 -11.06
C PRO A 1 10.82 11.03 -10.45
N GLY A 2 9.73 11.55 -9.89
CA GLY A 2 9.77 12.86 -9.29
C GLY A 2 8.39 13.45 -9.11
N SER A 3 7.57 12.81 -8.27
CA SER A 3 6.22 13.28 -8.01
C SER A 3 6.01 13.54 -6.52
N MET A 4 4.84 14.06 -6.18
CA MET A 4 4.51 14.36 -4.79
C MET A 4 4.59 13.09 -3.93
N VAL A 5 4.31 11.95 -4.55
CA VAL A 5 4.35 10.67 -3.84
C VAL A 5 5.75 10.38 -3.33
N SER A 6 5.83 9.65 -2.22
CA SER A 6 7.11 9.30 -1.61
C SER A 6 7.67 8.03 -2.23
N GLU A 7 8.60 8.19 -3.18
CA GLU A 7 9.21 7.06 -3.85
C GLU A 7 9.86 6.12 -2.84
N GLU A 8 10.48 6.68 -1.81
CA GLU A 8 11.14 5.89 -0.78
C GLU A 8 10.17 4.89 -0.16
N ILE A 9 9.02 5.38 0.26
CA ILE A 9 8.00 4.52 0.86
C ILE A 9 7.33 3.63 -0.18
N LYS A 10 7.21 4.15 -1.39
CA LYS A 10 6.59 3.41 -2.49
C LYS A 10 7.23 2.03 -2.63
N ALA A 11 8.54 1.96 -2.48
CA ALA A 11 9.27 0.70 -2.59
C ALA A 11 8.95 -0.21 -1.41
N GLN A 12 8.69 0.40 -0.25
CA GLN A 12 8.38 -0.36 0.96
C GLN A 12 6.97 -0.91 0.91
N VAL A 13 6.02 -0.07 0.52
CA VAL A 13 4.62 -0.48 0.43
C VAL A 13 4.44 -1.55 -0.64
N MET A 14 5.09 -1.36 -1.79
CA MET A 14 4.99 -2.31 -2.88
C MET A 14 5.72 -3.60 -2.54
N GLU A 15 6.85 -3.48 -1.86
CA GLU A 15 7.64 -4.64 -1.47
C GLU A 15 6.90 -5.48 -0.43
N SER A 16 6.16 -4.81 0.44
CA SER A 16 5.41 -5.49 1.49
C SER A 16 4.16 -6.17 0.92
N VAL A 17 3.47 -5.46 0.03
CA VAL A 17 2.27 -6.00 -0.59
C VAL A 17 2.58 -7.23 -1.42
N ILE A 18 3.57 -7.12 -2.30
CA ILE A 18 3.96 -8.23 -3.16
C ILE A 18 4.17 -9.50 -2.35
N GLY A 19 5.00 -9.41 -1.31
CA GLY A 19 5.25 -10.56 -0.47
C GLY A 19 4.09 -10.89 0.44
N CYS A 20 3.25 -9.90 0.71
CA CYS A 20 2.08 -10.09 1.57
C CYS A 20 1.11 -11.09 0.96
N LEU A 21 0.77 -10.88 -0.30
CA LEU A 21 -0.16 -11.77 -1.01
C LEU A 21 0.58 -12.65 -2.00
N LYS A 22 1.91 -12.56 -1.99
CA LYS A 22 2.74 -13.36 -2.88
C LYS A 22 2.26 -13.23 -4.33
N LEU A 23 2.82 -12.23 -5.03
CA LEU A 23 2.45 -12.00 -6.42
C LEU A 23 3.41 -12.71 -7.37
N ASN A 24 3.01 -12.83 -8.63
CA ASN A 24 3.84 -13.49 -9.64
C ASN A 24 4.37 -12.48 -10.66
N ASP A 25 5.08 -12.98 -11.67
CA ASP A 25 5.62 -12.12 -12.70
C ASP A 25 4.51 -11.39 -13.45
N GLU A 26 3.41 -12.08 -13.71
CA GLU A 26 2.28 -11.49 -14.41
C GLU A 26 1.61 -10.43 -13.55
N GLN A 27 1.34 -10.75 -12.29
CA GLN A 27 0.70 -9.83 -11.38
C GLN A 27 1.53 -8.55 -11.22
N LYS A 28 2.85 -8.70 -11.27
CA LYS A 28 3.76 -7.58 -11.15
C LYS A 28 3.77 -6.73 -12.42
N GLN A 29 3.38 -7.34 -13.53
CA GLN A 29 3.34 -6.64 -14.81
C GLN A 29 1.98 -5.98 -15.02
N ILE A 30 0.94 -6.58 -14.46
CA ILE A 30 -0.41 -6.04 -14.59
C ILE A 30 -0.78 -5.19 -13.37
N LEU A 31 0.23 -4.67 -12.69
CA LEU A 31 0.02 -3.84 -11.52
C LEU A 31 0.16 -2.36 -11.85
N SER A 32 -0.48 -1.50 -11.07
CA SER A 32 -0.42 -0.06 -11.29
C SER A 32 -0.81 0.69 -10.03
N GLY A 33 -0.41 1.96 -9.95
CA GLY A 33 -0.73 2.78 -8.79
C GLY A 33 -2.22 3.00 -8.64
N THR A 34 -2.91 3.16 -9.77
CA THR A 34 -4.35 3.39 -9.75
C THR A 34 -5.12 2.07 -9.92
N THR A 35 -4.62 1.02 -9.29
CA THR A 35 -5.25 -0.29 -9.37
C THR A 35 -5.59 -0.82 -7.98
N ASN A 36 -6.83 -1.25 -7.81
CA ASN A 36 -7.28 -1.78 -6.53
C ASN A 36 -6.70 -3.17 -6.28
N LEU A 37 -5.71 -3.25 -5.41
CA LEU A 37 -5.07 -4.52 -5.08
C LEU A 37 -6.01 -5.42 -4.29
N ALA A 38 -7.08 -4.83 -3.76
CA ALA A 38 -8.07 -5.58 -2.99
C ALA A 38 -9.10 -6.23 -3.89
N LYS A 39 -9.56 -5.48 -4.90
CA LYS A 39 -10.55 -5.99 -5.84
C LYS A 39 -9.88 -6.77 -6.96
N ASP A 40 -8.89 -6.16 -7.60
CA ASP A 40 -8.17 -6.81 -8.69
C ASP A 40 -7.68 -8.20 -8.27
N PHE A 41 -6.81 -8.23 -7.27
CA PHE A 41 -6.27 -9.49 -6.78
C PHE A 41 -7.27 -10.20 -5.86
N ASN A 42 -8.40 -9.55 -5.63
CA ASN A 42 -9.44 -10.12 -4.79
C ASN A 42 -8.87 -10.55 -3.43
N LEU A 43 -8.08 -9.67 -2.83
CA LEU A 43 -7.46 -9.97 -1.53
C LEU A 43 -8.53 -10.27 -0.48
N ASP A 44 -8.17 -11.11 0.48
CA ASP A 44 -9.08 -11.48 1.55
C ASP A 44 -9.00 -10.50 2.72
N SER A 45 -10.08 -10.42 3.49
CA SER A 45 -10.13 -9.51 4.63
C SER A 45 -8.94 -9.75 5.57
N LEU A 46 -8.44 -10.98 5.57
CA LEU A 46 -7.30 -11.33 6.41
C LEU A 46 -6.01 -10.71 5.88
N ASP A 47 -5.77 -10.88 4.59
CA ASP A 47 -4.58 -10.34 3.95
C ASP A 47 -4.48 -8.84 4.16
N PHE A 48 -5.57 -8.13 3.88
CA PHE A 48 -5.61 -6.69 4.04
C PHE A 48 -5.16 -6.28 5.45
N VAL A 49 -5.71 -6.96 6.45
CA VAL A 49 -5.36 -6.66 7.83
C VAL A 49 -3.86 -6.72 8.05
N ASP A 50 -3.24 -7.82 7.63
CA ASP A 50 -1.80 -8.00 7.78
C ASP A 50 -1.03 -6.92 6.99
N LEU A 51 -1.63 -6.48 5.88
CA LEU A 51 -1.01 -5.46 5.04
C LEU A 51 -0.94 -4.12 5.77
N ILE A 52 -2.10 -3.61 6.19
CA ILE A 52 -2.17 -2.35 6.91
C ILE A 52 -1.34 -2.39 8.19
N MET A 53 -1.37 -3.54 8.87
CA MET A 53 -0.62 -3.71 10.10
C MET A 53 0.88 -3.73 9.83
N SER A 54 1.27 -4.38 8.74
CA SER A 54 2.67 -4.47 8.38
C SER A 54 3.26 -3.09 8.10
N LEU A 55 2.61 -2.35 7.21
CA LEU A 55 3.07 -1.00 6.85
C LEU A 55 2.96 -0.06 8.05
N GLU A 56 1.90 -0.23 8.84
CA GLU A 56 1.69 0.61 10.02
C GLU A 56 2.87 0.51 10.98
N GLU A 57 3.23 -0.73 11.33
CA GLU A 57 4.34 -0.96 12.24
C GLU A 57 5.68 -0.65 11.57
N ARG A 58 5.74 -0.85 10.26
CA ARG A 58 6.95 -0.58 9.50
C ARG A 58 7.38 0.88 9.63
N PHE A 59 6.48 1.78 9.27
CA PHE A 59 6.75 3.21 9.35
C PHE A 59 6.20 3.80 10.64
N SER A 60 5.78 2.93 11.55
CA SER A 60 5.23 3.36 12.83
C SER A 60 4.13 4.40 12.62
N LEU A 61 3.43 4.29 11.50
CA LEU A 61 2.35 5.22 11.18
C LEU A 61 1.10 4.91 11.99
N GLU A 62 0.26 5.92 12.19
CA GLU A 62 -0.98 5.75 12.95
C GLU A 62 -2.18 5.66 12.03
N ILE A 63 -2.57 4.43 11.69
CA ILE A 63 -3.71 4.21 10.81
C ILE A 63 -4.96 3.85 11.61
N SER A 64 -6.10 4.33 11.14
CA SER A 64 -7.37 4.07 11.81
C SER A 64 -8.27 3.17 10.96
N ASP A 65 -9.51 3.02 11.37
CA ASP A 65 -10.47 2.19 10.65
C ASP A 65 -11.02 2.92 9.43
N GLU A 66 -11.38 4.19 9.62
CA GLU A 66 -11.91 5.00 8.54
C GLU A 66 -10.80 5.42 7.57
N ASP A 67 -9.60 5.57 8.10
CA ASP A 67 -8.45 5.97 7.29
C ASP A 67 -8.24 4.99 6.13
N ALA A 68 -8.29 3.70 6.45
CA ALA A 68 -8.09 2.66 5.44
C ALA A 68 -9.27 2.62 4.47
N GLN A 69 -10.42 3.13 4.91
CA GLN A 69 -11.61 3.15 4.06
C GLN A 69 -11.35 3.90 2.77
N LYS A 70 -10.35 4.77 2.78
CA LYS A 70 -10.00 5.56 1.60
C LYS A 70 -8.64 5.12 1.04
N LEU A 71 -8.16 3.96 1.51
CA LEU A 71 -6.88 3.44 1.05
C LEU A 71 -7.03 2.00 0.57
N GLU A 72 -6.92 1.80 -0.74
CA GLU A 72 -7.05 0.48 -1.33
C GLU A 72 -5.99 0.26 -2.41
N THR A 73 -5.78 1.28 -3.23
CA THR A 73 -4.79 1.20 -4.30
C THR A 73 -3.41 1.64 -3.82
N VAL A 74 -2.38 1.18 -4.51
CA VAL A 74 -1.00 1.51 -4.16
C VAL A 74 -0.81 3.03 -4.08
N ASP A 75 -1.42 3.74 -5.02
CA ASP A 75 -1.31 5.19 -5.06
C ASP A 75 -1.96 5.82 -3.83
N ASP A 76 -3.22 5.49 -3.59
CA ASP A 76 -3.96 6.01 -2.45
C ASP A 76 -3.22 5.70 -1.14
N ILE A 77 -2.85 4.44 -0.96
CA ILE A 77 -2.14 4.01 0.24
C ILE A 77 -0.81 4.73 0.37
N CYS A 78 0.03 4.62 -0.66
CA CYS A 78 1.34 5.26 -0.65
C CYS A 78 1.21 6.75 -0.36
N ARG A 79 0.20 7.38 -0.95
CA ARG A 79 -0.03 8.80 -0.76
C ARG A 79 -0.32 9.12 0.71
N TYR A 80 -1.25 8.37 1.30
CA TYR A 80 -1.62 8.56 2.70
C TYR A 80 -0.41 8.39 3.61
N ILE A 81 0.43 7.41 3.29
CA ILE A 81 1.63 7.14 4.07
C ILE A 81 2.69 8.20 3.85
N ALA A 82 2.78 8.70 2.62
CA ALA A 82 3.75 9.73 2.27
C ALA A 82 3.39 11.06 2.94
N SER A 83 2.13 11.44 2.87
CA SER A 83 1.66 12.69 3.45
C SER A 83 2.04 12.76 4.93
N LYS A 84 2.16 11.60 5.56
CA LYS A 84 2.52 11.52 6.98
C LYS A 84 4.03 11.70 7.16
N SER A 85 4.80 11.22 6.20
CA SER A 85 6.25 11.32 6.26
C SER A 85 6.72 12.72 5.87
N SER A 86 8.03 12.89 5.72
CA SER A 86 8.60 14.17 5.35
C SER A 86 8.95 14.20 3.86
N ASP A 87 8.19 13.46 3.07
CA ASP A 87 8.41 13.41 1.64
C ASP A 87 8.39 14.80 1.02
N ALA A 88 9.23 15.02 0.01
CA ALA A 88 9.29 16.32 -0.66
C ALA A 88 8.42 16.34 -1.90
N PRO A 1 10.23 13.84 -5.69
CA PRO A 1 9.14 13.61 -6.64
C PRO A 1 8.13 14.76 -6.64
N GLY A 2 7.59 15.06 -7.83
CA GLY A 2 6.61 16.13 -7.94
C GLY A 2 5.37 15.88 -7.10
N SER A 3 4.70 14.77 -7.37
CA SER A 3 3.49 14.41 -6.64
C SER A 3 3.77 14.29 -5.15
N MET A 4 2.71 14.16 -4.36
CA MET A 4 2.85 14.03 -2.91
C MET A 4 3.37 12.64 -2.53
N VAL A 5 3.13 11.67 -3.39
CA VAL A 5 3.58 10.31 -3.15
C VAL A 5 5.06 10.27 -2.82
N SER A 6 5.44 9.41 -1.87
CA SER A 6 6.83 9.28 -1.46
C SER A 6 7.47 8.05 -2.10
N GLU A 7 8.33 8.29 -3.09
CA GLU A 7 9.01 7.20 -3.79
C GLU A 7 9.70 6.28 -2.80
N GLU A 8 10.26 6.85 -1.74
CA GLU A 8 10.96 6.09 -0.72
C GLU A 8 10.04 5.05 -0.10
N ILE A 9 8.86 5.49 0.34
CA ILE A 9 7.89 4.60 0.95
C ILE A 9 7.23 3.69 -0.09
N LYS A 10 7.09 4.20 -1.30
CA LYS A 10 6.49 3.44 -2.39
C LYS A 10 7.16 2.08 -2.53
N ALA A 11 8.49 2.06 -2.40
CA ALA A 11 9.24 0.82 -2.51
C ALA A 11 8.98 -0.10 -1.32
N GLN A 12 8.70 0.50 -0.17
CA GLN A 12 8.43 -0.27 1.04
C GLN A 12 7.03 -0.86 1.00
N VAL A 13 6.06 -0.05 0.61
CA VAL A 13 4.66 -0.50 0.52
C VAL A 13 4.50 -1.58 -0.54
N MET A 14 5.17 -1.39 -1.67
CA MET A 14 5.09 -2.36 -2.77
C MET A 14 5.87 -3.62 -2.43
N GLU A 15 7.00 -3.45 -1.76
CA GLU A 15 7.85 -4.58 -1.38
C GLU A 15 7.15 -5.45 -0.35
N SER A 16 6.40 -4.81 0.55
CA SER A 16 5.69 -5.52 1.60
C SER A 16 4.46 -6.23 1.04
N VAL A 17 3.66 -5.50 0.26
CA VAL A 17 2.45 -6.05 -0.34
C VAL A 17 2.78 -7.28 -1.18
N ILE A 18 3.76 -7.14 -2.07
CA ILE A 18 4.17 -8.23 -2.94
C ILE A 18 4.37 -9.52 -2.14
N GLY A 19 5.15 -9.43 -1.07
CA GLY A 19 5.40 -10.60 -0.24
C GLY A 19 4.21 -10.95 0.64
N CYS A 20 3.36 -9.98 0.90
CA CYS A 20 2.18 -10.19 1.73
C CYS A 20 1.23 -11.17 1.08
N LEU A 21 0.90 -10.93 -0.19
CA LEU A 21 -0.01 -11.80 -0.93
C LEU A 21 0.76 -12.66 -1.92
N LYS A 22 2.08 -12.56 -1.89
CA LYS A 22 2.93 -13.34 -2.79
C LYS A 22 2.46 -13.22 -4.23
N LEU A 23 2.97 -12.20 -4.93
CA LEU A 23 2.61 -11.97 -6.32
C LEU A 23 3.56 -12.70 -7.26
N ASN A 24 3.18 -12.78 -8.53
CA ASN A 24 4.01 -13.45 -9.53
C ASN A 24 4.53 -12.46 -10.56
N ASP A 25 5.20 -12.97 -11.59
CA ASP A 25 5.76 -12.13 -12.64
C ASP A 25 4.65 -11.39 -13.38
N GLU A 26 3.52 -12.07 -13.59
CA GLU A 26 2.39 -11.47 -14.29
C GLU A 26 1.72 -10.41 -13.43
N GLN A 27 1.48 -10.73 -12.17
CA GLN A 27 0.86 -9.79 -11.24
C GLN A 27 1.70 -8.54 -11.06
N LYS A 28 3.02 -8.72 -11.07
CA LYS A 28 3.94 -7.61 -10.90
C LYS A 28 4.02 -6.77 -12.18
N GLN A 29 3.68 -7.40 -13.31
CA GLN A 29 3.71 -6.71 -14.59
C GLN A 29 2.38 -6.02 -14.87
N ILE A 30 1.30 -6.59 -14.32
CA ILE A 30 -0.03 -6.03 -14.52
C ILE A 30 -0.46 -5.20 -13.31
N LEU A 31 0.52 -4.74 -12.55
CA LEU A 31 0.25 -3.92 -11.37
C LEU A 31 0.39 -2.43 -11.68
N SER A 32 -0.36 -1.60 -10.96
CA SER A 32 -0.32 -0.16 -11.17
C SER A 32 -0.75 0.57 -9.90
N GLY A 33 -0.37 1.85 -9.81
CA GLY A 33 -0.72 2.64 -8.64
C GLY A 33 -2.21 2.86 -8.53
N THR A 34 -2.88 3.03 -9.67
CA THR A 34 -4.32 3.25 -9.69
C THR A 34 -5.08 1.94 -9.89
N THR A 35 -4.59 0.88 -9.26
CA THR A 35 -5.23 -0.43 -9.37
C THR A 35 -5.52 -1.02 -8.00
N ASN A 36 -6.79 -1.00 -7.61
CA ASN A 36 -7.20 -1.53 -6.31
C ASN A 36 -6.73 -2.97 -6.15
N LEU A 37 -5.69 -3.16 -5.35
CA LEU A 37 -5.14 -4.50 -5.12
C LEU A 37 -6.14 -5.36 -4.34
N ALA A 38 -7.14 -4.71 -3.75
CA ALA A 38 -8.16 -5.42 -2.99
C ALA A 38 -9.16 -6.10 -3.92
N LYS A 39 -9.67 -5.36 -4.89
CA LYS A 39 -10.64 -5.90 -5.84
C LYS A 39 -9.93 -6.61 -6.99
N ASP A 40 -8.92 -5.96 -7.56
CA ASP A 40 -8.17 -6.53 -8.66
C ASP A 40 -7.67 -7.93 -8.31
N PHE A 41 -6.79 -8.01 -7.32
CA PHE A 41 -6.24 -9.29 -6.90
C PHE A 41 -7.23 -10.04 -6.01
N ASN A 42 -8.35 -9.40 -5.72
CA ASN A 42 -9.38 -10.00 -4.88
C ASN A 42 -8.80 -10.43 -3.54
N LEU A 43 -7.95 -9.58 -2.96
CA LEU A 43 -7.33 -9.87 -1.67
C LEU A 43 -8.38 -10.19 -0.62
N ASP A 44 -8.08 -11.16 0.23
CA ASP A 44 -9.00 -11.56 1.29
C ASP A 44 -8.95 -10.59 2.46
N SER A 45 -10.03 -10.53 3.23
CA SER A 45 -10.12 -9.63 4.37
C SER A 45 -8.94 -9.85 5.32
N LEU A 46 -8.40 -11.05 5.31
CA LEU A 46 -7.27 -11.40 6.17
C LEU A 46 -5.98 -10.73 5.68
N ASP A 47 -5.72 -10.86 4.38
CA ASP A 47 -4.52 -10.27 3.79
C ASP A 47 -4.48 -8.76 4.06
N PHE A 48 -5.58 -8.09 3.77
CA PHE A 48 -5.66 -6.65 3.96
C PHE A 48 -5.24 -6.27 5.38
N VAL A 49 -5.67 -7.06 6.36
CA VAL A 49 -5.34 -6.82 7.75
C VAL A 49 -3.83 -6.79 7.97
N ASP A 50 -3.17 -7.87 7.53
CA ASP A 50 -1.72 -7.98 7.67
C ASP A 50 -1.02 -6.87 6.88
N LEU A 51 -1.67 -6.41 5.82
CA LEU A 51 -1.10 -5.36 4.98
C LEU A 51 -1.01 -4.04 5.74
N ILE A 52 -2.14 -3.57 6.22
CA ILE A 52 -2.20 -2.31 6.97
C ILE A 52 -1.36 -2.40 8.24
N MET A 53 -1.40 -3.56 8.89
CA MET A 53 -0.64 -3.77 10.11
C MET A 53 0.86 -3.80 9.83
N SER A 54 1.24 -4.48 8.75
CA SER A 54 2.64 -4.58 8.37
C SER A 54 3.25 -3.20 8.12
N LEU A 55 2.59 -2.43 7.26
CA LEU A 55 3.06 -1.08 6.93
C LEU A 55 2.98 -0.16 8.15
N GLU A 56 1.93 -0.34 8.94
CA GLU A 56 1.74 0.47 10.13
C GLU A 56 2.95 0.37 11.06
N GLU A 57 3.35 -0.86 11.37
CA GLU A 57 4.49 -1.09 12.24
C GLU A 57 5.81 -0.75 11.53
N ARG A 58 5.82 -0.94 10.22
CA ARG A 58 7.00 -0.66 9.42
C ARG A 58 7.43 0.80 9.58
N PHE A 59 6.52 1.71 9.30
CA PHE A 59 6.80 3.14 9.42
C PHE A 59 6.26 3.70 10.74
N SER A 60 5.86 2.80 11.63
CA SER A 60 5.33 3.20 12.93
C SER A 60 4.21 4.23 12.76
N LEU A 61 3.50 4.14 11.64
CA LEU A 61 2.41 5.06 11.35
C LEU A 61 1.17 4.71 12.17
N GLU A 62 0.32 5.71 12.41
CA GLU A 62 -0.90 5.51 13.18
C GLU A 62 -2.12 5.46 12.26
N ILE A 63 -2.51 4.25 11.88
CA ILE A 63 -3.68 4.06 11.01
C ILE A 63 -4.90 3.64 11.82
N SER A 64 -6.06 4.19 11.45
CA SER A 64 -7.30 3.88 12.14
C SER A 64 -8.23 3.07 11.24
N ASP A 65 -9.47 2.88 11.69
CA ASP A 65 -10.45 2.13 10.93
C ASP A 65 -10.99 2.96 9.76
N GLU A 66 -11.35 4.20 10.06
CA GLU A 66 -11.89 5.10 9.03
C GLU A 66 -10.81 5.50 8.04
N ASP A 67 -9.57 5.60 8.53
CA ASP A 67 -8.44 5.97 7.69
C ASP A 67 -8.29 5.00 6.52
N ALA A 68 -8.35 3.71 6.81
CA ALA A 68 -8.23 2.69 5.78
C ALA A 68 -9.43 2.69 4.85
N GLN A 69 -10.55 3.23 5.32
CA GLN A 69 -11.77 3.30 4.52
C GLN A 69 -11.54 4.11 3.25
N LYS A 70 -10.50 4.93 3.27
CA LYS A 70 -10.18 5.77 2.12
C LYS A 70 -8.87 5.31 1.47
N LEU A 71 -8.38 4.15 1.90
CA LEU A 71 -7.14 3.61 1.36
C LEU A 71 -7.36 2.21 0.78
N GLU A 72 -7.60 2.15 -0.53
CA GLU A 72 -7.84 0.88 -1.20
C GLU A 72 -6.81 0.66 -2.32
N THR A 73 -6.47 1.73 -3.02
CA THR A 73 -5.50 1.66 -4.11
C THR A 73 -4.10 1.97 -3.61
N VAL A 74 -3.10 1.43 -4.29
CA VAL A 74 -1.70 1.65 -3.93
C VAL A 74 -1.41 3.13 -3.78
N ASP A 75 -1.74 3.91 -4.80
CA ASP A 75 -1.51 5.35 -4.77
C ASP A 75 -2.14 5.97 -3.54
N ASP A 76 -3.35 5.54 -3.20
CA ASP A 76 -4.05 6.07 -2.04
C ASP A 76 -3.31 5.74 -0.75
N ILE A 77 -2.95 4.46 -0.59
CA ILE A 77 -2.24 4.01 0.59
C ILE A 77 -0.88 4.72 0.72
N CYS A 78 -0.07 4.62 -0.33
CA CYS A 78 1.24 5.25 -0.33
C CYS A 78 1.12 6.75 -0.06
N ARG A 79 0.10 7.37 -0.62
CA ARG A 79 -0.13 8.80 -0.45
C ARG A 79 -0.42 9.13 1.01
N TYR A 80 -1.27 8.32 1.64
CA TYR A 80 -1.64 8.53 3.03
C TYR A 80 -0.43 8.35 3.94
N ILE A 81 0.42 7.39 3.61
CA ILE A 81 1.62 7.11 4.39
C ILE A 81 2.69 8.17 4.16
N ALA A 82 2.80 8.62 2.91
CA ALA A 82 3.79 9.63 2.55
C ALA A 82 3.47 10.96 3.24
N SER A 83 2.20 11.36 3.22
CA SER A 83 1.78 12.61 3.83
C SER A 83 2.20 12.66 5.30
N LYS A 84 2.35 11.48 5.91
CA LYS A 84 2.75 11.39 7.31
C LYS A 84 4.27 11.41 7.44
N SER A 85 4.93 10.56 6.66
CA SER A 85 6.39 10.47 6.70
C SER A 85 6.99 10.97 5.39
N SER A 86 6.75 12.24 5.08
CA SER A 86 7.27 12.84 3.85
C SER A 86 8.79 13.02 3.93
N ASP A 87 9.29 13.16 5.15
CA ASP A 87 10.72 13.34 5.37
C ASP A 87 11.32 12.14 6.09
N ALA A 88 10.56 11.57 7.02
CA ALA A 88 11.01 10.41 7.78
C ALA A 88 10.93 9.14 6.95
N PRO A 1 2.20 3.79 -15.24
CA PRO A 1 3.44 4.44 -14.83
C PRO A 1 3.20 5.83 -14.24
N GLY A 2 4.17 6.31 -13.46
CA GLY A 2 4.05 7.63 -12.86
C GLY A 2 3.70 7.56 -11.38
N SER A 3 4.45 8.30 -10.57
CA SER A 3 4.23 8.31 -9.13
C SER A 3 4.94 9.50 -8.48
N MET A 4 4.15 10.47 -8.02
CA MET A 4 4.72 11.65 -7.37
C MET A 4 4.85 11.44 -5.86
N VAL A 5 4.03 10.54 -5.32
CA VAL A 5 4.06 10.26 -3.90
C VAL A 5 5.47 9.88 -3.43
N SER A 6 5.63 9.73 -2.13
CA SER A 6 6.93 9.38 -1.56
C SER A 6 7.50 8.13 -2.21
N GLU A 7 8.51 8.31 -3.04
CA GLU A 7 9.15 7.20 -3.73
C GLU A 7 9.82 6.25 -2.73
N GLU A 8 10.36 6.82 -1.66
CA GLU A 8 11.03 6.03 -0.64
C GLU A 8 10.09 5.00 -0.03
N ILE A 9 8.92 5.46 0.39
CA ILE A 9 7.93 4.57 0.98
C ILE A 9 7.28 3.67 -0.07
N LYS A 10 7.16 4.19 -1.29
CA LYS A 10 6.57 3.43 -2.39
C LYS A 10 7.24 2.07 -2.52
N ALA A 11 8.55 2.03 -2.35
CA ALA A 11 9.30 0.79 -2.46
C ALA A 11 9.00 -0.13 -1.28
N GLN A 12 8.72 0.46 -0.12
CA GLN A 12 8.41 -0.30 1.08
C GLN A 12 7.01 -0.88 1.01
N VAL A 13 6.04 -0.06 0.61
CA VAL A 13 4.66 -0.49 0.49
C VAL A 13 4.50 -1.56 -0.58
N MET A 14 5.16 -1.35 -1.72
CA MET A 14 5.10 -2.29 -2.83
C MET A 14 5.84 -3.58 -2.49
N GLU A 15 6.95 -3.44 -1.79
CA GLU A 15 7.76 -4.60 -1.41
C GLU A 15 7.03 -5.45 -0.37
N SER A 16 6.29 -4.79 0.51
CA SER A 16 5.54 -5.48 1.56
C SER A 16 4.31 -6.16 0.98
N VAL A 17 3.62 -5.47 0.08
CA VAL A 17 2.42 -6.01 -0.55
C VAL A 17 2.74 -7.24 -1.38
N ILE A 18 3.71 -7.12 -2.28
CA ILE A 18 4.12 -8.22 -3.14
C ILE A 18 4.34 -9.49 -2.32
N GLY A 19 5.16 -9.40 -1.28
CA GLY A 19 5.42 -10.54 -0.44
C GLY A 19 4.25 -10.89 0.47
N CYS A 20 3.42 -9.91 0.74
CA CYS A 20 2.25 -10.11 1.61
C CYS A 20 1.29 -11.13 1.00
N LEU A 21 0.94 -10.91 -0.27
CA LEU A 21 0.04 -11.82 -0.96
C LEU A 21 0.78 -12.69 -1.96
N LYS A 22 2.11 -12.57 -1.96
CA LYS A 22 2.95 -13.36 -2.85
C LYS A 22 2.46 -13.25 -4.29
N LEU A 23 2.95 -12.25 -5.01
CA LEU A 23 2.55 -12.05 -6.40
C LEU A 23 3.51 -12.76 -7.35
N ASN A 24 3.01 -13.09 -8.54
CA ASN A 24 3.82 -13.77 -9.54
C ASN A 24 4.32 -12.80 -10.60
N ASP A 25 5.01 -13.33 -11.61
CA ASP A 25 5.55 -12.51 -12.68
C ASP A 25 4.43 -11.73 -13.38
N GLU A 26 3.35 -12.44 -13.72
CA GLU A 26 2.22 -11.82 -14.39
C GLU A 26 1.65 -10.67 -13.55
N GLN A 27 1.32 -10.95 -12.30
CA GLN A 27 0.78 -9.94 -11.40
C GLN A 27 1.71 -8.74 -11.31
N LYS A 28 3.01 -9.01 -11.20
CA LYS A 28 4.00 -7.94 -11.10
C LYS A 28 4.13 -7.21 -12.42
N GLN A 29 3.75 -7.87 -13.51
CA GLN A 29 3.85 -7.27 -14.83
C GLN A 29 2.60 -6.45 -15.14
N ILE A 30 1.48 -6.84 -14.54
CA ILE A 30 0.21 -6.13 -14.75
C ILE A 30 -0.13 -5.26 -13.55
N LEU A 31 0.89 -4.88 -12.78
CA LEU A 31 0.69 -4.04 -11.61
C LEU A 31 0.81 -2.56 -11.96
N SER A 32 0.24 -1.72 -11.12
CA SER A 32 0.26 -0.28 -11.34
C SER A 32 -0.27 0.48 -10.13
N GLY A 33 0.30 1.65 -9.88
CA GLY A 33 -0.13 2.45 -8.75
C GLY A 33 -1.64 2.68 -8.74
N THR A 34 -2.22 2.78 -9.92
CA THR A 34 -3.66 3.00 -10.04
C THR A 34 -4.41 1.68 -10.21
N THR A 35 -3.96 0.66 -9.47
CA THR A 35 -4.59 -0.65 -9.53
C THR A 35 -4.94 -1.16 -8.13
N ASN A 36 -6.22 -1.10 -7.79
CA ASN A 36 -6.69 -1.55 -6.49
C ASN A 36 -6.22 -2.98 -6.21
N LEU A 37 -5.24 -3.11 -5.33
CA LEU A 37 -4.71 -4.42 -4.97
C LEU A 37 -5.74 -5.24 -4.22
N ALA A 38 -6.82 -4.60 -3.80
CA ALA A 38 -7.88 -5.27 -3.07
C ALA A 38 -8.89 -5.90 -4.03
N LYS A 39 -9.30 -5.13 -5.03
CA LYS A 39 -10.27 -5.62 -6.02
C LYS A 39 -9.56 -6.38 -7.14
N ASP A 40 -8.57 -5.74 -7.74
CA ASP A 40 -7.81 -6.36 -8.83
C ASP A 40 -7.34 -7.76 -8.43
N PHE A 41 -6.50 -7.82 -7.41
CA PHE A 41 -5.97 -9.10 -6.94
C PHE A 41 -7.01 -9.84 -6.09
N ASN A 42 -8.15 -9.18 -5.85
CA ASN A 42 -9.21 -9.77 -5.06
C ASN A 42 -8.68 -10.27 -3.72
N LEU A 43 -7.84 -9.46 -3.08
CA LEU A 43 -7.26 -9.83 -1.79
C LEU A 43 -8.35 -10.15 -0.77
N ASP A 44 -8.04 -11.01 0.19
CA ASP A 44 -8.98 -11.40 1.22
C ASP A 44 -8.92 -10.43 2.40
N SER A 45 -10.01 -10.35 3.14
CA SER A 45 -10.09 -9.46 4.30
C SER A 45 -8.94 -9.73 5.27
N LEU A 46 -8.44 -10.96 5.25
CA LEU A 46 -7.34 -11.35 6.13
C LEU A 46 -6.02 -10.73 5.66
N ASP A 47 -5.74 -10.86 4.37
CA ASP A 47 -4.52 -10.30 3.79
C ASP A 47 -4.43 -8.80 4.04
N PHE A 48 -5.51 -8.10 3.73
CA PHE A 48 -5.56 -6.65 3.91
C PHE A 48 -5.14 -6.27 5.33
N VAL A 49 -5.70 -6.97 6.31
CA VAL A 49 -5.39 -6.70 7.71
C VAL A 49 -3.88 -6.75 7.95
N ASP A 50 -3.26 -7.85 7.55
CA ASP A 50 -1.82 -8.02 7.73
C ASP A 50 -1.05 -6.95 6.95
N LEU A 51 -1.63 -6.48 5.85
CA LEU A 51 -1.00 -5.46 5.02
C LEU A 51 -0.95 -4.12 5.76
N ILE A 52 -2.12 -3.63 6.15
CA ILE A 52 -2.20 -2.36 6.86
C ILE A 52 -1.40 -2.40 8.16
N MET A 53 -1.44 -3.55 8.84
CA MET A 53 -0.72 -3.71 10.10
C MET A 53 0.78 -3.72 9.86
N SER A 54 1.21 -4.39 8.78
CA SER A 54 2.62 -4.48 8.44
C SER A 54 3.21 -3.10 8.18
N LEU A 55 2.57 -2.35 7.28
CA LEU A 55 3.03 -1.01 6.94
C LEU A 55 2.89 -0.07 8.14
N GLU A 56 1.82 -0.24 8.90
CA GLU A 56 1.58 0.58 10.08
C GLU A 56 2.74 0.50 11.05
N GLU A 57 3.13 -0.72 11.41
CA GLU A 57 4.24 -0.93 12.35
C GLU A 57 5.57 -0.59 11.68
N ARG A 58 5.65 -0.82 10.38
CA ARG A 58 6.87 -0.54 9.63
C ARG A 58 7.28 0.92 9.77
N PHE A 59 6.37 1.82 9.38
CA PHE A 59 6.64 3.25 9.46
C PHE A 59 6.08 3.84 10.75
N SER A 60 5.66 2.96 11.66
CA SER A 60 5.09 3.39 12.94
C SER A 60 3.97 4.41 12.71
N LEU A 61 3.29 4.29 11.58
CA LEU A 61 2.20 5.20 11.25
C LEU A 61 0.94 4.84 12.04
N GLU A 62 0.07 5.83 12.23
CA GLU A 62 -1.17 5.62 12.96
C GLU A 62 -2.37 5.55 12.02
N ILE A 63 -2.74 4.33 11.63
CA ILE A 63 -3.87 4.13 10.73
C ILE A 63 -5.11 3.67 11.50
N SER A 64 -6.25 4.27 11.17
CA SER A 64 -7.50 3.93 11.84
C SER A 64 -8.46 3.25 10.85
N ASP A 65 -9.45 2.55 11.39
CA ASP A 65 -10.43 1.85 10.57
C ASP A 65 -11.05 2.81 9.55
N GLU A 66 -11.27 4.05 9.96
CA GLU A 66 -11.86 5.05 9.08
C GLU A 66 -10.85 5.54 8.05
N ASP A 67 -9.57 5.51 8.44
CA ASP A 67 -8.50 5.95 7.54
C ASP A 67 -8.34 4.99 6.37
N ALA A 68 -8.45 3.69 6.65
CA ALA A 68 -8.32 2.68 5.61
C ALA A 68 -9.50 2.73 4.64
N GLN A 69 -10.61 3.29 5.10
CA GLN A 69 -11.80 3.40 4.28
C GLN A 69 -11.52 4.18 3.00
N LYS A 70 -10.47 5.00 3.03
CA LYS A 70 -10.09 5.80 1.88
C LYS A 70 -8.76 5.31 1.30
N LEU A 71 -8.33 4.13 1.73
CA LEU A 71 -7.08 3.56 1.24
C LEU A 71 -7.31 2.17 0.65
N GLU A 72 -7.46 2.11 -0.67
CA GLU A 72 -7.68 0.85 -1.37
C GLU A 72 -6.65 0.64 -2.46
N THR A 73 -6.29 1.72 -3.15
CA THR A 73 -5.31 1.66 -4.23
C THR A 73 -3.91 1.96 -3.72
N VAL A 74 -2.91 1.50 -4.45
CA VAL A 74 -1.51 1.73 -4.07
C VAL A 74 -1.22 3.22 -3.94
N ASP A 75 -1.56 3.98 -4.97
CA ASP A 75 -1.33 5.43 -4.96
C ASP A 75 -1.93 6.07 -3.71
N ASP A 76 -3.21 5.79 -3.47
CA ASP A 76 -3.90 6.34 -2.31
C ASP A 76 -3.17 5.98 -1.02
N ILE A 77 -2.87 4.70 -0.86
CA ILE A 77 -2.17 4.23 0.33
C ILE A 77 -0.84 4.95 0.51
N CYS A 78 0.00 4.90 -0.51
CA CYS A 78 1.30 5.55 -0.46
C CYS A 78 1.16 7.05 -0.19
N ARG A 79 0.09 7.63 -0.72
CA ARG A 79 -0.16 9.06 -0.54
C ARG A 79 -0.49 9.37 0.92
N TYR A 80 -1.27 8.51 1.55
CA TYR A 80 -1.65 8.69 2.95
C TYR A 80 -0.44 8.50 3.86
N ILE A 81 0.39 7.51 3.54
CA ILE A 81 1.58 7.23 4.34
C ILE A 81 2.66 8.28 4.10
N ALA A 82 2.75 8.76 2.87
CA ALA A 82 3.75 9.77 2.51
C ALA A 82 3.45 11.10 3.20
N SER A 83 2.19 11.53 3.11
CA SER A 83 1.77 12.79 3.71
C SER A 83 2.13 12.82 5.20
N LYS A 84 2.20 11.65 5.80
CA LYS A 84 2.53 11.53 7.22
C LYS A 84 4.04 11.63 7.44
N SER A 85 4.81 11.02 6.54
CA SER A 85 6.26 11.05 6.64
C SER A 85 6.81 12.38 6.17
N SER A 86 8.14 12.47 6.07
CA SER A 86 8.80 13.69 5.63
C SER A 86 9.60 13.45 4.35
N ASP A 87 9.18 12.46 3.57
CA ASP A 87 9.85 12.13 2.33
C ASP A 87 8.99 12.50 1.12
N ALA A 88 8.95 13.78 0.80
CA ALA A 88 8.16 14.26 -0.33
C ALA A 88 8.98 15.19 -1.22
N PRO A 1 5.54 13.87 -14.64
CA PRO A 1 6.52 14.91 -14.33
C PRO A 1 6.39 15.41 -12.90
N GLY A 2 7.39 15.11 -12.08
CA GLY A 2 7.37 15.55 -10.70
C GLY A 2 6.70 14.54 -9.78
N SER A 3 7.41 13.48 -9.44
CA SER A 3 6.87 12.44 -8.58
C SER A 3 6.73 12.94 -7.14
N MET A 4 5.54 13.42 -6.80
CA MET A 4 5.27 13.93 -5.47
C MET A 4 5.17 12.80 -4.46
N VAL A 5 4.73 11.64 -4.92
CA VAL A 5 4.60 10.47 -4.06
C VAL A 5 5.94 10.06 -3.46
N SER A 6 5.94 9.75 -2.17
CA SER A 6 7.17 9.36 -1.49
C SER A 6 7.72 8.05 -2.07
N GLU A 7 8.66 8.18 -3.00
CA GLU A 7 9.27 7.02 -3.63
C GLU A 7 9.86 6.08 -2.59
N GLU A 8 10.47 6.65 -1.55
CA GLU A 8 11.07 5.87 -0.48
C GLU A 8 10.07 4.88 0.10
N ILE A 9 8.90 5.40 0.49
CA ILE A 9 7.86 4.56 1.07
C ILE A 9 7.20 3.68 0.01
N LYS A 10 7.06 4.22 -1.19
CA LYS A 10 6.45 3.48 -2.30
C LYS A 10 7.12 2.13 -2.47
N ALA A 11 8.44 2.10 -2.33
CA ALA A 11 9.19 0.86 -2.47
C ALA A 11 8.91 -0.09 -1.30
N GLN A 12 8.64 0.49 -0.14
CA GLN A 12 8.37 -0.30 1.05
C GLN A 12 6.96 -0.89 1.00
N VAL A 13 5.99 -0.08 0.61
CA VAL A 13 4.60 -0.50 0.52
C VAL A 13 4.44 -1.57 -0.56
N MET A 14 5.10 -1.36 -1.70
CA MET A 14 5.02 -2.30 -2.80
C MET A 14 5.80 -3.58 -2.50
N GLU A 15 6.94 -3.43 -1.83
CA GLU A 15 7.77 -4.57 -1.47
C GLU A 15 7.06 -5.45 -0.44
N SER A 16 6.32 -4.82 0.46
CA SER A 16 5.61 -5.54 1.51
C SER A 16 4.38 -6.24 0.94
N VAL A 17 3.58 -5.49 0.18
CA VAL A 17 2.37 -6.04 -0.43
C VAL A 17 2.69 -7.25 -1.30
N ILE A 18 3.67 -7.10 -2.19
CA ILE A 18 4.07 -8.18 -3.07
C ILE A 18 4.27 -9.48 -2.29
N GLY A 19 5.05 -9.42 -1.22
CA GLY A 19 5.31 -10.59 -0.41
C GLY A 19 4.11 -10.96 0.45
N CYS A 20 3.27 -9.98 0.74
CA CYS A 20 2.09 -10.21 1.56
C CYS A 20 1.13 -11.20 0.89
N LEU A 21 0.82 -10.94 -0.37
CA LEU A 21 -0.09 -11.81 -1.12
C LEU A 21 0.69 -12.66 -2.12
N LYS A 22 2.02 -12.55 -2.09
CA LYS A 22 2.87 -13.31 -2.99
C LYS A 22 2.40 -13.17 -4.43
N LEU A 23 2.90 -12.15 -5.11
CA LEU A 23 2.53 -11.89 -6.50
C LEU A 23 3.48 -12.62 -7.46
N ASN A 24 3.16 -12.59 -8.74
CA ASN A 24 3.99 -13.23 -9.75
C ASN A 24 4.47 -12.23 -10.79
N ASP A 25 5.23 -12.70 -11.77
CA ASP A 25 5.74 -11.84 -12.83
C ASP A 25 4.61 -11.15 -13.57
N GLU A 26 3.50 -11.87 -13.75
CA GLU A 26 2.33 -11.32 -14.45
C GLU A 26 1.65 -10.27 -13.59
N GLN A 27 1.42 -10.60 -12.32
CA GLN A 27 0.75 -9.69 -11.41
C GLN A 27 1.56 -8.39 -11.24
N LYS A 28 2.88 -8.53 -11.23
CA LYS A 28 3.76 -7.38 -11.09
C LYS A 28 3.81 -6.56 -12.37
N GLN A 29 3.50 -7.20 -13.49
CA GLN A 29 3.50 -6.54 -14.79
C GLN A 29 2.15 -5.88 -15.06
N ILE A 30 1.09 -6.47 -14.52
CA ILE A 30 -0.27 -5.95 -14.70
C ILE A 30 -0.70 -5.12 -13.50
N LEU A 31 0.27 -4.62 -12.75
CA LEU A 31 -0.02 -3.81 -11.57
C LEU A 31 0.04 -2.32 -11.90
N SER A 32 -0.64 -1.52 -11.08
CA SER A 32 -0.66 -0.07 -11.29
C SER A 32 -1.09 0.65 -10.01
N GLY A 33 -0.76 1.93 -9.93
CA GLY A 33 -1.12 2.73 -8.76
C GLY A 33 -2.61 2.85 -8.59
N THR A 34 -3.33 2.97 -9.71
CA THR A 34 -4.78 3.11 -9.67
C THR A 34 -5.48 1.76 -9.85
N THR A 35 -4.90 0.72 -9.24
CA THR A 35 -5.46 -0.62 -9.33
C THR A 35 -5.79 -1.17 -7.95
N ASN A 36 -7.07 -1.23 -7.63
CA ASN A 36 -7.53 -1.74 -6.35
C ASN A 36 -7.00 -3.15 -6.10
N LEU A 37 -5.96 -3.26 -5.27
CA LEU A 37 -5.37 -4.55 -4.96
C LEU A 37 -6.35 -5.43 -4.19
N ALA A 38 -7.42 -4.83 -3.70
CA ALA A 38 -8.44 -5.56 -2.95
C ALA A 38 -9.39 -6.29 -3.89
N LYS A 39 -9.90 -5.57 -4.89
CA LYS A 39 -10.83 -6.15 -5.86
C LYS A 39 -10.07 -6.85 -6.98
N ASP A 40 -9.11 -6.14 -7.57
CA ASP A 40 -8.31 -6.70 -8.66
C ASP A 40 -7.75 -8.07 -8.28
N PHE A 41 -6.88 -8.09 -7.27
CA PHE A 41 -6.27 -9.33 -6.81
C PHE A 41 -7.24 -10.11 -5.92
N ASN A 42 -8.41 -9.53 -5.69
CA ASN A 42 -9.42 -10.18 -4.85
C ASN A 42 -8.84 -10.56 -3.49
N LEU A 43 -7.98 -9.70 -2.96
CA LEU A 43 -7.36 -9.96 -1.66
C LEU A 43 -8.40 -10.29 -0.61
N ASP A 44 -8.05 -11.19 0.31
CA ASP A 44 -8.96 -11.60 1.37
C ASP A 44 -8.91 -10.61 2.53
N SER A 45 -9.99 -10.56 3.31
CA SER A 45 -10.07 -9.66 4.45
C SER A 45 -8.89 -9.86 5.39
N LEU A 46 -8.33 -11.07 5.37
CA LEU A 46 -7.18 -11.38 6.23
C LEU A 46 -5.92 -10.71 5.72
N ASP A 47 -5.66 -10.85 4.41
CA ASP A 47 -4.48 -10.25 3.80
C ASP A 47 -4.45 -8.75 4.03
N PHE A 48 -5.56 -8.09 3.76
CA PHE A 48 -5.67 -6.65 3.95
C PHE A 48 -5.26 -6.24 5.36
N VAL A 49 -5.73 -7.01 6.34
CA VAL A 49 -5.41 -6.74 7.74
C VAL A 49 -3.91 -6.73 7.98
N ASP A 50 -3.24 -7.81 7.57
CA ASP A 50 -1.80 -7.93 7.73
C ASP A 50 -1.08 -6.84 6.95
N LEU A 51 -1.69 -6.40 5.85
CA LEU A 51 -1.10 -5.37 5.01
C LEU A 51 -1.02 -4.04 5.76
N ILE A 52 -2.18 -3.55 6.20
CA ILE A 52 -2.25 -2.29 6.93
C ILE A 52 -1.44 -2.36 8.22
N MET A 53 -1.51 -3.51 8.89
CA MET A 53 -0.78 -3.71 10.14
C MET A 53 0.72 -3.73 9.90
N SER A 54 1.13 -4.41 8.84
CA SER A 54 2.54 -4.52 8.49
C SER A 54 3.15 -3.14 8.23
N LEU A 55 2.52 -2.39 7.32
CA LEU A 55 2.98 -1.06 6.97
C LEU A 55 2.87 -0.11 8.16
N GLU A 56 1.81 -0.27 8.94
CA GLU A 56 1.60 0.56 10.11
C GLU A 56 2.78 0.47 11.08
N GLU A 57 3.14 -0.76 11.44
CA GLU A 57 4.24 -0.99 12.36
C GLU A 57 5.58 -0.68 11.69
N ARG A 58 5.64 -0.86 10.38
CA ARG A 58 6.86 -0.61 9.62
C ARG A 58 7.28 0.86 9.75
N PHE A 59 6.40 1.76 9.32
CA PHE A 59 6.68 3.18 9.39
C PHE A 59 6.14 3.79 10.69
N SER A 60 5.74 2.92 11.61
CA SER A 60 5.20 3.36 12.89
C SER A 60 4.08 4.38 12.69
N LEU A 61 3.37 4.26 11.57
CA LEU A 61 2.28 5.17 11.26
C LEU A 61 1.04 4.84 12.07
N GLU A 62 0.18 5.83 12.26
CA GLU A 62 -1.05 5.63 13.02
C GLU A 62 -2.27 5.56 12.09
N ILE A 63 -2.65 4.34 11.73
CA ILE A 63 -3.79 4.13 10.85
C ILE A 63 -5.02 3.68 11.63
N SER A 64 -6.17 4.25 11.29
CA SER A 64 -7.42 3.90 11.96
C SER A 64 -8.36 3.17 11.02
N ASP A 65 -9.57 2.89 11.50
CA ASP A 65 -10.56 2.18 10.70
C ASP A 65 -11.13 3.09 9.61
N GLU A 66 -11.23 4.38 9.92
CA GLU A 66 -11.75 5.35 8.96
C GLU A 66 -10.73 5.65 7.88
N ASP A 67 -9.47 5.79 8.27
CA ASP A 67 -8.39 6.08 7.33
C ASP A 67 -8.35 5.04 6.21
N ALA A 68 -8.35 3.77 6.61
CA ALA A 68 -8.31 2.67 5.64
C ALA A 68 -9.62 2.57 4.88
N GLN A 69 -10.69 3.10 5.48
CA GLN A 69 -12.01 3.06 4.85
C GLN A 69 -11.99 3.75 3.49
N LYS A 70 -11.01 4.62 3.29
CA LYS A 70 -10.87 5.35 2.04
C LYS A 70 -9.68 4.83 1.23
N LEU A 71 -8.78 4.12 1.90
CA LEU A 71 -7.60 3.56 1.25
C LEU A 71 -7.91 2.22 0.60
N GLU A 72 -8.20 2.24 -0.70
CA GLU A 72 -8.52 1.02 -1.43
C GLU A 72 -7.68 0.93 -2.71
N THR A 73 -6.69 1.80 -2.83
CA THR A 73 -5.82 1.80 -3.99
C THR A 73 -4.36 2.05 -3.60
N VAL A 74 -3.44 1.50 -4.39
CA VAL A 74 -2.02 1.66 -4.12
C VAL A 74 -1.64 3.13 -3.99
N ASP A 75 -1.96 3.91 -5.02
CA ASP A 75 -1.66 5.34 -5.02
C ASP A 75 -2.21 6.01 -3.76
N ASP A 76 -3.47 5.72 -3.44
CA ASP A 76 -4.12 6.29 -2.28
C ASP A 76 -3.37 5.91 -1.00
N ILE A 77 -3.11 4.62 -0.84
CA ILE A 77 -2.40 4.12 0.33
C ILE A 77 -1.05 4.82 0.50
N CYS A 78 -0.22 4.76 -0.54
CA CYS A 78 1.09 5.38 -0.51
C CYS A 78 0.97 6.88 -0.21
N ARG A 79 -0.01 7.52 -0.83
CA ARG A 79 -0.23 8.95 -0.64
C ARG A 79 -0.53 9.26 0.83
N TYR A 80 -1.31 8.40 1.46
CA TYR A 80 -1.66 8.59 2.86
C TYR A 80 -0.45 8.39 3.76
N ILE A 81 0.35 7.38 3.47
CA ILE A 81 1.54 7.09 4.25
C ILE A 81 2.61 8.15 4.04
N ALA A 82 2.69 8.66 2.82
CA ALA A 82 3.67 9.69 2.48
C ALA A 82 3.31 11.03 3.14
N SER A 83 2.04 11.40 3.04
CA SER A 83 1.58 12.66 3.61
C SER A 83 1.92 12.73 5.10
N LYS A 84 2.03 11.57 5.73
CA LYS A 84 2.36 11.49 7.15
C LYS A 84 3.85 11.65 7.37
N SER A 85 4.65 10.87 6.64
CA SER A 85 6.10 10.92 6.76
C SER A 85 6.61 12.34 6.59
N SER A 86 5.89 13.13 5.79
CA SER A 86 6.27 14.52 5.54
C SER A 86 6.00 15.39 6.76
N ASP A 87 4.93 15.07 7.47
CA ASP A 87 4.54 15.82 8.66
C ASP A 87 4.48 14.92 9.89
N ALA A 88 5.65 14.63 10.46
CA ALA A 88 5.74 13.78 11.64
C ALA A 88 5.20 14.49 12.87
N PRO A 1 1.55 21.05 -7.89
CA PRO A 1 2.21 20.02 -7.09
C PRO A 1 3.38 19.37 -7.84
N GLY A 2 4.07 18.46 -7.15
CA GLY A 2 5.19 17.78 -7.77
C GLY A 2 5.17 16.28 -7.53
N SER A 3 5.89 15.84 -6.52
CA SER A 3 5.96 14.42 -6.19
C SER A 3 5.31 14.14 -4.83
N MET A 4 4.00 14.31 -4.76
CA MET A 4 3.26 14.08 -3.53
C MET A 4 3.55 12.69 -2.96
N VAL A 5 3.60 11.70 -3.84
CA VAL A 5 3.87 10.32 -3.44
C VAL A 5 5.34 10.15 -3.05
N SER A 6 5.56 9.46 -1.94
CA SER A 6 6.92 9.22 -1.45
C SER A 6 7.52 7.99 -2.11
N GLU A 7 8.38 8.19 -3.10
CA GLU A 7 9.02 7.10 -3.80
C GLU A 7 9.70 6.14 -2.82
N GLU A 8 10.31 6.71 -1.78
CA GLU A 8 11.00 5.91 -0.77
C GLU A 8 10.05 4.88 -0.15
N ILE A 9 8.89 5.35 0.30
CA ILE A 9 7.91 4.47 0.90
C ILE A 9 7.22 3.60 -0.14
N LYS A 10 7.07 4.14 -1.34
CA LYS A 10 6.43 3.40 -2.44
C LYS A 10 7.08 2.04 -2.62
N ALA A 11 8.41 2.00 -2.50
CA ALA A 11 9.14 0.75 -2.64
C ALA A 11 8.88 -0.20 -1.47
N GLN A 12 8.64 0.39 -0.30
CA GLN A 12 8.37 -0.40 0.90
C GLN A 12 6.96 -0.97 0.86
N VAL A 13 6.00 -0.14 0.49
CA VAL A 13 4.60 -0.56 0.42
C VAL A 13 4.40 -1.63 -0.65
N MET A 14 5.05 -1.43 -1.80
CA MET A 14 4.95 -2.37 -2.91
C MET A 14 5.71 -3.65 -2.61
N GLU A 15 6.87 -3.50 -1.97
CA GLU A 15 7.69 -4.66 -1.62
C GLU A 15 7.01 -5.53 -0.57
N SER A 16 6.30 -4.90 0.35
CA SER A 16 5.60 -5.61 1.41
C SER A 16 4.33 -6.28 0.87
N VAL A 17 3.55 -5.52 0.11
CA VAL A 17 2.32 -6.02 -0.47
C VAL A 17 2.58 -7.25 -1.33
N ILE A 18 3.53 -7.13 -2.26
CA ILE A 18 3.88 -8.23 -3.14
C ILE A 18 4.10 -9.53 -2.35
N GLY A 19 4.91 -9.43 -1.30
CA GLY A 19 5.18 -10.59 -0.47
C GLY A 19 4.02 -10.96 0.43
N CYS A 20 3.17 -9.97 0.72
CA CYS A 20 2.02 -10.20 1.58
C CYS A 20 1.03 -11.18 0.93
N LEU A 21 0.69 -10.92 -0.32
CA LEU A 21 -0.23 -11.77 -1.05
C LEU A 21 0.50 -12.64 -2.07
N LYS A 22 1.82 -12.54 -2.07
CA LYS A 22 2.65 -13.32 -2.99
C LYS A 22 2.15 -13.18 -4.42
N LEU A 23 2.63 -12.16 -5.12
CA LEU A 23 2.22 -11.93 -6.50
C LEU A 23 3.13 -12.67 -7.47
N ASN A 24 2.59 -13.05 -8.61
CA ASN A 24 3.34 -13.77 -9.63
C ASN A 24 4.04 -12.80 -10.58
N ASP A 25 5.00 -13.31 -11.33
CA ASP A 25 5.74 -12.48 -12.29
C ASP A 25 4.79 -11.68 -13.17
N GLU A 26 3.67 -12.30 -13.55
CA GLU A 26 2.69 -11.65 -14.39
C GLU A 26 1.92 -10.57 -13.60
N GLN A 27 1.67 -10.85 -12.33
CA GLN A 27 0.95 -9.92 -11.48
C GLN A 27 1.77 -8.65 -11.25
N LYS A 28 3.08 -8.79 -11.25
CA LYS A 28 3.98 -7.65 -11.06
C LYS A 28 4.05 -6.79 -12.31
N GLN A 29 3.72 -7.38 -13.45
CA GLN A 29 3.74 -6.66 -14.72
C GLN A 29 2.41 -5.98 -14.99
N ILE A 30 1.33 -6.59 -14.50
CA ILE A 30 0.00 -6.06 -14.69
C ILE A 30 -0.43 -5.22 -13.48
N LEU A 31 0.55 -4.73 -12.74
CA LEU A 31 0.27 -3.92 -11.56
C LEU A 31 0.42 -2.42 -11.88
N SER A 32 -0.29 -1.59 -11.13
CA SER A 32 -0.24 -0.15 -11.33
C SER A 32 -0.62 0.59 -10.05
N GLY A 33 -0.08 1.79 -9.89
CA GLY A 33 -0.38 2.59 -8.70
C GLY A 33 -1.86 2.90 -8.58
N THR A 34 -2.53 3.09 -9.71
CA THR A 34 -3.95 3.41 -9.73
C THR A 34 -4.78 2.14 -9.92
N THR A 35 -4.36 1.05 -9.30
CA THR A 35 -5.07 -0.22 -9.42
C THR A 35 -5.35 -0.81 -8.04
N ASN A 36 -6.61 -0.77 -7.63
CA ASN A 36 -7.02 -1.31 -6.34
C ASN A 36 -6.56 -2.76 -6.18
N LEU A 37 -5.52 -2.95 -5.38
CA LEU A 37 -4.98 -4.29 -5.15
C LEU A 37 -5.99 -5.16 -4.39
N ALA A 38 -7.01 -4.52 -3.83
CA ALA A 38 -8.05 -5.23 -3.10
C ALA A 38 -9.06 -5.88 -4.04
N LYS A 39 -9.54 -5.10 -5.00
CA LYS A 39 -10.51 -5.59 -5.97
C LYS A 39 -9.82 -6.29 -7.14
N ASP A 40 -8.82 -5.62 -7.70
CA ASP A 40 -8.06 -6.17 -8.83
C ASP A 40 -7.57 -7.58 -8.51
N PHE A 41 -6.69 -7.70 -7.52
CA PHE A 41 -6.15 -8.99 -7.12
C PHE A 41 -7.15 -9.75 -6.25
N ASN A 42 -8.28 -9.12 -5.97
CA ASN A 42 -9.31 -9.73 -5.14
C ASN A 42 -8.73 -10.25 -3.83
N LEU A 43 -8.17 -9.34 -3.05
CA LEU A 43 -7.57 -9.70 -1.76
C LEU A 43 -8.65 -10.02 -0.73
N ASP A 44 -8.30 -10.87 0.24
CA ASP A 44 -9.24 -11.25 1.28
C ASP A 44 -9.09 -10.35 2.51
N SER A 45 -10.16 -10.24 3.29
CA SER A 45 -10.15 -9.41 4.48
C SER A 45 -8.99 -9.78 5.40
N LEU A 46 -8.55 -11.03 5.30
CA LEU A 46 -7.44 -11.51 6.12
C LEU A 46 -6.11 -10.93 5.65
N ASP A 47 -5.98 -10.76 4.35
CA ASP A 47 -4.75 -10.21 3.77
C ASP A 47 -4.68 -8.70 4.00
N PHE A 48 -5.79 -8.01 3.75
CA PHE A 48 -5.85 -6.56 3.92
C PHE A 48 -5.41 -6.17 5.33
N VAL A 49 -5.89 -6.91 6.32
CA VAL A 49 -5.55 -6.63 7.71
C VAL A 49 -4.03 -6.68 7.92
N ASP A 50 -3.42 -7.78 7.49
CA ASP A 50 -1.97 -7.94 7.64
C ASP A 50 -1.22 -6.87 6.85
N LEU A 51 -1.84 -6.40 5.76
CA LEU A 51 -1.23 -5.38 4.92
C LEU A 51 -1.11 -4.05 5.67
N ILE A 52 -2.24 -3.54 6.12
CA ILE A 52 -2.27 -2.29 6.86
C ILE A 52 -1.45 -2.38 8.14
N MET A 53 -1.53 -3.53 8.81
CA MET A 53 -0.79 -3.75 10.04
C MET A 53 0.71 -3.82 9.77
N SER A 54 1.09 -4.51 8.69
CA SER A 54 2.49 -4.65 8.33
C SER A 54 3.13 -3.29 8.07
N LEU A 55 2.51 -2.51 7.19
CA LEU A 55 3.02 -1.18 6.85
C LEU A 55 2.95 -0.25 8.05
N GLU A 56 1.88 -0.39 8.83
CA GLU A 56 1.70 0.44 10.03
C GLU A 56 2.88 0.32 10.97
N GLU A 57 3.23 -0.92 11.31
CA GLU A 57 4.35 -1.19 12.20
C GLU A 57 5.69 -0.89 11.52
N ARG A 58 5.73 -1.10 10.21
CA ARG A 58 6.94 -0.85 9.43
C ARG A 58 7.40 0.60 9.59
N PHE A 59 6.52 1.53 9.26
CA PHE A 59 6.83 2.95 9.35
C PHE A 59 6.32 3.53 10.67
N SER A 60 5.90 2.65 11.58
CA SER A 60 5.39 3.07 12.88
C SER A 60 4.29 4.13 12.71
N LEU A 61 3.58 4.06 11.59
CA LEU A 61 2.51 5.01 11.31
C LEU A 61 1.27 4.68 12.13
N GLU A 62 0.42 5.69 12.34
CA GLU A 62 -0.81 5.50 13.11
C GLU A 62 -2.02 5.46 12.18
N ILE A 63 -2.42 4.24 11.81
CA ILE A 63 -3.57 4.05 10.93
C ILE A 63 -4.79 3.60 11.72
N SER A 64 -5.92 4.25 11.46
CA SER A 64 -7.17 3.92 12.15
C SER A 64 -8.17 3.31 11.17
N ASP A 65 -9.14 2.57 11.71
CA ASP A 65 -10.17 1.94 10.90
C ASP A 65 -10.83 2.96 9.97
N GLU A 66 -10.96 4.19 10.46
CA GLU A 66 -11.57 5.26 9.67
C GLU A 66 -10.63 5.74 8.57
N ASP A 67 -9.34 5.69 8.85
CA ASP A 67 -8.33 6.12 7.87
C ASP A 67 -8.24 5.14 6.71
N ALA A 68 -8.34 3.86 7.02
CA ALA A 68 -8.28 2.82 5.99
C ALA A 68 -9.53 2.82 5.12
N GLN A 69 -10.62 3.37 5.66
CA GLN A 69 -11.88 3.44 4.93
C GLN A 69 -11.72 4.23 3.64
N LYS A 70 -10.68 5.05 3.58
CA LYS A 70 -10.42 5.87 2.39
C LYS A 70 -9.15 5.40 1.69
N LEU A 71 -8.68 4.21 2.06
CA LEU A 71 -7.47 3.65 1.45
C LEU A 71 -7.77 2.30 0.82
N GLU A 72 -7.52 2.19 -0.48
CA GLU A 72 -7.76 0.94 -1.21
C GLU A 72 -6.73 0.75 -2.31
N THR A 73 -6.50 1.81 -3.09
CA THR A 73 -5.54 1.76 -4.18
C THR A 73 -4.13 2.03 -3.68
N VAL A 74 -3.13 1.57 -4.44
CA VAL A 74 -1.73 1.77 -4.08
C VAL A 74 -1.42 3.25 -3.90
N ASP A 75 -1.78 4.05 -4.89
CA ASP A 75 -1.53 5.49 -4.85
C ASP A 75 -2.16 6.10 -3.60
N ASP A 76 -3.39 5.68 -3.29
CA ASP A 76 -4.10 6.19 -2.12
C ASP A 76 -3.37 5.83 -0.83
N ILE A 77 -3.03 4.55 -0.70
CA ILE A 77 -2.32 4.07 0.49
C ILE A 77 -0.97 4.74 0.64
N CYS A 78 -0.15 4.63 -0.40
CA CYS A 78 1.19 5.23 -0.40
C CYS A 78 1.10 6.72 -0.08
N ARG A 79 0.11 7.39 -0.66
CA ARG A 79 -0.07 8.82 -0.45
C ARG A 79 -0.33 9.12 1.03
N TYR A 80 -1.26 8.39 1.62
CA TYR A 80 -1.61 8.57 3.02
C TYR A 80 -0.39 8.35 3.92
N ILE A 81 0.41 7.34 3.58
CA ILE A 81 1.60 7.03 4.35
C ILE A 81 2.69 8.08 4.13
N ALA A 82 2.78 8.59 2.91
CA ALA A 82 3.77 9.59 2.56
C ALA A 82 3.44 10.93 3.23
N SER A 83 2.19 11.34 3.12
CA SER A 83 1.76 12.61 3.71
C SER A 83 2.10 12.67 5.20
N LYS A 84 2.17 11.50 5.82
CA LYS A 84 2.49 11.41 7.25
C LYS A 84 3.98 11.63 7.48
N SER A 85 4.80 10.95 6.69
CA SER A 85 6.26 11.06 6.81
C SER A 85 6.69 12.54 6.75
N SER A 86 6.24 13.24 5.71
CA SER A 86 6.60 14.64 5.54
C SER A 86 6.21 15.45 6.78
N ASP A 87 4.97 15.27 7.24
CA ASP A 87 4.49 15.98 8.41
C ASP A 87 5.40 15.74 9.62
N ALA A 88 5.76 14.48 9.82
CA ALA A 88 6.64 14.10 10.93
C ALA A 88 8.10 14.22 10.54
#